data_2LVB
#
_entry.id   2LVB
#
_entity_poly.entity_id   1
_entity_poly.type   'polypeptide(L)'
_entity_poly.pdbx_seq_one_letter_code
;MGKVLLVISTDTNIISSVQERAKHNYPGREIRTATSSQDIRDIIKSMKDNGKPLVVFVNGASQNDVNEFQNEAKKEGVSY
DVLKSTDPEELTQRVREFLKTAGSLEHHHHHH
;
_entity_poly.pdbx_strand_id   A
#
# COMPACT_ATOMS: atom_id res chain seq x y z
N MET A 1 3.90 -10.96 -9.06
CA MET A 1 3.00 -9.88 -9.52
C MET A 1 1.75 -9.82 -8.64
N GLY A 2 1.33 -8.60 -8.27
CA GLY A 2 0.18 -8.38 -7.42
C GLY A 2 -0.36 -6.95 -7.54
N LYS A 3 -0.81 -6.37 -6.40
CA LYS A 3 -1.35 -5.00 -6.36
C LYS A 3 -1.10 -4.39 -4.97
N VAL A 4 -0.97 -3.04 -4.93
CA VAL A 4 -0.62 -2.30 -3.71
C VAL A 4 -1.43 -0.98 -3.57
N LEU A 5 -1.69 -0.57 -2.32
CA LEU A 5 -2.32 0.72 -1.99
C LEU A 5 -1.25 1.64 -1.37
N LEU A 6 -0.94 2.74 -2.07
CA LEU A 6 0.03 3.74 -1.60
C LEU A 6 -0.71 4.77 -0.70
N VAL A 7 -0.73 4.50 0.60
CA VAL A 7 -1.31 5.41 1.62
C VAL A 7 -0.30 6.52 1.93
N ILE A 8 -0.62 7.76 1.53
CA ILE A 8 0.23 8.93 1.75
C ILE A 8 -0.45 9.90 2.73
N SER A 9 0.32 10.35 3.71
CA SER A 9 -0.08 11.37 4.68
C SER A 9 1.19 12.05 5.19
N THR A 10 1.05 13.32 5.59
CA THR A 10 2.13 14.08 6.21
C THR A 10 2.09 13.92 7.76
N ASP A 11 0.93 13.45 8.26
CA ASP A 11 0.69 13.21 9.69
C ASP A 11 1.11 11.78 10.06
N THR A 12 2.37 11.61 10.50
CA THR A 12 2.93 10.30 10.91
C THR A 12 2.23 9.73 12.15
N ASN A 13 1.62 10.60 12.96
CA ASN A 13 0.81 10.19 14.12
C ASN A 13 -0.48 9.46 13.66
N ILE A 14 -1.06 9.91 12.53
CA ILE A 14 -2.24 9.27 11.91
C ILE A 14 -1.83 7.97 11.20
N ILE A 15 -0.72 8.05 10.43
CA ILE A 15 -0.18 6.92 9.66
C ILE A 15 0.08 5.73 10.56
N SER A 16 0.88 5.96 11.63
CA SER A 16 1.25 4.95 12.61
C SER A 16 0.01 4.38 13.34
N SER A 17 -0.98 5.26 13.61
CA SER A 17 -2.21 4.88 14.34
C SER A 17 -3.02 3.86 13.53
N VAL A 18 -3.33 4.23 12.27
CA VAL A 18 -4.07 3.39 11.33
C VAL A 18 -3.29 2.11 10.98
N GLN A 19 -1.96 2.27 10.89
CA GLN A 19 -1.03 1.17 10.59
C GLN A 19 -1.09 0.10 11.69
N GLU A 20 -1.16 0.55 12.96
CA GLU A 20 -1.38 -0.35 14.11
C GLU A 20 -2.72 -1.07 13.95
N ARG A 21 -3.79 -0.27 13.76
CA ARG A 21 -5.17 -0.78 13.62
C ARG A 21 -5.28 -1.82 12.50
N ALA A 22 -4.56 -1.58 11.41
CA ALA A 22 -4.59 -2.42 10.21
C ALA A 22 -3.86 -3.75 10.44
N LYS A 23 -2.70 -3.68 11.11
CA LYS A 23 -1.86 -4.87 11.39
C LYS A 23 -2.46 -5.74 12.50
N HIS A 24 -3.13 -5.11 13.48
CA HIS A 24 -3.70 -5.82 14.65
C HIS A 24 -5.10 -6.37 14.33
N ASN A 25 -5.85 -5.67 13.46
CA ASN A 25 -7.20 -6.12 13.02
C ASN A 25 -7.05 -7.16 11.90
N TYR A 26 -6.01 -6.98 11.04
CA TYR A 26 -5.68 -7.90 9.94
C TYR A 26 -4.24 -8.43 10.14
N PRO A 27 -4.04 -9.43 11.08
CA PRO A 27 -2.70 -9.96 11.44
C PRO A 27 -2.14 -10.95 10.41
N GLY A 28 -3.03 -11.49 9.55
CA GLY A 28 -2.66 -12.41 8.48
C GLY A 28 -2.54 -11.71 7.15
N ARG A 29 -2.11 -10.43 7.18
CA ARG A 29 -1.89 -9.62 5.96
C ARG A 29 -0.47 -9.05 5.98
N GLU A 30 0.20 -9.12 4.82
CA GLU A 30 1.45 -8.43 4.57
C GLU A 30 1.13 -6.94 4.34
N ILE A 31 1.44 -6.11 5.32
CA ILE A 31 1.29 -4.64 5.25
C ILE A 31 2.70 -4.03 5.29
N ARG A 32 2.91 -2.91 4.58
CA ARG A 32 4.23 -2.25 4.46
C ARG A 32 4.18 -0.82 5.01
N THR A 33 5.37 -0.26 5.23
CA THR A 33 5.56 1.09 5.75
C THR A 33 6.90 1.66 5.22
N ALA A 34 6.82 2.64 4.31
CA ALA A 34 8.02 3.19 3.66
C ALA A 34 8.41 4.56 4.25
N THR A 35 9.71 4.75 4.43
CA THR A 35 10.30 6.06 4.78
C THR A 35 10.78 6.76 3.50
N SER A 36 11.48 6.01 2.62
CA SER A 36 12.09 6.53 1.40
C SER A 36 12.13 5.46 0.29
N SER A 37 12.79 5.81 -0.84
CA SER A 37 12.84 5.00 -2.07
C SER A 37 13.49 3.60 -1.87
N GLN A 38 14.34 3.47 -0.85
CA GLN A 38 14.95 2.19 -0.44
C GLN A 38 13.85 1.17 -0.11
N ASP A 39 12.92 1.59 0.77
CA ASP A 39 11.79 0.75 1.19
C ASP A 39 10.85 0.52 0.00
N ILE A 40 10.52 1.62 -0.70
CA ILE A 40 9.66 1.63 -1.91
C ILE A 40 10.03 0.49 -2.89
N ARG A 41 11.33 0.40 -3.22
CA ARG A 41 11.86 -0.61 -4.16
C ARG A 41 11.87 -2.02 -3.55
N ASP A 42 12.15 -2.10 -2.23
CA ASP A 42 12.10 -3.39 -1.47
C ASP A 42 10.65 -3.97 -1.46
N ILE A 43 9.65 -3.06 -1.49
CA ILE A 43 8.21 -3.40 -1.48
C ILE A 43 7.76 -3.96 -2.84
N ILE A 44 8.10 -3.23 -3.92
CA ILE A 44 7.75 -3.62 -5.30
C ILE A 44 8.47 -4.95 -5.67
N LYS A 45 9.68 -5.15 -5.09
CA LYS A 45 10.45 -6.40 -5.17
C LYS A 45 9.73 -7.55 -4.40
N SER A 46 9.13 -7.20 -3.25
CA SER A 46 8.31 -8.16 -2.44
C SER A 46 7.08 -8.65 -3.24
N MET A 47 6.61 -7.81 -4.19
CA MET A 47 5.50 -8.13 -5.09
C MET A 47 6.00 -9.03 -6.25
N LYS A 48 7.28 -8.84 -6.65
CA LYS A 48 7.94 -9.71 -7.65
C LYS A 48 8.13 -11.16 -7.16
N ASP A 49 8.44 -11.34 -5.85
CA ASP A 49 8.73 -12.68 -5.26
C ASP A 49 7.54 -13.65 -5.44
N ASN A 50 6.32 -13.13 -5.23
CA ASN A 50 5.07 -13.86 -5.55
C ASN A 50 4.01 -12.84 -5.98
N GLY A 51 3.68 -11.93 -5.06
CA GLY A 51 2.68 -10.88 -5.30
C GLY A 51 1.49 -11.00 -4.38
N LYS A 52 1.42 -10.11 -3.39
CA LYS A 52 0.33 -10.08 -2.38
C LYS A 52 -0.33 -8.68 -2.37
N PRO A 53 -1.60 -8.56 -1.85
CA PRO A 53 -2.21 -7.24 -1.53
C PRO A 53 -1.42 -6.50 -0.42
N LEU A 54 -0.53 -5.59 -0.84
CA LEU A 54 0.26 -4.76 0.10
C LEU A 54 -0.42 -3.41 0.32
N VAL A 55 -0.29 -2.86 1.53
CA VAL A 55 -0.76 -1.51 1.86
C VAL A 55 0.45 -0.72 2.39
N VAL A 56 1.04 0.15 1.54
CA VAL A 56 2.22 0.96 1.92
C VAL A 56 1.81 2.27 2.61
N PHE A 57 1.98 2.30 3.93
CA PHE A 57 1.92 3.54 4.70
C PHE A 57 3.27 4.26 4.59
N VAL A 58 3.34 5.37 3.82
CA VAL A 58 4.57 6.17 3.74
C VAL A 58 4.57 7.19 4.91
N ASN A 59 5.50 7.02 5.86
CA ASN A 59 5.66 7.91 7.02
C ASN A 59 6.21 9.27 6.57
N GLY A 60 5.33 10.11 5.99
CA GLY A 60 5.68 11.43 5.49
C GLY A 60 6.83 11.42 4.49
N ALA A 61 6.82 10.44 3.56
CA ALA A 61 7.85 10.32 2.51
C ALA A 61 7.74 11.50 1.53
N SER A 62 8.89 11.96 1.03
CA SER A 62 8.97 13.08 0.10
C SER A 62 8.25 12.75 -1.22
N GLN A 63 7.81 13.79 -1.95
CA GLN A 63 7.15 13.63 -3.27
C GLN A 63 8.10 12.94 -4.25
N ASN A 64 9.43 13.09 -4.02
CA ASN A 64 10.47 12.36 -4.75
C ASN A 64 10.25 10.85 -4.64
N ASP A 65 10.08 10.35 -3.39
CA ASP A 65 9.88 8.90 -3.11
C ASP A 65 8.54 8.40 -3.69
N VAL A 66 7.53 9.29 -3.71
CA VAL A 66 6.22 9.02 -4.33
C VAL A 66 6.38 8.82 -5.85
N ASN A 67 7.18 9.69 -6.46
CA ASN A 67 7.50 9.63 -7.91
C ASN A 67 8.27 8.35 -8.21
N GLU A 68 9.24 7.99 -7.33
CA GLU A 68 10.02 6.75 -7.44
C GLU A 68 9.10 5.53 -7.41
N PHE A 69 8.10 5.55 -6.52
CA PHE A 69 7.11 4.46 -6.37
C PHE A 69 6.36 4.23 -7.68
N GLN A 70 5.83 5.33 -8.22
CA GLN A 70 5.04 5.33 -9.45
C GLN A 70 5.88 4.80 -10.62
N ASN A 71 7.10 5.35 -10.78
CA ASN A 71 8.04 5.02 -11.87
C ASN A 71 8.46 3.53 -11.82
N GLU A 72 8.94 3.10 -10.63
CA GLU A 72 9.46 1.73 -10.42
C GLU A 72 8.36 0.67 -10.60
N ALA A 73 7.10 1.04 -10.32
CA ALA A 73 5.95 0.13 -10.48
C ALA A 73 5.54 0.03 -11.98
N LYS A 74 5.31 1.19 -12.63
CA LYS A 74 4.72 1.24 -14.01
C LYS A 74 5.69 0.72 -15.08
N LYS A 75 7.02 0.91 -14.85
CA LYS A 75 8.06 0.43 -15.80
C LYS A 75 8.10 -1.12 -15.83
N GLU A 76 7.73 -1.73 -14.69
CA GLU A 76 7.71 -3.19 -14.51
C GLU A 76 6.33 -3.77 -14.86
N GLY A 77 5.31 -2.88 -14.89
CA GLY A 77 3.92 -3.27 -15.19
C GLY A 77 3.11 -3.58 -13.92
N VAL A 78 3.72 -3.37 -12.75
CA VAL A 78 3.09 -3.60 -11.44
C VAL A 78 1.87 -2.68 -11.27
N SER A 79 0.72 -3.30 -10.94
CA SER A 79 -0.54 -2.60 -10.70
C SER A 79 -0.52 -1.95 -9.31
N TYR A 80 -0.80 -0.65 -9.27
CA TYR A 80 -0.77 0.14 -8.03
C TYR A 80 -1.91 1.17 -8.01
N ASP A 81 -2.32 1.51 -6.80
CA ASP A 81 -3.27 2.59 -6.51
C ASP A 81 -2.56 3.60 -5.60
N VAL A 82 -2.91 4.89 -5.74
CA VAL A 82 -2.32 5.97 -4.93
C VAL A 82 -3.44 6.70 -4.17
N LEU A 83 -3.17 7.01 -2.89
CA LEU A 83 -4.11 7.64 -1.97
C LEU A 83 -3.38 8.75 -1.20
N LYS A 84 -3.94 9.97 -1.16
CA LYS A 84 -3.44 11.09 -0.34
C LYS A 84 -4.56 11.55 0.60
N SER A 85 -4.47 11.14 1.88
CA SER A 85 -5.46 11.47 2.92
C SER A 85 -4.78 11.40 4.30
N THR A 86 -5.09 12.36 5.19
CA THR A 86 -4.55 12.41 6.56
C THR A 86 -5.66 12.09 7.59
N ASP A 87 -6.83 11.67 7.08
CA ASP A 87 -8.01 11.32 7.90
C ASP A 87 -7.86 9.87 8.38
N PRO A 88 -7.78 9.61 9.74
CA PRO A 88 -7.61 8.25 10.28
C PRO A 88 -8.72 7.28 9.83
N GLU A 89 -9.99 7.74 9.84
CA GLU A 89 -11.14 6.91 9.45
C GLU A 89 -11.04 6.50 7.96
N GLU A 90 -10.56 7.45 7.11
CA GLU A 90 -10.42 7.23 5.67
C GLU A 90 -9.45 6.08 5.43
N LEU A 91 -8.22 6.24 5.97
CA LEU A 91 -7.11 5.30 5.76
C LEU A 91 -7.47 3.89 6.30
N THR A 92 -8.16 3.84 7.45
CA THR A 92 -8.58 2.57 8.11
C THR A 92 -9.52 1.76 7.20
N GLN A 93 -10.54 2.42 6.63
CA GLN A 93 -11.53 1.75 5.78
C GLN A 93 -10.94 1.48 4.37
N ARG A 94 -9.92 2.28 3.95
CA ARG A 94 -9.24 2.08 2.66
C ARG A 94 -8.41 0.79 2.65
N VAL A 95 -7.86 0.39 3.84
CA VAL A 95 -7.13 -0.88 3.99
C VAL A 95 -8.05 -2.07 3.65
N ARG A 96 -9.19 -2.18 4.36
CA ARG A 96 -10.13 -3.32 4.19
C ARG A 96 -10.77 -3.34 2.80
N GLU A 97 -11.10 -2.15 2.25
CA GLU A 97 -11.69 -2.03 0.91
C GLU A 97 -10.71 -2.52 -0.16
N PHE A 98 -9.42 -2.16 0.04
CA PHE A 98 -8.33 -2.59 -0.83
C PHE A 98 -8.17 -4.11 -0.79
N LEU A 99 -8.09 -4.67 0.43
CA LEU A 99 -7.85 -6.12 0.63
C LEU A 99 -8.99 -6.95 0.03
N LYS A 100 -10.22 -6.42 0.13
CA LYS A 100 -11.43 -7.07 -0.39
C LYS A 100 -11.42 -7.10 -1.93
N THR A 101 -11.05 -5.98 -2.58
CA THR A 101 -11.03 -5.91 -4.07
C THR A 101 -9.79 -6.62 -4.65
N ALA A 102 -8.72 -6.68 -3.86
CA ALA A 102 -7.47 -7.35 -4.23
C ALA A 102 -7.56 -8.88 -3.97
N GLY A 103 -8.46 -9.25 -3.03
CA GLY A 103 -8.67 -10.64 -2.66
C GLY A 103 -9.69 -11.31 -3.56
N SER A 104 -10.94 -10.79 -3.55
CA SER A 104 -12.04 -11.36 -4.33
C SER A 104 -13.21 -10.36 -4.49
N LEU A 105 -13.17 -9.57 -5.58
CA LEU A 105 -14.32 -8.78 -6.09
C LEU A 105 -14.34 -8.88 -7.63
N GLU A 106 -15.41 -8.33 -8.25
CA GLU A 106 -15.63 -8.45 -9.70
C GLU A 106 -14.78 -7.44 -10.49
N HIS A 107 -14.77 -6.18 -10.05
CA HIS A 107 -13.97 -5.12 -10.69
C HIS A 107 -12.50 -5.30 -10.28
N HIS A 108 -11.65 -5.60 -11.28
CA HIS A 108 -10.21 -5.62 -11.11
C HIS A 108 -9.75 -4.18 -10.91
N HIS A 109 -9.53 -3.81 -9.65
CA HIS A 109 -9.06 -2.49 -9.25
C HIS A 109 -7.68 -2.22 -9.87
N HIS A 110 -7.61 -1.22 -10.76
CA HIS A 110 -6.38 -0.89 -11.47
C HIS A 110 -6.39 0.62 -11.77
N HIS A 111 -5.89 1.40 -10.80
CA HIS A 111 -5.86 2.87 -10.88
C HIS A 111 -4.88 3.32 -11.97
N HIS A 112 -3.70 2.69 -12.01
CA HIS A 112 -2.68 2.93 -13.04
C HIS A 112 -1.92 1.62 -13.32
N MET A 1 -5.73 -9.63 -7.56
CA MET A 1 -4.44 -9.35 -6.89
C MET A 1 -3.56 -8.44 -7.77
N GLY A 2 -2.23 -8.46 -7.56
CA GLY A 2 -1.28 -7.80 -8.46
C GLY A 2 -1.07 -6.33 -8.19
N LYS A 3 -1.52 -5.83 -7.02
CA LYS A 3 -1.40 -4.40 -6.68
C LYS A 3 -1.09 -4.14 -5.20
N VAL A 4 -0.85 -2.85 -4.91
CA VAL A 4 -0.43 -2.36 -3.59
C VAL A 4 -1.13 -1.01 -3.29
N LEU A 5 -1.46 -0.77 -2.01
CA LEU A 5 -2.12 0.46 -1.57
C LEU A 5 -1.08 1.41 -0.98
N LEU A 6 -0.64 2.37 -1.79
CA LEU A 6 0.28 3.42 -1.37
C LEU A 6 -0.50 4.45 -0.50
N VAL A 7 -0.50 4.19 0.83
CA VAL A 7 -1.16 5.06 1.83
C VAL A 7 -0.22 6.23 2.17
N ILE A 8 -0.59 7.42 1.68
CA ILE A 8 0.20 8.64 1.83
C ILE A 8 -0.53 9.62 2.73
N SER A 9 0.14 10.03 3.80
CA SER A 9 -0.26 11.12 4.67
C SER A 9 0.99 11.93 4.98
N THR A 10 0.84 13.26 5.04
CA THR A 10 1.92 14.17 5.43
C THR A 10 2.05 14.22 6.96
N ASP A 11 0.96 13.80 7.65
CA ASP A 11 0.90 13.75 9.12
C ASP A 11 1.28 12.32 9.59
N THR A 12 2.39 12.24 10.34
CA THR A 12 2.98 10.96 10.79
C THR A 12 2.14 10.26 11.89
N ASN A 13 1.38 11.08 12.65
CA ASN A 13 0.54 10.60 13.77
C ASN A 13 -0.65 9.79 13.22
N ILE A 14 -1.22 10.28 12.09
CA ILE A 14 -2.34 9.58 11.40
C ILE A 14 -1.86 8.24 10.83
N ILE A 15 -0.66 8.26 10.18
CA ILE A 15 -0.01 7.04 9.65
C ILE A 15 0.17 6.00 10.76
N SER A 16 0.67 6.47 11.92
CA SER A 16 0.94 5.61 13.09
C SER A 16 -0.37 5.00 13.65
N SER A 17 -1.46 5.80 13.63
CA SER A 17 -2.79 5.35 14.09
C SER A 17 -3.30 4.20 13.21
N VAL A 18 -3.42 4.49 11.89
CA VAL A 18 -4.03 3.57 10.92
C VAL A 18 -3.19 2.31 10.72
N GLN A 19 -1.86 2.47 10.71
CA GLN A 19 -0.90 1.38 10.43
C GLN A 19 -0.99 0.28 11.49
N GLU A 20 -0.85 0.68 12.77
CA GLU A 20 -0.84 -0.27 13.90
C GLU A 20 -2.24 -0.88 14.10
N ARG A 21 -3.29 -0.09 13.85
CA ARG A 21 -4.68 -0.58 13.91
C ARG A 21 -4.95 -1.55 12.75
N ALA A 22 -4.34 -1.31 11.57
CA ALA A 22 -4.53 -2.17 10.39
C ALA A 22 -3.92 -3.56 10.63
N LYS A 23 -2.67 -3.54 11.14
CA LYS A 23 -1.87 -4.74 11.43
C LYS A 23 -2.55 -5.63 12.51
N HIS A 24 -3.18 -4.99 13.51
CA HIS A 24 -3.82 -5.71 14.64
C HIS A 24 -5.28 -6.11 14.34
N ASN A 25 -6.10 -5.11 13.96
CA ASN A 25 -7.55 -5.29 13.70
C ASN A 25 -7.80 -6.33 12.59
N TYR A 26 -7.05 -6.19 11.49
CA TYR A 26 -7.15 -7.10 10.34
C TYR A 26 -6.13 -8.25 10.54
N PRO A 27 -6.56 -9.55 10.43
CA PRO A 27 -5.77 -10.72 10.89
C PRO A 27 -4.49 -10.98 10.05
N GLY A 28 -3.38 -10.34 10.49
CA GLY A 28 -2.04 -10.56 9.92
C GLY A 28 -1.99 -10.35 8.42
N ARG A 29 -2.52 -9.22 7.97
CA ARG A 29 -2.66 -8.91 6.53
C ARG A 29 -1.32 -8.53 5.89
N GLU A 30 -1.31 -8.53 4.55
CA GLU A 30 -0.13 -8.22 3.75
C GLU A 30 0.07 -6.71 3.72
N ILE A 31 0.76 -6.19 4.75
CA ILE A 31 0.98 -4.75 4.95
C ILE A 31 2.49 -4.48 5.03
N ARG A 32 2.93 -3.48 4.28
CA ARG A 32 4.33 -3.00 4.27
C ARG A 32 4.40 -1.59 4.85
N THR A 33 5.64 -1.10 5.02
CA THR A 33 5.92 0.24 5.55
C THR A 33 7.18 0.78 4.86
N ALA A 34 7.16 2.08 4.49
CA ALA A 34 8.28 2.73 3.79
C ALA A 34 8.57 4.09 4.41
N THR A 35 9.83 4.32 4.81
CA THR A 35 10.29 5.63 5.29
C THR A 35 10.80 6.47 4.11
N SER A 36 11.60 5.83 3.24
CA SER A 36 12.31 6.51 2.15
C SER A 36 12.48 5.59 0.92
N SER A 37 13.22 6.09 -0.10
CA SER A 37 13.38 5.46 -1.42
C SER A 37 14.00 4.06 -1.36
N GLN A 38 14.82 3.80 -0.33
CA GLN A 38 15.39 2.47 -0.05
C GLN A 38 14.28 1.42 0.11
N ASP A 39 13.30 1.77 0.96
CA ASP A 39 12.14 0.91 1.27
C ASP A 39 11.23 0.78 0.03
N ILE A 40 10.96 1.94 -0.60
CA ILE A 40 10.18 2.06 -1.86
C ILE A 40 10.65 1.02 -2.91
N ARG A 41 11.96 1.03 -3.18
CA ARG A 41 12.60 0.14 -4.17
C ARG A 41 12.55 -1.33 -3.73
N ASP A 42 12.77 -1.55 -2.42
CA ASP A 42 12.85 -2.89 -1.82
C ASP A 42 11.49 -3.64 -1.85
N ILE A 43 10.40 -2.88 -1.66
CA ILE A 43 9.02 -3.40 -1.64
C ILE A 43 8.56 -3.77 -3.06
N ILE A 44 8.87 -2.90 -4.05
CA ILE A 44 8.60 -3.17 -5.48
C ILE A 44 9.41 -4.41 -5.94
N LYS A 45 10.64 -4.54 -5.41
CA LYS A 45 11.54 -5.67 -5.68
C LYS A 45 10.95 -6.97 -5.05
N SER A 46 10.28 -6.82 -3.88
CA SER A 46 9.58 -7.93 -3.22
C SER A 46 8.33 -8.37 -4.04
N MET A 47 7.68 -7.37 -4.69
CA MET A 47 6.52 -7.58 -5.58
C MET A 47 6.96 -8.13 -6.96
N LYS A 48 8.25 -7.97 -7.28
CA LYS A 48 8.86 -8.58 -8.48
C LYS A 48 8.89 -10.11 -8.35
N ASP A 49 9.08 -10.60 -7.10
CA ASP A 49 8.99 -12.02 -6.79
C ASP A 49 7.53 -12.46 -6.80
N ASN A 50 6.70 -11.74 -6.02
CA ASN A 50 5.26 -12.06 -5.86
C ASN A 50 4.43 -10.76 -5.76
N GLY A 51 3.77 -10.38 -6.89
CA GLY A 51 2.87 -9.23 -6.95
C GLY A 51 1.54 -9.53 -6.28
N LYS A 52 1.51 -9.38 -4.95
CA LYS A 52 0.35 -9.75 -4.10
C LYS A 52 -0.28 -8.48 -3.47
N PRO A 53 -1.55 -8.52 -2.92
CA PRO A 53 -2.25 -7.33 -2.38
C PRO A 53 -1.56 -6.76 -1.11
N LEU A 54 -0.65 -5.80 -1.32
CA LEU A 54 0.09 -5.16 -0.22
C LEU A 54 -0.52 -3.80 0.13
N VAL A 55 -0.19 -3.27 1.31
CA VAL A 55 -0.60 -1.93 1.75
C VAL A 55 0.63 -1.22 2.34
N VAL A 56 1.28 -0.33 1.55
CA VAL A 56 2.47 0.43 1.99
C VAL A 56 2.08 1.76 2.65
N PHE A 57 2.28 1.86 3.96
CA PHE A 57 2.20 3.14 4.68
C PHE A 57 3.54 3.87 4.56
N VAL A 58 3.56 4.96 3.76
CA VAL A 58 4.76 5.81 3.63
C VAL A 58 4.76 6.87 4.75
N ASN A 59 5.68 6.69 5.71
CA ASN A 59 5.88 7.62 6.83
C ASN A 59 6.53 8.93 6.35
N GLY A 60 5.65 9.82 5.83
CA GLY A 60 6.04 11.14 5.33
C GLY A 60 7.16 11.08 4.29
N ALA A 61 7.11 10.05 3.42
CA ALA A 61 8.11 9.87 2.36
C ALA A 61 8.03 11.01 1.36
N SER A 62 9.20 11.54 0.96
CA SER A 62 9.32 12.71 0.08
C SER A 62 8.67 12.44 -1.29
N GLN A 63 8.28 13.53 -1.98
CA GLN A 63 7.51 13.46 -3.25
C GLN A 63 8.27 12.64 -4.32
N ASN A 64 9.61 12.78 -4.34
CA ASN A 64 10.51 12.01 -5.25
C ASN A 64 10.33 10.50 -5.02
N ASP A 65 10.34 10.11 -3.75
CA ASP A 65 10.30 8.70 -3.29
C ASP A 65 8.95 8.06 -3.64
N VAL A 66 7.88 8.86 -3.46
CA VAL A 66 6.51 8.50 -3.85
C VAL A 66 6.42 8.29 -5.37
N ASN A 67 7.07 9.21 -6.13
CA ASN A 67 7.12 9.14 -7.60
C ASN A 67 7.96 7.93 -8.07
N GLU A 68 8.96 7.55 -7.26
CA GLU A 68 9.78 6.35 -7.51
C GLU A 68 8.94 5.09 -7.35
N PHE A 69 8.01 5.12 -6.37
CA PHE A 69 7.09 4.00 -6.12
C PHE A 69 6.14 3.82 -7.31
N GLN A 70 5.51 4.93 -7.73
CA GLN A 70 4.51 4.95 -8.80
C GLN A 70 5.14 4.55 -10.16
N ASN A 71 6.21 5.27 -10.54
CA ASN A 71 6.87 5.10 -11.85
C ASN A 71 7.53 3.73 -11.98
N GLU A 72 8.28 3.27 -10.94
CA GLU A 72 8.94 1.94 -11.00
C GLU A 72 7.91 0.81 -11.03
N ALA A 73 6.82 0.92 -10.23
CA ALA A 73 5.78 -0.11 -10.18
C ALA A 73 5.17 -0.34 -11.58
N LYS A 74 4.64 0.74 -12.21
CA LYS A 74 3.99 0.66 -13.54
C LYS A 74 5.00 0.21 -14.63
N LYS A 75 6.28 0.58 -14.45
CA LYS A 75 7.38 0.20 -15.36
C LYS A 75 7.74 -1.29 -15.21
N GLU A 76 7.50 -1.84 -14.02
CA GLU A 76 7.78 -3.25 -13.71
C GLU A 76 6.53 -4.14 -13.86
N GLY A 77 5.42 -3.54 -14.37
CA GLY A 77 4.16 -4.24 -14.59
C GLY A 77 3.32 -4.40 -13.31
N VAL A 78 3.89 -3.95 -12.19
CA VAL A 78 3.26 -4.00 -10.86
C VAL A 78 2.20 -2.88 -10.78
N SER A 79 0.93 -3.26 -10.61
CA SER A 79 -0.15 -2.29 -10.42
C SER A 79 -0.05 -1.71 -9.00
N TYR A 80 -0.58 -0.49 -8.81
CA TYR A 80 -0.64 0.16 -7.50
C TYR A 80 -1.93 0.97 -7.39
N ASP A 81 -2.16 1.49 -6.18
CA ASP A 81 -3.38 2.23 -5.85
C ASP A 81 -2.97 3.35 -4.87
N VAL A 82 -3.24 4.60 -5.24
CA VAL A 82 -2.80 5.77 -4.46
C VAL A 82 -3.94 6.25 -3.53
N LEU A 83 -3.72 6.07 -2.23
CA LEU A 83 -4.61 6.55 -1.17
C LEU A 83 -3.97 7.80 -0.53
N LYS A 84 -4.51 8.98 -0.87
CA LYS A 84 -3.98 10.28 -0.39
C LYS A 84 -4.98 10.92 0.59
N SER A 85 -4.66 10.90 1.91
CA SER A 85 -5.52 11.50 2.96
C SER A 85 -4.81 11.50 4.32
N THR A 86 -5.28 12.41 5.20
CA THR A 86 -4.80 12.55 6.60
C THR A 86 -5.95 12.25 7.60
N ASP A 87 -6.99 11.53 7.12
CA ASP A 87 -8.15 11.11 7.95
C ASP A 87 -7.91 9.67 8.49
N PRO A 88 -7.85 9.45 9.86
CA PRO A 88 -7.53 8.13 10.46
C PRO A 88 -8.53 7.03 10.03
N GLU A 89 -9.81 7.28 10.30
CA GLU A 89 -10.90 6.31 10.06
C GLU A 89 -11.12 6.05 8.55
N GLU A 90 -10.84 7.06 7.70
CA GLU A 90 -11.00 6.92 6.23
C GLU A 90 -9.91 6.02 5.66
N LEU A 91 -8.65 6.27 6.07
CA LEU A 91 -7.50 5.44 5.66
C LEU A 91 -7.71 3.97 6.09
N THR A 92 -8.28 3.77 7.31
CA THR A 92 -8.53 2.43 7.90
C THR A 92 -9.57 1.63 7.06
N GLN A 93 -10.72 2.28 6.75
CA GLN A 93 -11.80 1.63 5.99
C GLN A 93 -11.38 1.43 4.53
N ARG A 94 -10.42 2.24 4.05
CA ARG A 94 -9.91 2.13 2.68
C ARG A 94 -8.89 0.97 2.58
N VAL A 95 -8.24 0.61 3.72
CA VAL A 95 -7.38 -0.59 3.80
C VAL A 95 -8.24 -1.85 3.61
N ARG A 96 -9.40 -1.94 4.31
CA ARG A 96 -10.29 -3.12 4.19
C ARG A 96 -10.94 -3.22 2.81
N GLU A 97 -11.37 -2.06 2.26
CA GLU A 97 -12.00 -1.99 0.92
C GLU A 97 -10.99 -2.37 -0.17
N PHE A 98 -9.70 -2.02 0.05
CA PHE A 98 -8.61 -2.42 -0.85
C PHE A 98 -8.47 -3.94 -0.85
N LEU A 99 -8.20 -4.52 0.34
CA LEU A 99 -7.98 -5.97 0.54
C LEU A 99 -9.17 -6.81 0.04
N LYS A 100 -10.37 -6.20 0.13
CA LYS A 100 -11.65 -6.79 -0.27
C LYS A 100 -11.72 -6.92 -1.80
N THR A 101 -11.48 -5.80 -2.50
CA THR A 101 -11.61 -5.72 -3.95
C THR A 101 -10.35 -6.25 -4.68
N ALA A 102 -9.22 -6.35 -3.94
CA ALA A 102 -7.95 -6.89 -4.45
C ALA A 102 -8.04 -8.41 -4.67
N GLY A 103 -9.05 -9.04 -4.04
CA GLY A 103 -9.39 -10.45 -4.32
C GLY A 103 -9.94 -10.68 -5.73
N SER A 104 -10.12 -9.59 -6.50
CA SER A 104 -10.50 -9.61 -7.92
C SER A 104 -9.38 -8.95 -8.77
N LEU A 105 -9.63 -8.82 -10.09
CA LEU A 105 -8.77 -8.04 -11.00
C LEU A 105 -9.16 -6.56 -10.90
N GLU A 106 -8.76 -5.93 -9.77
CA GLU A 106 -9.03 -4.51 -9.53
C GLU A 106 -8.09 -3.65 -10.39
N HIS A 107 -8.68 -2.80 -11.25
CA HIS A 107 -7.95 -1.93 -12.20
C HIS A 107 -8.04 -0.45 -11.79
N HIS A 108 -8.31 -0.21 -10.49
CA HIS A 108 -8.27 1.14 -9.89
C HIS A 108 -6.81 1.65 -9.89
N HIS A 109 -6.42 2.27 -10.99
CA HIS A 109 -5.04 2.69 -11.27
C HIS A 109 -5.03 3.61 -12.50
N HIS A 110 -4.21 4.66 -12.44
CA HIS A 110 -3.94 5.57 -13.56
C HIS A 110 -2.42 5.69 -13.80
N HIS A 111 -2.05 6.48 -14.83
CA HIS A 111 -0.65 6.59 -15.33
C HIS A 111 0.32 7.14 -14.26
N HIS A 112 -0.25 7.84 -13.26
CA HIS A 112 0.48 8.34 -12.09
C HIS A 112 -0.46 8.28 -10.87
N MET A 1 -3.32 -9.35 -7.55
CA MET A 1 -2.12 -9.90 -8.25
C MET A 1 -1.16 -8.75 -8.57
N GLY A 2 -0.09 -8.60 -7.74
CA GLY A 2 0.92 -7.55 -7.93
C GLY A 2 0.31 -6.14 -7.90
N LYS A 3 -0.50 -5.89 -6.87
CA LYS A 3 -1.29 -4.64 -6.74
C LYS A 3 -1.04 -4.05 -5.35
N VAL A 4 -0.93 -2.72 -5.27
CA VAL A 4 -0.52 -2.04 -4.03
C VAL A 4 -1.31 -0.75 -3.82
N LEU A 5 -1.60 -0.43 -2.55
CA LEU A 5 -2.28 0.82 -2.16
C LEU A 5 -1.23 1.77 -1.56
N LEU A 6 -0.81 2.76 -2.35
CA LEU A 6 0.10 3.82 -1.91
C LEU A 6 -0.67 4.82 -1.02
N VAL A 7 -0.61 4.60 0.30
CA VAL A 7 -1.20 5.50 1.31
C VAL A 7 -0.21 6.64 1.61
N ILE A 8 -0.53 7.84 1.12
CA ILE A 8 0.22 9.07 1.38
C ILE A 8 -0.57 9.93 2.39
N SER A 9 0.13 10.47 3.39
CA SER A 9 -0.42 11.42 4.35
C SER A 9 0.72 12.23 4.97
N THR A 10 0.40 13.41 5.46
CA THR A 10 1.36 14.31 6.12
C THR A 10 1.61 13.86 7.56
N ASP A 11 0.53 13.49 8.24
CA ASP A 11 0.54 13.10 9.65
C ASP A 11 1.03 11.65 9.79
N THR A 12 2.32 11.49 10.12
CA THR A 12 2.96 10.18 10.40
C THR A 12 2.30 9.49 11.61
N ASN A 13 1.72 10.32 12.48
CA ASN A 13 0.93 9.89 13.66
C ASN A 13 -0.30 9.07 13.23
N ILE A 14 -1.06 9.64 12.26
CA ILE A 14 -2.28 9.01 11.72
C ILE A 14 -1.93 7.74 10.92
N ILE A 15 -0.90 7.87 10.07
CA ILE A 15 -0.32 6.75 9.27
C ILE A 15 -0.04 5.51 10.15
N SER A 16 0.72 5.74 11.23
CA SER A 16 1.15 4.71 12.17
C SER A 16 -0.05 4.10 12.92
N SER A 17 -0.94 4.98 13.38
CA SER A 17 -2.13 4.61 14.16
C SER A 17 -3.04 3.63 13.38
N VAL A 18 -3.47 4.06 12.18
CA VAL A 18 -4.32 3.27 11.27
C VAL A 18 -3.69 1.92 10.94
N GLN A 19 -2.40 1.95 10.61
CA GLN A 19 -1.65 0.76 10.17
C GLN A 19 -1.66 -0.36 11.22
N GLU A 20 -1.39 0.01 12.49
CA GLU A 20 -1.32 -0.95 13.60
C GLU A 20 -2.70 -1.54 13.92
N ARG A 21 -3.73 -0.69 13.85
CA ARG A 21 -5.14 -1.10 14.06
C ARG A 21 -5.57 -2.09 12.96
N ALA A 22 -5.04 -1.88 11.74
CA ALA A 22 -5.32 -2.73 10.57
C ALA A 22 -4.55 -4.07 10.68
N LYS A 23 -3.38 -4.05 11.34
CA LYS A 23 -2.59 -5.28 11.59
C LYS A 23 -3.27 -6.16 12.67
N HIS A 24 -3.75 -5.52 13.75
CA HIS A 24 -4.38 -6.22 14.88
C HIS A 24 -5.83 -6.63 14.55
N ASN A 25 -6.45 -5.95 13.56
CA ASN A 25 -7.80 -6.31 13.09
C ASN A 25 -7.71 -7.40 12.00
N TYR A 26 -6.70 -7.30 11.11
CA TYR A 26 -6.49 -8.27 10.00
C TYR A 26 -5.16 -9.04 10.23
N PRO A 27 -5.22 -10.21 10.96
CA PRO A 27 -4.02 -10.99 11.36
C PRO A 27 -3.17 -11.44 10.15
N GLY A 28 -3.85 -11.96 9.13
CA GLY A 28 -3.21 -12.53 7.94
C GLY A 28 -3.14 -11.53 6.81
N ARG A 29 -2.64 -10.31 7.11
CA ARG A 29 -2.37 -9.28 6.09
C ARG A 29 -1.00 -8.66 6.35
N GLU A 30 -0.15 -8.70 5.33
CA GLU A 30 1.16 -8.06 5.32
C GLU A 30 0.98 -6.60 4.86
N ILE A 31 1.44 -5.64 5.69
CA ILE A 31 1.37 -4.22 5.38
C ILE A 31 2.79 -3.64 5.36
N ARG A 32 3.07 -2.77 4.37
CA ARG A 32 4.39 -2.14 4.19
C ARG A 32 4.39 -0.69 4.70
N THR A 33 5.60 -0.20 4.99
CA THR A 33 5.87 1.20 5.36
C THR A 33 7.19 1.62 4.69
N ALA A 34 7.17 2.74 3.94
CA ALA A 34 8.37 3.23 3.27
C ALA A 34 9.29 3.92 4.29
N THR A 35 10.38 3.23 4.63
CA THR A 35 11.45 3.75 5.50
C THR A 35 12.21 4.87 4.77
N SER A 36 12.42 4.63 3.46
CA SER A 36 13.21 5.51 2.58
C SER A 36 12.96 5.11 1.11
N SER A 37 13.65 5.81 0.19
CA SER A 37 13.70 5.48 -1.24
C SER A 37 14.28 4.07 -1.49
N GLN A 38 15.24 3.68 -0.63
CA GLN A 38 15.83 2.33 -0.62
C GLN A 38 14.76 1.26 -0.31
N ASP A 39 13.89 1.59 0.66
CA ASP A 39 12.80 0.71 1.10
C ASP A 39 11.70 0.62 0.01
N ILE A 40 11.47 1.73 -0.73
CA ILE A 40 10.55 1.77 -1.90
C ILE A 40 10.93 0.67 -2.92
N ARG A 41 12.25 0.59 -3.23
CA ARG A 41 12.80 -0.44 -4.15
C ARG A 41 12.56 -1.86 -3.60
N ASP A 42 12.83 -2.02 -2.28
CA ASP A 42 12.64 -3.30 -1.57
C ASP A 42 11.17 -3.79 -1.63
N ILE A 43 10.22 -2.85 -1.43
CA ILE A 43 8.77 -3.12 -1.45
C ILE A 43 8.34 -3.67 -2.81
N ILE A 44 8.66 -2.92 -3.88
CA ILE A 44 8.22 -3.22 -5.25
C ILE A 44 8.88 -4.52 -5.78
N LYS A 45 10.10 -4.80 -5.30
CA LYS A 45 10.79 -6.08 -5.53
C LYS A 45 10.01 -7.24 -4.88
N SER A 46 9.52 -6.99 -3.64
CA SER A 46 8.70 -7.95 -2.89
C SER A 46 7.29 -8.08 -3.50
N MET A 47 6.82 -6.99 -4.13
CA MET A 47 5.50 -6.92 -4.79
C MET A 47 5.42 -7.89 -5.95
N LYS A 48 6.49 -7.91 -6.75
CA LYS A 48 6.61 -8.82 -7.91
C LYS A 48 6.80 -10.27 -7.45
N ASP A 49 7.72 -10.46 -6.46
CA ASP A 49 8.12 -11.79 -5.94
C ASP A 49 6.89 -12.55 -5.41
N ASN A 50 6.16 -11.86 -4.53
CA ASN A 50 5.01 -12.41 -3.82
C ASN A 50 3.80 -12.46 -4.76
N GLY A 51 3.63 -11.38 -5.55
CA GLY A 51 2.48 -11.24 -6.43
C GLY A 51 1.17 -11.01 -5.68
N LYS A 52 1.28 -10.56 -4.41
CA LYS A 52 0.14 -10.38 -3.49
C LYS A 52 -0.28 -8.90 -3.48
N PRO A 53 -1.47 -8.57 -2.90
CA PRO A 53 -1.85 -7.16 -2.62
C PRO A 53 -1.22 -6.64 -1.29
N LEU A 54 -0.39 -5.59 -1.38
CA LEU A 54 0.22 -4.92 -0.21
C LEU A 54 -0.32 -3.48 -0.07
N VAL A 55 -0.14 -2.87 1.11
CA VAL A 55 -0.52 -1.47 1.38
C VAL A 55 0.71 -0.72 1.92
N VAL A 56 1.23 0.24 1.14
CA VAL A 56 2.42 1.03 1.51
C VAL A 56 2.03 2.36 2.16
N PHE A 57 2.20 2.44 3.48
CA PHE A 57 2.13 3.69 4.22
C PHE A 57 3.48 4.43 4.08
N VAL A 58 3.50 5.52 3.31
CA VAL A 58 4.69 6.39 3.20
C VAL A 58 4.62 7.48 4.29
N ASN A 59 5.52 7.39 5.29
CA ASN A 59 5.52 8.30 6.46
C ASN A 59 6.10 9.66 6.07
N GLY A 60 5.22 10.49 5.47
CA GLY A 60 5.58 11.82 5.00
C GLY A 60 6.73 11.81 3.99
N ALA A 61 6.80 10.72 3.19
CA ALA A 61 7.87 10.55 2.18
C ALA A 61 7.78 11.67 1.12
N SER A 62 8.95 12.18 0.71
CA SER A 62 9.05 13.34 -0.19
C SER A 62 8.52 12.99 -1.59
N GLN A 63 8.22 14.03 -2.39
CA GLN A 63 7.64 13.88 -3.73
C GLN A 63 8.51 12.98 -4.65
N ASN A 64 9.85 13.09 -4.51
CA ASN A 64 10.81 12.23 -5.25
C ASN A 64 10.61 10.73 -4.89
N ASP A 65 10.39 10.44 -3.59
CA ASP A 65 10.14 9.05 -3.10
C ASP A 65 8.84 8.49 -3.69
N VAL A 66 7.82 9.36 -3.77
CA VAL A 66 6.52 9.05 -4.36
C VAL A 66 6.66 8.78 -5.87
N ASN A 67 7.46 9.63 -6.54
CA ASN A 67 7.75 9.51 -7.99
C ASN A 67 8.41 8.16 -8.29
N GLU A 68 9.41 7.82 -7.47
CA GLU A 68 10.16 6.55 -7.57
C GLU A 68 9.25 5.33 -7.38
N PHE A 69 8.27 5.47 -6.46
CA PHE A 69 7.31 4.40 -6.19
C PHE A 69 6.44 4.15 -7.44
N GLN A 70 5.95 5.25 -8.02
CA GLN A 70 5.06 5.21 -9.20
C GLN A 70 5.81 4.73 -10.45
N ASN A 71 7.10 5.13 -10.58
CA ASN A 71 7.96 4.77 -11.73
C ASN A 71 8.25 3.27 -11.73
N GLU A 72 8.84 2.81 -10.61
CA GLU A 72 9.21 1.40 -10.41
C GLU A 72 7.98 0.48 -10.46
N ALA A 73 6.83 0.96 -9.99
CA ALA A 73 5.60 0.17 -10.04
C ALA A 73 5.10 0.00 -11.49
N LYS A 74 4.94 1.13 -12.22
CA LYS A 74 4.31 1.13 -13.56
C LYS A 74 5.15 0.37 -14.60
N LYS A 75 6.49 0.46 -14.49
CA LYS A 75 7.44 -0.18 -15.45
C LYS A 75 7.48 -1.71 -15.25
N GLU A 76 7.41 -2.14 -13.98
CA GLU A 76 7.46 -3.58 -13.61
C GLU A 76 6.08 -4.25 -13.72
N GLY A 77 5.03 -3.42 -13.93
CA GLY A 77 3.66 -3.91 -14.11
C GLY A 77 2.88 -4.04 -12.80
N VAL A 78 3.44 -3.50 -11.71
CA VAL A 78 2.79 -3.46 -10.39
C VAL A 78 1.66 -2.39 -10.42
N SER A 79 0.40 -2.85 -10.29
CA SER A 79 -0.80 -2.01 -10.29
C SER A 79 -0.89 -1.20 -8.98
N TYR A 80 -0.34 0.03 -9.00
CA TYR A 80 -0.32 0.90 -7.83
C TYR A 80 -1.56 1.81 -7.83
N ASP A 81 -2.10 2.09 -6.63
CA ASP A 81 -3.22 3.02 -6.43
C ASP A 81 -2.73 4.16 -5.55
N VAL A 82 -2.81 5.40 -6.05
CA VAL A 82 -2.30 6.58 -5.30
C VAL A 82 -3.44 7.17 -4.45
N LEU A 83 -3.23 7.21 -3.13
CA LEU A 83 -4.19 7.69 -2.15
C LEU A 83 -3.55 8.81 -1.33
N LYS A 84 -4.25 9.93 -1.16
CA LYS A 84 -3.83 11.04 -0.29
C LYS A 84 -4.98 11.35 0.67
N SER A 85 -4.81 11.00 1.96
CA SER A 85 -5.85 11.16 2.99
C SER A 85 -5.21 11.30 4.38
N THR A 86 -5.66 12.31 5.16
CA THR A 86 -5.17 12.55 6.53
C THR A 86 -6.20 12.11 7.59
N ASP A 87 -7.43 11.78 7.17
CA ASP A 87 -8.49 11.23 8.05
C ASP A 87 -8.13 9.78 8.47
N PRO A 88 -7.99 9.48 9.80
CA PRO A 88 -7.70 8.12 10.28
C PRO A 88 -8.83 7.13 9.96
N GLU A 89 -10.09 7.58 10.15
CA GLU A 89 -11.29 6.75 9.88
C GLU A 89 -11.37 6.33 8.40
N GLU A 90 -11.01 7.28 7.51
CA GLU A 90 -11.01 7.07 6.06
C GLU A 90 -9.92 6.06 5.70
N LEU A 91 -8.69 6.30 6.18
CA LEU A 91 -7.54 5.41 5.90
C LEU A 91 -7.81 3.97 6.35
N THR A 92 -8.47 3.82 7.51
CA THR A 92 -8.80 2.51 8.10
C THR A 92 -9.77 1.73 7.19
N GLN A 93 -10.77 2.43 6.62
CA GLN A 93 -11.70 1.80 5.68
C GLN A 93 -11.06 1.61 4.28
N ARG A 94 -10.14 2.51 3.85
CA ARG A 94 -9.46 2.41 2.53
C ARG A 94 -8.63 1.12 2.44
N VAL A 95 -7.84 0.90 3.51
CA VAL A 95 -6.95 -0.26 3.64
C VAL A 95 -7.75 -1.57 3.61
N ARG A 96 -8.84 -1.65 4.40
CA ARG A 96 -9.65 -2.88 4.50
C ARG A 96 -10.42 -3.17 3.19
N GLU A 97 -10.86 -2.11 2.49
CA GLU A 97 -11.54 -2.25 1.19
C GLU A 97 -10.60 -2.91 0.18
N PHE A 98 -9.35 -2.42 0.15
CA PHE A 98 -8.30 -2.94 -0.71
C PHE A 98 -7.96 -4.41 -0.36
N LEU A 99 -7.74 -4.66 0.95
CA LEU A 99 -7.34 -5.99 1.46
C LEU A 99 -8.45 -7.04 1.29
N LYS A 100 -9.70 -6.59 1.17
CA LYS A 100 -10.87 -7.48 0.97
C LYS A 100 -11.12 -7.77 -0.53
N THR A 101 -11.04 -6.71 -1.38
CA THR A 101 -11.39 -6.83 -2.82
C THR A 101 -10.25 -7.52 -3.59
N ALA A 102 -9.01 -7.08 -3.34
CA ALA A 102 -7.81 -7.60 -4.00
C ALA A 102 -7.35 -8.88 -3.29
N GLY A 103 -7.29 -8.83 -1.94
CA GLY A 103 -6.99 -10.00 -1.13
C GLY A 103 -8.25 -10.76 -0.76
N SER A 104 -8.95 -11.26 -1.78
CA SER A 104 -10.26 -11.92 -1.61
C SER A 104 -10.11 -13.23 -0.79
N LEU A 105 -10.95 -13.38 0.25
CA LEU A 105 -10.88 -14.49 1.21
C LEU A 105 -11.67 -15.71 0.69
N GLU A 106 -11.05 -16.40 -0.28
CA GLU A 106 -11.63 -17.57 -0.94
C GLU A 106 -11.39 -18.83 -0.10
N HIS A 107 -10.15 -19.02 0.38
CA HIS A 107 -9.74 -20.24 1.09
C HIS A 107 -10.50 -20.39 2.41
N HIS A 108 -11.14 -21.55 2.57
CA HIS A 108 -12.20 -21.81 3.54
C HIS A 108 -11.59 -22.13 4.92
N HIS A 109 -11.77 -21.20 5.88
CA HIS A 109 -11.23 -21.34 7.24
C HIS A 109 -12.16 -22.27 8.08
N HIS A 110 -11.82 -23.57 8.08
CA HIS A 110 -12.64 -24.63 8.72
C HIS A 110 -12.58 -24.54 10.27
N HIS A 111 -11.46 -24.04 10.80
CA HIS A 111 -11.21 -23.99 12.25
C HIS A 111 -10.57 -22.64 12.63
N HIS A 112 -9.31 -22.44 12.18
CA HIS A 112 -8.50 -21.25 12.50
C HIS A 112 -9.13 -19.97 11.87
N MET A 1 -1.27 -8.72 -11.94
CA MET A 1 -0.65 -9.35 -10.75
C MET A 1 0.14 -8.29 -9.96
N GLY A 2 0.05 -8.37 -8.62
CA GLY A 2 0.70 -7.40 -7.74
C GLY A 2 0.00 -6.05 -7.73
N LYS A 3 -1.01 -5.90 -6.86
CA LYS A 3 -1.75 -4.65 -6.69
C LYS A 3 -1.47 -4.12 -5.28
N VAL A 4 -1.23 -2.80 -5.14
CA VAL A 4 -0.82 -2.21 -3.85
C VAL A 4 -1.49 -0.85 -3.61
N LEU A 5 -1.83 -0.58 -2.34
CA LEU A 5 -2.41 0.69 -1.91
C LEU A 5 -1.32 1.55 -1.27
N LEU A 6 -0.82 2.53 -2.02
CA LEU A 6 0.14 3.53 -1.55
C LEU A 6 -0.58 4.56 -0.65
N VAL A 7 -0.58 4.30 0.66
CA VAL A 7 -1.14 5.19 1.67
C VAL A 7 -0.15 6.33 1.97
N ILE A 8 -0.50 7.56 1.55
CA ILE A 8 0.32 8.76 1.75
C ILE A 8 -0.40 9.69 2.72
N SER A 9 0.25 9.98 3.85
CA SER A 9 -0.18 11.00 4.81
C SER A 9 1.06 11.77 5.25
N THR A 10 0.91 13.08 5.39
CA THR A 10 1.96 13.97 5.91
C THR A 10 2.00 13.89 7.45
N ASP A 11 0.87 13.45 8.04
CA ASP A 11 0.70 13.25 9.48
C ASP A 11 1.15 11.83 9.85
N THR A 12 2.38 11.71 10.37
CA THR A 12 2.95 10.43 10.84
C THR A 12 2.27 9.94 12.14
N ASN A 13 1.60 10.86 12.86
CA ASN A 13 0.74 10.50 14.02
C ASN A 13 -0.43 9.63 13.55
N ILE A 14 -1.05 10.05 12.43
CA ILE A 14 -2.20 9.35 11.83
C ILE A 14 -1.76 8.00 11.22
N ILE A 15 -0.59 8.01 10.54
CA ILE A 15 0.01 6.79 9.96
C ILE A 15 0.24 5.76 11.07
N SER A 16 0.81 6.22 12.20
CA SER A 16 1.11 5.36 13.37
C SER A 16 -0.17 4.63 13.88
N SER A 17 -1.30 5.37 13.88
CA SER A 17 -2.59 4.83 14.31
C SER A 17 -3.11 3.77 13.32
N VAL A 18 -3.34 4.19 12.04
CA VAL A 18 -4.03 3.37 11.03
C VAL A 18 -3.23 2.12 10.66
N GLN A 19 -1.90 2.32 10.48
CA GLN A 19 -0.95 1.26 10.08
C GLN A 19 -1.03 0.08 11.06
N GLU A 20 -0.83 0.38 12.34
CA GLU A 20 -0.89 -0.63 13.41
C GLU A 20 -2.27 -1.26 13.53
N ARG A 21 -3.32 -0.43 13.46
CA ARG A 21 -4.73 -0.89 13.49
C ARG A 21 -5.02 -1.91 12.38
N ALA A 22 -4.46 -1.66 11.20
CA ALA A 22 -4.67 -2.50 10.02
C ALA A 22 -3.82 -3.80 10.10
N LYS A 23 -2.58 -3.68 10.62
CA LYS A 23 -1.64 -4.82 10.76
C LYS A 23 -2.11 -5.83 11.84
N HIS A 24 -2.76 -5.29 12.89
CA HIS A 24 -3.25 -6.11 14.01
C HIS A 24 -4.63 -6.71 13.66
N ASN A 25 -5.59 -5.84 13.26
CA ASN A 25 -6.98 -6.25 12.93
C ASN A 25 -7.02 -7.22 11.74
N TYR A 26 -6.08 -7.06 10.79
CA TYR A 26 -5.94 -7.94 9.61
C TYR A 26 -4.56 -8.63 9.64
N PRO A 27 -4.41 -9.73 10.45
CA PRO A 27 -3.13 -10.47 10.57
C PRO A 27 -2.86 -11.40 9.37
N GLY A 28 -3.93 -11.70 8.60
CA GLY A 28 -3.86 -12.60 7.43
C GLY A 28 -3.68 -11.85 6.14
N ARG A 29 -3.62 -10.51 6.20
CA ARG A 29 -3.40 -9.64 5.03
C ARG A 29 -2.08 -8.88 5.23
N GLU A 30 -1.16 -9.03 4.27
CA GLU A 30 0.20 -8.48 4.37
C GLU A 30 0.20 -6.97 4.07
N ILE A 31 0.85 -6.21 4.96
CA ILE A 31 0.95 -4.75 4.89
C ILE A 31 2.44 -4.35 5.00
N ARG A 32 2.81 -3.28 4.29
CA ARG A 32 4.19 -2.77 4.21
C ARG A 32 4.29 -1.35 4.77
N THR A 33 5.53 -0.95 5.10
CA THR A 33 5.87 0.40 5.58
C THR A 33 7.10 0.90 4.82
N ALA A 34 7.08 2.16 4.40
CA ALA A 34 8.19 2.78 3.66
C ALA A 34 8.63 4.07 4.34
N THR A 35 9.87 4.09 4.86
CA THR A 35 10.47 5.29 5.45
C THR A 35 10.92 6.25 4.32
N SER A 36 11.55 5.68 3.30
CA SER A 36 12.15 6.43 2.19
C SER A 36 12.05 5.63 0.88
N SER A 37 12.60 6.20 -0.21
CA SER A 37 12.62 5.62 -1.56
C SER A 37 13.41 4.28 -1.63
N GLN A 38 14.32 4.06 -0.67
CA GLN A 38 15.02 2.77 -0.51
C GLN A 38 14.02 1.66 -0.14
N ASP A 39 13.15 1.99 0.83
CA ASP A 39 12.11 1.08 1.33
C ASP A 39 11.03 0.85 0.25
N ILE A 40 10.70 1.95 -0.47
CA ILE A 40 9.80 1.95 -1.64
C ILE A 40 10.23 0.87 -2.67
N ARG A 41 11.50 0.95 -3.09
CA ARG A 41 12.08 0.01 -4.08
C ARG A 41 12.12 -1.44 -3.55
N ASP A 42 12.39 -1.57 -2.23
CA ASP A 42 12.47 -2.88 -1.54
C ASP A 42 11.10 -3.60 -1.55
N ILE A 43 10.03 -2.81 -1.33
CA ILE A 43 8.64 -3.30 -1.30
C ILE A 43 8.18 -3.77 -2.70
N ILE A 44 8.44 -2.93 -3.72
CA ILE A 44 8.11 -3.24 -5.12
C ILE A 44 8.94 -4.47 -5.60
N LYS A 45 10.16 -4.62 -5.04
CA LYS A 45 11.04 -5.79 -5.29
C LYS A 45 10.43 -7.04 -4.59
N SER A 46 9.74 -6.83 -3.45
CA SER A 46 9.00 -7.90 -2.75
C SER A 46 7.77 -8.33 -3.57
N MET A 47 7.20 -7.37 -4.32
CA MET A 47 6.08 -7.61 -5.24
C MET A 47 6.56 -8.29 -6.53
N LYS A 48 7.88 -8.18 -6.79
CA LYS A 48 8.58 -8.97 -7.82
C LYS A 48 8.76 -10.44 -7.38
N ASP A 49 9.05 -10.63 -6.07
CA ASP A 49 9.19 -11.98 -5.47
C ASP A 49 7.84 -12.72 -5.54
N ASN A 50 6.79 -12.04 -5.10
CA ASN A 50 5.42 -12.54 -5.11
C ASN A 50 4.46 -11.36 -5.26
N GLY A 51 3.69 -11.36 -6.37
CA GLY A 51 2.73 -10.29 -6.68
C GLY A 51 1.41 -10.44 -5.94
N LYS A 52 1.48 -10.33 -4.60
CA LYS A 52 0.32 -10.36 -3.71
C LYS A 52 -0.23 -8.92 -3.51
N PRO A 53 -1.47 -8.75 -2.96
CA PRO A 53 -1.95 -7.42 -2.53
C PRO A 53 -1.21 -6.91 -1.26
N LEU A 54 -0.66 -5.70 -1.35
CA LEU A 54 0.01 -5.03 -0.21
C LEU A 54 -0.60 -3.65 0.02
N VAL A 55 -0.30 -3.06 1.19
CA VAL A 55 -0.71 -1.69 1.54
C VAL A 55 0.52 -0.96 2.12
N VAL A 56 1.12 -0.05 1.34
CA VAL A 56 2.34 0.69 1.74
C VAL A 56 1.99 2.00 2.47
N PHE A 57 2.20 2.03 3.79
CA PHE A 57 2.16 3.28 4.58
C PHE A 57 3.52 3.98 4.48
N VAL A 58 3.56 5.09 3.73
CA VAL A 58 4.77 5.91 3.61
C VAL A 58 4.77 6.95 4.74
N ASN A 59 5.76 6.83 5.63
CA ASN A 59 5.88 7.64 6.85
C ASN A 59 6.40 9.05 6.51
N GLY A 60 5.49 9.88 5.96
CA GLY A 60 5.79 11.26 5.55
C GLY A 60 6.85 11.33 4.44
N ALA A 61 6.80 10.34 3.53
CA ALA A 61 7.71 10.29 2.38
C ALA A 61 7.34 11.38 1.36
N SER A 62 8.37 12.01 0.76
CA SER A 62 8.20 13.22 -0.07
C SER A 62 7.72 12.85 -1.48
N GLN A 63 7.47 13.91 -2.29
CA GLN A 63 6.98 13.80 -3.68
C GLN A 63 7.87 12.87 -4.53
N ASN A 64 9.20 13.02 -4.38
CA ASN A 64 10.19 12.23 -5.15
C ASN A 64 10.20 10.75 -4.74
N ASP A 65 9.88 10.47 -3.47
CA ASP A 65 9.77 9.07 -2.95
C ASP A 65 8.50 8.40 -3.54
N VAL A 66 7.45 9.22 -3.71
CA VAL A 66 6.19 8.79 -4.36
C VAL A 66 6.41 8.59 -5.86
N ASN A 67 7.23 9.47 -6.48
CA ASN A 67 7.61 9.38 -7.91
C ASN A 67 8.40 8.09 -8.16
N GLU A 68 9.25 7.72 -7.19
CA GLU A 68 9.95 6.42 -7.19
C GLU A 68 8.94 5.27 -7.22
N PHE A 69 7.94 5.32 -6.30
CA PHE A 69 6.92 4.27 -6.18
C PHE A 69 6.12 4.09 -7.48
N GLN A 70 5.73 5.22 -8.07
CA GLN A 70 4.91 5.26 -9.29
C GLN A 70 5.69 4.67 -10.47
N ASN A 71 6.89 5.23 -10.75
CA ASN A 71 7.72 4.91 -11.92
C ASN A 71 8.20 3.46 -11.89
N GLU A 72 8.73 3.03 -10.72
CA GLU A 72 9.16 1.63 -10.51
C GLU A 72 7.99 0.67 -10.77
N ALA A 73 6.90 0.82 -9.98
CA ALA A 73 5.74 -0.11 -10.00
C ALA A 73 5.15 -0.26 -11.42
N LYS A 74 4.94 0.88 -12.13
CA LYS A 74 4.31 0.88 -13.47
C LYS A 74 5.21 0.22 -14.52
N LYS A 75 6.54 0.35 -14.38
CA LYS A 75 7.49 -0.27 -15.33
C LYS A 75 7.82 -1.73 -14.93
N GLU A 76 7.50 -2.11 -13.68
CA GLU A 76 7.65 -3.51 -13.20
C GLU A 76 6.43 -4.36 -13.59
N GLY A 77 5.29 -3.70 -13.82
CA GLY A 77 4.02 -4.39 -14.08
C GLY A 77 3.17 -4.53 -12.81
N VAL A 78 3.63 -3.89 -11.73
CA VAL A 78 2.93 -3.87 -10.44
C VAL A 78 1.87 -2.77 -10.45
N SER A 79 0.59 -3.17 -10.34
CA SER A 79 -0.55 -2.25 -10.20
C SER A 79 -0.46 -1.54 -8.85
N TYR A 80 -0.76 -0.23 -8.83
CA TYR A 80 -0.67 0.58 -7.61
C TYR A 80 -1.80 1.60 -7.59
N ASP A 81 -2.18 1.98 -6.36
CA ASP A 81 -3.25 2.94 -6.09
C ASP A 81 -2.67 4.05 -5.23
N VAL A 82 -2.70 5.30 -5.71
CA VAL A 82 -2.17 6.44 -4.94
C VAL A 82 -3.28 7.01 -4.05
N LEU A 83 -3.22 6.68 -2.78
CA LEU A 83 -4.15 7.17 -1.76
C LEU A 83 -3.53 8.39 -1.08
N LYS A 84 -4.06 9.58 -1.37
CA LYS A 84 -3.63 10.82 -0.71
C LYS A 84 -4.69 11.22 0.32
N SER A 85 -4.42 10.93 1.60
CA SER A 85 -5.34 11.21 2.71
C SER A 85 -4.56 11.27 4.04
N THR A 86 -4.85 12.28 4.86
CA THR A 86 -4.22 12.46 6.18
C THR A 86 -5.20 12.15 7.33
N ASP A 87 -6.46 11.79 7.00
CA ASP A 87 -7.49 11.45 8.01
C ASP A 87 -7.43 9.96 8.36
N PRO A 88 -7.52 9.59 9.69
CA PRO A 88 -7.33 8.19 10.16
C PRO A 88 -8.46 7.26 9.71
N GLU A 89 -9.71 7.70 9.90
CA GLU A 89 -10.91 6.96 9.50
C GLU A 89 -10.95 6.74 7.97
N GLU A 90 -10.43 7.73 7.23
CA GLU A 90 -10.37 7.70 5.76
C GLU A 90 -9.44 6.57 5.31
N LEU A 91 -8.21 6.57 5.86
CA LEU A 91 -7.18 5.56 5.56
C LEU A 91 -7.65 4.15 5.98
N THR A 92 -8.23 4.05 7.19
CA THR A 92 -8.66 2.77 7.80
C THR A 92 -9.69 2.04 6.92
N GLN A 93 -10.70 2.79 6.43
CA GLN A 93 -11.74 2.23 5.56
C GLN A 93 -11.16 1.86 4.18
N ARG A 94 -10.19 2.67 3.67
CA ARG A 94 -9.53 2.40 2.36
C ARG A 94 -8.70 1.10 2.39
N VAL A 95 -7.99 0.86 3.51
CA VAL A 95 -7.09 -0.31 3.65
C VAL A 95 -7.90 -1.61 3.63
N ARG A 96 -8.97 -1.66 4.46
CA ARG A 96 -9.84 -2.85 4.54
C ARG A 96 -10.59 -3.09 3.21
N GLU A 97 -11.05 -2.01 2.56
CA GLU A 97 -11.79 -2.09 1.29
C GLU A 97 -10.88 -2.52 0.14
N PHE A 98 -9.60 -2.10 0.21
CA PHE A 98 -8.58 -2.54 -0.75
C PHE A 98 -8.35 -4.05 -0.60
N LEU A 99 -8.04 -4.48 0.63
CA LEU A 99 -7.76 -5.89 0.97
C LEU A 99 -8.98 -6.79 0.70
N LYS A 100 -10.19 -6.20 0.80
CA LYS A 100 -11.47 -6.90 0.58
C LYS A 100 -11.63 -7.24 -0.92
N THR A 101 -11.55 -6.20 -1.76
CA THR A 101 -11.69 -6.33 -3.24
C THR A 101 -10.47 -7.09 -3.84
N ALA A 102 -9.33 -7.04 -3.11
CA ALA A 102 -8.09 -7.72 -3.49
C ALA A 102 -8.18 -9.24 -3.23
N GLY A 103 -9.17 -9.66 -2.41
CA GLY A 103 -9.48 -11.07 -2.20
C GLY A 103 -9.94 -11.75 -3.49
N SER A 104 -8.95 -12.20 -4.28
CA SER A 104 -9.19 -12.70 -5.63
C SER A 104 -9.84 -14.10 -5.61
N LEU A 105 -11.18 -14.11 -5.74
CA LEU A 105 -11.97 -15.33 -5.98
C LEU A 105 -11.89 -15.73 -7.47
N GLU A 106 -12.76 -16.65 -7.90
CA GLU A 106 -12.90 -16.98 -9.32
C GLU A 106 -13.64 -15.83 -10.04
N HIS A 107 -12.86 -14.81 -10.42
CA HIS A 107 -13.34 -13.68 -11.22
C HIS A 107 -13.56 -14.20 -12.64
N HIS A 108 -14.82 -14.50 -12.98
CA HIS A 108 -15.21 -15.06 -14.28
C HIS A 108 -14.91 -14.04 -15.40
N HIS A 109 -13.67 -14.12 -15.93
CA HIS A 109 -13.14 -13.22 -16.99
C HIS A 109 -14.09 -13.16 -18.21
N HIS A 110 -14.62 -14.34 -18.55
CA HIS A 110 -15.55 -14.55 -19.69
C HIS A 110 -16.45 -15.75 -19.36
N HIS A 111 -17.62 -15.83 -20.02
CA HIS A 111 -18.61 -16.90 -19.80
C HIS A 111 -19.60 -16.95 -20.98
N HIS A 112 -20.65 -17.77 -20.86
CA HIS A 112 -21.74 -17.85 -21.85
C HIS A 112 -22.69 -16.64 -21.65
N MET A 1 0.45 -8.36 -12.57
CA MET A 1 0.51 -8.99 -11.23
C MET A 1 1.11 -8.00 -10.21
N GLY A 2 0.62 -8.05 -8.96
CA GLY A 2 1.00 -7.11 -7.90
C GLY A 2 0.03 -5.95 -7.84
N LYS A 3 -0.56 -5.68 -6.67
CA LYS A 3 -1.52 -4.59 -6.47
C LYS A 3 -1.27 -3.98 -5.08
N VAL A 4 -1.08 -2.65 -5.03
CA VAL A 4 -0.64 -1.95 -3.80
C VAL A 4 -1.43 -0.63 -3.58
N LEU A 5 -1.68 -0.32 -2.29
CA LEU A 5 -2.31 0.93 -1.86
C LEU A 5 -1.26 1.85 -1.24
N LEU A 6 -0.82 2.83 -2.02
CA LEU A 6 0.10 3.88 -1.57
C LEU A 6 -0.67 4.90 -0.70
N VAL A 7 -0.69 4.66 0.61
CA VAL A 7 -1.29 5.57 1.60
C VAL A 7 -0.32 6.72 1.90
N ILE A 8 -0.59 7.90 1.33
CA ILE A 8 0.18 9.12 1.58
C ILE A 8 -0.57 10.00 2.57
N SER A 9 0.04 10.20 3.75
CA SER A 9 -0.46 11.10 4.78
C SER A 9 0.69 11.97 5.28
N THR A 10 0.39 13.26 5.51
CA THR A 10 1.34 14.20 6.12
C THR A 10 1.62 13.81 7.58
N ASP A 11 0.53 13.61 8.34
CA ASP A 11 0.57 13.26 9.78
C ASP A 11 1.04 11.81 9.96
N THR A 12 2.28 11.65 10.43
CA THR A 12 2.85 10.32 10.75
C THR A 12 2.19 9.70 11.99
N ASN A 13 1.55 10.56 12.82
CA ASN A 13 0.72 10.14 13.98
C ASN A 13 -0.49 9.33 13.47
N ILE A 14 -1.14 9.85 12.41
CA ILE A 14 -2.30 9.21 11.77
C ILE A 14 -1.87 7.90 11.08
N ILE A 15 -0.72 7.95 10.37
CA ILE A 15 -0.11 6.79 9.70
C ILE A 15 0.09 5.63 10.69
N SER A 16 0.62 5.98 11.88
CA SER A 16 0.87 5.02 12.97
C SER A 16 -0.45 4.36 13.41
N SER A 17 -1.48 5.20 13.66
CA SER A 17 -2.78 4.76 14.17
C SER A 17 -3.46 3.75 13.23
N VAL A 18 -3.50 4.08 11.92
CA VAL A 18 -4.16 3.27 10.89
C VAL A 18 -3.42 1.94 10.69
N GLN A 19 -2.09 2.05 10.60
CA GLN A 19 -1.18 0.92 10.39
C GLN A 19 -1.36 -0.14 11.50
N GLU A 20 -1.39 0.34 12.77
CA GLU A 20 -1.54 -0.51 13.96
C GLU A 20 -2.93 -1.17 14.01
N ARG A 21 -3.99 -0.37 13.73
CA ARG A 21 -5.38 -0.85 13.74
C ARG A 21 -5.62 -1.89 12.62
N ALA A 22 -4.97 -1.68 11.46
CA ALA A 22 -5.13 -2.53 10.28
C ALA A 22 -4.35 -3.85 10.44
N LYS A 23 -3.15 -3.78 11.03
CA LYS A 23 -2.29 -4.97 11.27
C LYS A 23 -2.83 -5.82 12.45
N HIS A 24 -3.47 -5.16 13.42
CA HIS A 24 -4.05 -5.83 14.60
C HIS A 24 -5.36 -6.54 14.20
N ASN A 25 -6.18 -5.85 13.38
CA ASN A 25 -7.46 -6.39 12.87
C ASN A 25 -7.19 -7.48 11.82
N TYR A 26 -6.09 -7.30 11.07
CA TYR A 26 -5.68 -8.21 9.99
C TYR A 26 -4.21 -8.67 10.20
N PRO A 27 -3.97 -9.73 11.04
CA PRO A 27 -2.62 -10.28 11.27
C PRO A 27 -2.09 -11.11 10.08
N GLY A 28 -3.00 -11.46 9.14
CA GLY A 28 -2.66 -12.26 7.97
C GLY A 28 -2.82 -11.49 6.67
N ARG A 29 -2.54 -10.16 6.71
CA ARG A 29 -2.56 -9.29 5.52
C ARG A 29 -1.23 -8.56 5.36
N GLU A 30 -0.92 -8.22 4.10
CA GLU A 30 0.35 -7.60 3.72
C GLU A 30 0.24 -6.06 3.83
N ILE A 31 1.04 -5.47 4.73
CA ILE A 31 1.08 -4.02 5.00
C ILE A 31 2.55 -3.58 5.18
N ARG A 32 2.99 -2.62 4.35
CA ARG A 32 4.34 -2.01 4.41
C ARG A 32 4.31 -0.61 5.03
N THR A 33 5.52 -0.10 5.29
CA THR A 33 5.74 1.24 5.84
C THR A 33 7.04 1.80 5.21
N ALA A 34 6.89 2.64 4.19
CA ALA A 34 8.02 3.18 3.42
C ALA A 34 8.68 4.37 4.14
N THR A 35 9.99 4.23 4.40
CA THR A 35 10.81 5.31 4.94
C THR A 35 11.28 6.26 3.80
N SER A 36 11.81 5.67 2.69
CA SER A 36 12.40 6.43 1.57
C SER A 36 12.68 5.47 0.38
N SER A 37 13.33 6.00 -0.68
CA SER A 37 13.49 5.33 -2.01
C SER A 37 14.02 3.89 -1.95
N GLN A 38 14.98 3.59 -1.05
CA GLN A 38 15.60 2.24 -0.98
C GLN A 38 14.53 1.20 -0.56
N ASP A 39 13.70 1.57 0.44
CA ASP A 39 12.61 0.71 0.93
C ASP A 39 11.51 0.60 -0.13
N ILE A 40 11.23 1.72 -0.83
CA ILE A 40 10.27 1.78 -1.97
C ILE A 40 10.57 0.66 -3.00
N ARG A 41 11.86 0.53 -3.37
CA ARG A 41 12.32 -0.49 -4.35
C ARG A 41 12.19 -1.90 -3.76
N ASP A 42 12.56 -2.03 -2.46
CA ASP A 42 12.48 -3.30 -1.70
C ASP A 42 11.05 -3.85 -1.66
N ILE A 43 10.07 -2.94 -1.47
CA ILE A 43 8.63 -3.26 -1.41
C ILE A 43 8.16 -3.87 -2.75
N ILE A 44 8.36 -3.09 -3.83
CA ILE A 44 7.84 -3.40 -5.17
C ILE A 44 8.55 -4.63 -5.78
N LYS A 45 9.84 -4.80 -5.43
CA LYS A 45 10.65 -5.97 -5.84
C LYS A 45 10.15 -7.23 -5.09
N SER A 46 9.67 -7.05 -3.85
CA SER A 46 9.06 -8.12 -3.02
C SER A 46 7.63 -8.46 -3.51
N MET A 47 6.98 -7.49 -4.18
CA MET A 47 5.66 -7.70 -4.84
C MET A 47 5.85 -8.50 -6.12
N LYS A 48 7.02 -8.32 -6.74
CA LYS A 48 7.43 -9.08 -7.93
C LYS A 48 8.09 -10.42 -7.55
N ASP A 49 8.42 -10.59 -6.27
CA ASP A 49 8.83 -11.89 -5.72
C ASP A 49 7.58 -12.77 -5.54
N ASN A 50 6.63 -12.28 -4.73
CA ASN A 50 5.28 -12.87 -4.58
C ASN A 50 4.23 -11.78 -4.83
N GLY A 51 3.27 -12.04 -5.75
CA GLY A 51 2.24 -11.07 -6.13
C GLY A 51 1.21 -10.88 -5.02
N LYS A 52 1.58 -10.07 -4.03
CA LYS A 52 0.81 -9.92 -2.78
C LYS A 52 0.05 -8.58 -2.74
N PRO A 53 -1.18 -8.56 -2.13
CA PRO A 53 -1.95 -7.31 -1.93
C PRO A 53 -1.35 -6.46 -0.79
N LEU A 54 -0.45 -5.54 -1.16
CA LEU A 54 0.31 -4.72 -0.19
C LEU A 54 -0.36 -3.36 0.04
N VAL A 55 -0.18 -2.80 1.25
CA VAL A 55 -0.64 -1.45 1.61
C VAL A 55 0.56 -0.65 2.16
N VAL A 56 1.15 0.22 1.33
CA VAL A 56 2.35 0.99 1.69
C VAL A 56 1.99 2.34 2.34
N PHE A 57 2.27 2.44 3.64
CA PHE A 57 2.19 3.70 4.38
C PHE A 57 3.52 4.46 4.25
N VAL A 58 3.54 5.56 3.47
CA VAL A 58 4.75 6.40 3.35
C VAL A 58 4.77 7.43 4.49
N ASN A 59 5.74 7.26 5.41
CA ASN A 59 5.89 8.14 6.59
C ASN A 59 6.48 9.48 6.17
N GLY A 60 5.58 10.40 5.73
CA GLY A 60 5.94 11.74 5.30
C GLY A 60 7.01 11.76 4.21
N ALA A 61 7.00 10.71 3.34
CA ALA A 61 7.99 10.55 2.28
C ALA A 61 7.86 11.68 1.24
N SER A 62 9.00 12.09 0.67
CA SER A 62 9.07 13.19 -0.30
C SER A 62 8.44 12.75 -1.64
N GLN A 63 8.17 13.75 -2.49
CA GLN A 63 7.57 13.54 -3.82
C GLN A 63 8.47 12.64 -4.69
N ASN A 64 9.80 12.73 -4.49
CA ASN A 64 10.80 11.89 -5.21
C ASN A 64 10.63 10.40 -4.88
N ASP A 65 10.34 10.09 -3.60
CA ASP A 65 10.10 8.71 -3.13
C ASP A 65 8.84 8.15 -3.78
N VAL A 66 7.82 9.03 -3.90
CA VAL A 66 6.54 8.72 -4.54
C VAL A 66 6.71 8.57 -6.07
N ASN A 67 7.64 9.36 -6.65
CA ASN A 67 7.98 9.27 -8.09
C ASN A 67 8.58 7.91 -8.38
N GLU A 68 9.55 7.51 -7.53
CA GLU A 68 10.22 6.20 -7.63
C GLU A 68 9.26 5.05 -7.37
N PHE A 69 8.22 5.29 -6.54
CA PHE A 69 7.17 4.30 -6.27
C PHE A 69 6.39 4.01 -7.56
N GLN A 70 6.00 5.11 -8.23
CA GLN A 70 5.20 5.04 -9.46
C GLN A 70 6.05 4.53 -10.64
N ASN A 71 7.36 4.86 -10.63
CA ASN A 71 8.34 4.45 -11.68
C ASN A 71 8.56 2.94 -11.61
N GLU A 72 8.99 2.46 -10.42
CA GLU A 72 9.24 1.03 -10.19
C GLU A 72 7.97 0.22 -10.43
N ALA A 73 6.81 0.74 -10.00
CA ALA A 73 5.51 0.05 -10.16
C ALA A 73 5.12 -0.10 -11.65
N LYS A 74 5.27 0.98 -12.47
CA LYS A 74 4.84 0.94 -13.90
C LYS A 74 5.78 0.08 -14.76
N LYS A 75 7.09 0.03 -14.42
CA LYS A 75 8.08 -0.77 -15.19
C LYS A 75 8.01 -2.25 -14.79
N GLU A 76 7.67 -2.51 -13.51
CA GLU A 76 7.44 -3.87 -13.01
C GLU A 76 6.02 -4.37 -13.36
N GLY A 77 5.12 -3.43 -13.71
CA GLY A 77 3.74 -3.76 -14.08
C GLY A 77 2.81 -3.95 -12.87
N VAL A 78 3.25 -3.47 -11.69
CA VAL A 78 2.47 -3.47 -10.44
C VAL A 78 1.35 -2.41 -10.50
N SER A 79 0.11 -2.86 -10.32
CA SER A 79 -1.07 -1.99 -10.23
C SER A 79 -1.06 -1.20 -8.91
N TYR A 80 -0.43 -0.01 -8.94
CA TYR A 80 -0.37 0.88 -7.77
C TYR A 80 -1.60 1.79 -7.75
N ASP A 81 -2.06 2.13 -6.54
CA ASP A 81 -3.20 3.03 -6.33
C ASP A 81 -2.84 4.04 -5.25
N VAL A 82 -2.96 5.33 -5.56
CA VAL A 82 -2.57 6.42 -4.65
C VAL A 82 -3.77 6.89 -3.81
N LEU A 83 -3.55 7.02 -2.51
CA LEU A 83 -4.57 7.40 -1.52
C LEU A 83 -4.03 8.60 -0.72
N LYS A 84 -4.44 9.81 -1.10
CA LYS A 84 -3.94 11.05 -0.49
C LYS A 84 -4.97 11.55 0.55
N SER A 85 -4.72 11.26 1.83
CA SER A 85 -5.63 11.61 2.94
C SER A 85 -4.88 11.58 4.29
N THR A 86 -5.45 12.24 5.32
CA THR A 86 -4.89 12.24 6.69
C THR A 86 -5.98 11.93 7.74
N ASP A 87 -7.10 11.32 7.28
CA ASP A 87 -8.24 10.93 8.14
C ASP A 87 -8.05 9.46 8.60
N PRO A 88 -7.78 9.19 9.93
CA PRO A 88 -7.38 7.84 10.41
C PRO A 88 -8.42 6.74 10.12
N GLU A 89 -9.67 6.94 10.55
CA GLU A 89 -10.74 5.92 10.39
C GLU A 89 -11.07 5.68 8.89
N GLU A 90 -10.90 6.75 8.08
CA GLU A 90 -11.14 6.71 6.63
C GLU A 90 -10.07 5.86 5.95
N LEU A 91 -8.79 6.12 6.29
CA LEU A 91 -7.64 5.35 5.78
C LEU A 91 -7.78 3.87 6.15
N THR A 92 -8.29 3.60 7.38
CA THR A 92 -8.47 2.24 7.91
C THR A 92 -9.55 1.47 7.12
N GLN A 93 -10.64 2.17 6.71
CA GLN A 93 -11.70 1.56 5.89
C GLN A 93 -11.27 1.42 4.42
N ARG A 94 -10.33 2.29 3.99
CA ARG A 94 -9.71 2.21 2.65
C ARG A 94 -8.79 0.98 2.56
N VAL A 95 -8.05 0.69 3.66
CA VAL A 95 -7.14 -0.47 3.75
C VAL A 95 -7.96 -1.77 3.66
N ARG A 96 -9.03 -1.88 4.46
CA ARG A 96 -9.84 -3.11 4.54
C ARG A 96 -10.59 -3.39 3.22
N GLU A 97 -11.07 -2.31 2.57
CA GLU A 97 -11.76 -2.39 1.27
C GLU A 97 -10.77 -2.58 0.11
N PHE A 98 -9.51 -2.17 0.32
CA PHE A 98 -8.44 -2.46 -0.64
C PHE A 98 -8.14 -3.96 -0.63
N LEU A 99 -7.99 -4.52 0.58
CA LEU A 99 -7.73 -5.95 0.79
C LEU A 99 -8.92 -6.81 0.31
N LYS A 100 -10.13 -6.19 0.33
CA LYS A 100 -11.36 -6.79 -0.22
C LYS A 100 -11.25 -7.00 -1.75
N THR A 101 -10.97 -5.90 -2.49
CA THR A 101 -10.89 -5.93 -3.98
C THR A 101 -9.61 -6.64 -4.47
N ALA A 102 -8.53 -6.54 -3.67
CA ALA A 102 -7.22 -7.15 -4.00
C ALA A 102 -7.19 -8.64 -3.61
N GLY A 103 -8.14 -9.07 -2.77
CA GLY A 103 -8.33 -10.49 -2.42
C GLY A 103 -7.71 -10.83 -1.08
N SER A 104 -8.54 -11.29 -0.12
CA SER A 104 -8.11 -11.70 1.22
C SER A 104 -7.34 -13.05 1.14
N LEU A 105 -8.06 -14.19 1.20
CA LEU A 105 -7.43 -15.51 1.07
C LEU A 105 -7.51 -15.93 -0.40
N GLU A 106 -6.41 -15.70 -1.14
CA GLU A 106 -6.31 -16.00 -2.58
C GLU A 106 -6.12 -17.51 -2.79
N HIS A 107 -6.81 -18.04 -3.83
CA HIS A 107 -6.70 -19.45 -4.27
C HIS A 107 -6.34 -19.46 -5.76
N HIS A 108 -5.09 -19.10 -6.06
CA HIS A 108 -4.63 -18.88 -7.45
C HIS A 108 -4.43 -20.20 -8.24
N HIS A 109 -4.66 -21.35 -7.57
CA HIS A 109 -4.62 -22.67 -8.21
C HIS A 109 -5.99 -23.33 -8.09
N HIS A 110 -6.42 -24.03 -9.15
CA HIS A 110 -7.71 -24.74 -9.17
C HIS A 110 -7.60 -26.09 -8.47
N HIS A 111 -8.55 -26.36 -7.56
CA HIS A 111 -8.64 -27.61 -6.79
C HIS A 111 -10.04 -27.68 -6.13
N HIS A 112 -10.21 -28.60 -5.18
CA HIS A 112 -11.39 -28.65 -4.29
C HIS A 112 -10.90 -28.83 -2.82
N MET A 1 0.57 -11.20 -9.70
CA MET A 1 0.32 -10.00 -10.54
C MET A 1 0.90 -8.77 -9.82
N GLY A 2 0.41 -8.51 -8.59
CA GLY A 2 0.87 -7.39 -7.77
C GLY A 2 -0.10 -6.21 -7.82
N LYS A 3 -0.68 -5.87 -6.65
CA LYS A 3 -1.58 -4.72 -6.47
C LYS A 3 -1.27 -4.09 -5.11
N VAL A 4 -1.12 -2.76 -5.04
CA VAL A 4 -0.68 -2.09 -3.80
C VAL A 4 -1.46 -0.78 -3.57
N LEU A 5 -1.66 -0.43 -2.27
CA LEU A 5 -2.30 0.81 -1.85
C LEU A 5 -1.25 1.75 -1.26
N LEU A 6 -0.80 2.73 -2.08
CA LEU A 6 0.15 3.75 -1.63
C LEU A 6 -0.62 4.82 -0.80
N VAL A 7 -0.66 4.60 0.52
CA VAL A 7 -1.28 5.51 1.50
C VAL A 7 -0.32 6.66 1.82
N ILE A 8 -0.67 7.87 1.34
CA ILE A 8 0.07 9.11 1.64
C ILE A 8 -0.78 9.98 2.58
N SER A 9 -0.21 10.36 3.73
CA SER A 9 -0.77 11.36 4.63
C SER A 9 0.36 12.30 5.06
N THR A 10 0.01 13.57 5.31
CA THR A 10 0.97 14.57 5.81
C THR A 10 1.36 14.23 7.27
N ASP A 11 0.39 13.68 8.01
CA ASP A 11 0.55 13.30 9.42
C ASP A 11 1.09 11.88 9.56
N THR A 12 2.35 11.77 10.00
CA THR A 12 3.01 10.49 10.31
C THR A 12 2.36 9.81 11.53
N ASN A 13 1.76 10.63 12.41
CA ASN A 13 1.02 10.18 13.60
C ASN A 13 -0.22 9.34 13.19
N ILE A 14 -0.95 9.83 12.18
CA ILE A 14 -2.13 9.16 11.62
C ILE A 14 -1.71 7.88 10.86
N ILE A 15 -0.66 8.00 10.03
CA ILE A 15 -0.05 6.87 9.28
C ILE A 15 0.28 5.69 10.21
N SER A 16 0.94 6.02 11.33
CA SER A 16 1.34 5.05 12.35
C SER A 16 0.09 4.42 12.99
N SER A 17 -0.86 5.27 13.43
CA SER A 17 -2.07 4.86 14.15
C SER A 17 -2.90 3.84 13.35
N VAL A 18 -3.18 4.20 12.08
CA VAL A 18 -3.96 3.37 11.15
C VAL A 18 -3.26 2.02 10.87
N GLN A 19 -1.95 2.08 10.63
CA GLN A 19 -1.13 0.89 10.32
C GLN A 19 -1.16 -0.12 11.49
N GLU A 20 -1.05 0.39 12.73
CA GLU A 20 -1.09 -0.39 13.97
C GLU A 20 -2.47 -1.08 14.11
N ARG A 21 -3.53 -0.27 13.99
CA ARG A 21 -4.94 -0.74 14.07
C ARG A 21 -5.18 -1.83 13.01
N ALA A 22 -4.62 -1.60 11.81
CA ALA A 22 -4.81 -2.49 10.66
C ALA A 22 -4.14 -3.85 10.88
N LYS A 23 -2.97 -3.87 11.52
CA LYS A 23 -2.27 -5.14 11.85
C LYS A 23 -3.02 -5.92 12.93
N HIS A 24 -3.61 -5.20 13.90
CA HIS A 24 -4.39 -5.81 15.02
C HIS A 24 -5.79 -6.27 14.56
N ASN A 25 -6.35 -5.57 13.56
CA ASN A 25 -7.71 -5.84 13.03
C ASN A 25 -7.68 -6.91 11.94
N TYR A 26 -6.61 -6.91 11.12
CA TYR A 26 -6.46 -7.85 10.00
C TYR A 26 -5.25 -8.79 10.30
N PRO A 27 -5.49 -9.96 11.00
CA PRO A 27 -4.41 -10.85 11.49
C PRO A 27 -3.84 -11.82 10.43
N GLY A 28 -3.84 -11.40 9.16
CA GLY A 28 -3.23 -12.18 8.08
C GLY A 28 -3.11 -11.39 6.79
N ARG A 29 -3.02 -10.05 6.92
CA ARG A 29 -2.96 -9.12 5.78
C ARG A 29 -1.65 -8.33 5.82
N GLU A 30 -0.92 -8.37 4.71
CA GLU A 30 0.46 -7.90 4.63
C GLU A 30 0.52 -6.40 4.30
N ILE A 31 1.24 -5.67 5.15
CA ILE A 31 1.42 -4.22 5.06
C ILE A 31 2.92 -3.89 5.07
N ARG A 32 3.33 -2.90 4.29
CA ARG A 32 4.73 -2.42 4.24
C ARG A 32 4.77 -0.94 4.65
N THR A 33 5.89 -0.54 5.26
CA THR A 33 6.14 0.85 5.62
C THR A 33 7.29 1.40 4.75
N ALA A 34 7.20 2.68 4.40
CA ALA A 34 8.23 3.38 3.62
C ALA A 34 8.55 4.72 4.27
N THR A 35 9.84 5.00 4.43
CA THR A 35 10.36 6.25 5.01
C THR A 35 11.51 6.78 4.13
N SER A 36 12.25 5.84 3.54
CA SER A 36 13.35 6.11 2.60
C SER A 36 13.06 5.41 1.25
N SER A 37 13.77 5.85 0.19
CA SER A 37 13.67 5.27 -1.16
C SER A 37 14.15 3.80 -1.18
N GLN A 38 14.98 3.42 -0.19
CA GLN A 38 15.42 2.03 0.03
C GLN A 38 14.21 1.11 0.32
N ASP A 39 13.30 1.60 1.19
CA ASP A 39 12.04 0.90 1.54
C ASP A 39 11.15 0.76 0.30
N ILE A 40 11.02 1.86 -0.45
CA ILE A 40 10.21 1.94 -1.69
C ILE A 40 10.59 0.81 -2.69
N ARG A 41 11.89 0.71 -2.98
CA ARG A 41 12.44 -0.28 -3.94
C ARG A 41 12.37 -1.71 -3.37
N ASP A 42 12.48 -1.82 -2.03
CA ASP A 42 12.32 -3.09 -1.29
C ASP A 42 10.90 -3.67 -1.50
N ILE A 43 9.89 -2.81 -1.38
CA ILE A 43 8.48 -3.20 -1.48
C ILE A 43 8.15 -3.69 -2.90
N ILE A 44 8.56 -2.91 -3.91
CA ILE A 44 8.35 -3.24 -5.35
C ILE A 44 9.09 -4.55 -5.72
N LYS A 45 10.28 -4.73 -5.13
CA LYS A 45 11.08 -5.98 -5.26
C LYS A 45 10.31 -7.17 -4.65
N SER A 46 9.61 -6.92 -3.52
CA SER A 46 8.78 -7.94 -2.85
C SER A 46 7.50 -8.26 -3.65
N MET A 47 7.07 -7.29 -4.50
CA MET A 47 5.91 -7.46 -5.41
C MET A 47 6.34 -8.17 -6.72
N LYS A 48 7.63 -8.05 -7.04
CA LYS A 48 8.26 -8.78 -8.16
C LYS A 48 8.59 -10.23 -7.73
N ASP A 49 8.95 -10.37 -6.45
CA ASP A 49 9.29 -11.66 -5.82
C ASP A 49 8.00 -12.48 -5.64
N ASN A 50 6.99 -11.81 -5.10
CA ASN A 50 5.64 -12.36 -4.87
C ASN A 50 4.59 -11.37 -5.41
N GLY A 51 3.88 -11.75 -6.48
CA GLY A 51 2.86 -10.89 -7.11
C GLY A 51 1.57 -10.82 -6.31
N LYS A 52 1.66 -10.22 -5.12
CA LYS A 52 0.59 -10.25 -4.08
C LYS A 52 0.07 -8.83 -3.80
N PRO A 53 -1.11 -8.68 -3.12
CA PRO A 53 -1.54 -7.38 -2.56
C PRO A 53 -0.69 -6.93 -1.33
N LEU A 54 -0.43 -5.61 -1.26
CA LEU A 54 0.29 -4.94 -0.15
C LEU A 54 -0.33 -3.55 0.09
N VAL A 55 -0.09 -2.98 1.28
CA VAL A 55 -0.51 -1.60 1.63
C VAL A 55 0.71 -0.82 2.12
N VAL A 56 1.21 0.14 1.32
CA VAL A 56 2.39 0.96 1.69
C VAL A 56 1.97 2.25 2.42
N PHE A 57 2.41 2.38 3.67
CA PHE A 57 2.29 3.63 4.43
C PHE A 57 3.61 4.42 4.30
N VAL A 58 3.58 5.53 3.54
CA VAL A 58 4.75 6.42 3.36
C VAL A 58 4.77 7.52 4.45
N ASN A 59 5.56 7.28 5.51
CA ASN A 59 5.67 8.16 6.69
C ASN A 59 6.30 9.52 6.34
N GLY A 60 5.43 10.45 5.87
CA GLY A 60 5.82 11.81 5.49
C GLY A 60 6.91 11.86 4.41
N ALA A 61 6.93 10.80 3.57
CA ALA A 61 7.96 10.62 2.54
C ALA A 61 7.90 11.71 1.46
N SER A 62 9.08 12.12 0.95
CA SER A 62 9.20 13.22 -0.01
C SER A 62 8.76 12.77 -1.42
N GLN A 63 8.77 13.73 -2.37
CA GLN A 63 8.32 13.50 -3.76
C GLN A 63 9.18 12.45 -4.46
N ASN A 64 10.48 12.36 -4.06
CA ASN A 64 11.43 11.35 -4.60
C ASN A 64 10.91 9.92 -4.40
N ASP A 65 10.46 9.63 -3.17
CA ASP A 65 9.93 8.30 -2.77
C ASP A 65 8.72 7.90 -3.63
N VAL A 66 7.80 8.87 -3.78
CA VAL A 66 6.56 8.70 -4.54
C VAL A 66 6.87 8.44 -6.03
N ASN A 67 7.92 9.11 -6.55
CA ASN A 67 8.35 8.99 -7.97
C ASN A 67 9.00 7.63 -8.24
N GLU A 68 9.91 7.19 -7.34
CA GLU A 68 10.60 5.88 -7.45
C GLU A 68 9.55 4.75 -7.44
N PHE A 69 8.53 4.94 -6.58
CA PHE A 69 7.45 3.98 -6.38
C PHE A 69 6.63 3.79 -7.66
N GLN A 70 6.09 4.91 -8.16
CA GLN A 70 5.20 4.93 -9.32
C GLN A 70 5.90 4.43 -10.59
N ASN A 71 7.13 4.94 -10.85
CA ASN A 71 7.90 4.60 -12.07
C ASN A 71 8.25 3.10 -12.12
N GLU A 72 8.86 2.58 -11.03
CA GLU A 72 9.29 1.17 -10.96
C GLU A 72 8.11 0.19 -10.91
N ALA A 73 6.94 0.67 -10.46
CA ALA A 73 5.71 -0.11 -10.50
C ALA A 73 5.13 -0.21 -11.94
N LYS A 74 4.84 0.95 -12.56
CA LYS A 74 4.14 1.02 -13.88
C LYS A 74 4.96 0.41 -15.03
N LYS A 75 6.31 0.50 -14.93
CA LYS A 75 7.21 -0.06 -15.97
C LYS A 75 7.15 -1.59 -15.98
N GLU A 76 6.94 -2.16 -14.78
CA GLU A 76 6.81 -3.61 -14.56
C GLU A 76 5.36 -4.06 -14.68
N GLY A 77 4.45 -3.07 -14.72
CA GLY A 77 3.01 -3.29 -14.78
C GLY A 77 2.42 -3.75 -13.46
N VAL A 78 3.12 -3.43 -12.36
CA VAL A 78 2.61 -3.61 -11.01
C VAL A 78 1.53 -2.56 -10.76
N SER A 79 0.33 -3.02 -10.39
CA SER A 79 -0.83 -2.17 -10.16
C SER A 79 -0.68 -1.44 -8.80
N TYR A 80 -0.65 -0.10 -8.83
CA TYR A 80 -0.56 0.74 -7.63
C TYR A 80 -1.73 1.74 -7.63
N ASP A 81 -2.33 1.90 -6.45
CA ASP A 81 -3.47 2.81 -6.22
C ASP A 81 -3.05 3.79 -5.12
N VAL A 82 -3.04 5.09 -5.43
CA VAL A 82 -2.60 6.10 -4.45
C VAL A 82 -3.82 6.61 -3.66
N LEU A 83 -3.59 6.88 -2.36
CA LEU A 83 -4.60 7.27 -1.41
C LEU A 83 -4.10 8.50 -0.66
N LYS A 84 -4.50 9.69 -1.12
CA LYS A 84 -4.04 10.96 -0.52
C LYS A 84 -5.12 11.45 0.45
N SER A 85 -4.93 11.17 1.74
CA SER A 85 -5.91 11.47 2.81
C SER A 85 -5.17 11.77 4.11
N THR A 86 -5.92 12.16 5.17
CA THR A 86 -5.36 12.40 6.52
C THR A 86 -6.31 11.86 7.61
N ASP A 87 -7.55 11.48 7.22
CA ASP A 87 -8.57 10.96 8.16
C ASP A 87 -8.23 9.53 8.59
N PRO A 88 -7.95 9.26 9.91
CA PRO A 88 -7.59 7.92 10.42
C PRO A 88 -8.69 6.87 10.19
N GLU A 89 -9.96 7.28 10.38
CA GLU A 89 -11.12 6.41 10.15
C GLU A 89 -11.23 5.98 8.67
N GLU A 90 -11.02 6.93 7.75
CA GLU A 90 -11.12 6.70 6.31
C GLU A 90 -10.02 5.75 5.85
N LEU A 91 -8.77 6.04 6.28
CA LEU A 91 -7.60 5.23 5.93
C LEU A 91 -7.78 3.76 6.37
N THR A 92 -8.34 3.55 7.59
CA THR A 92 -8.60 2.21 8.15
C THR A 92 -9.61 1.42 7.27
N GLN A 93 -10.73 2.08 6.89
CA GLN A 93 -11.75 1.44 6.05
C GLN A 93 -11.26 1.30 4.58
N ARG A 94 -10.33 2.18 4.16
CA ARG A 94 -9.73 2.10 2.82
C ARG A 94 -8.83 0.87 2.71
N VAL A 95 -8.14 0.54 3.81
CA VAL A 95 -7.28 -0.66 3.89
C VAL A 95 -8.15 -1.92 3.72
N ARG A 96 -9.28 -2.04 4.49
CA ARG A 96 -10.15 -3.26 4.43
C ARG A 96 -10.83 -3.40 3.06
N GLU A 97 -11.25 -2.27 2.45
CA GLU A 97 -11.90 -2.26 1.12
C GLU A 97 -10.89 -2.55 0.00
N PHE A 98 -9.62 -2.17 0.23
CA PHE A 98 -8.51 -2.53 -0.67
C PHE A 98 -8.29 -4.04 -0.63
N LEU A 99 -8.12 -4.59 0.58
CA LEU A 99 -7.89 -6.03 0.81
C LEU A 99 -9.10 -6.86 0.30
N LYS A 100 -10.29 -6.23 0.37
CA LYS A 100 -11.57 -6.79 -0.10
C LYS A 100 -11.53 -7.03 -1.62
N THR A 101 -11.18 -5.96 -2.37
CA THR A 101 -11.09 -6.03 -3.85
C THR A 101 -9.83 -6.79 -4.30
N ALA A 102 -8.79 -6.79 -3.44
CA ALA A 102 -7.48 -7.38 -3.74
C ALA A 102 -7.50 -8.93 -3.69
N GLY A 103 -8.55 -9.49 -3.05
CA GLY A 103 -8.80 -10.94 -3.11
C GLY A 103 -9.00 -11.45 -4.53
N SER A 104 -9.54 -10.57 -5.41
CA SER A 104 -9.71 -10.83 -6.84
C SER A 104 -8.91 -9.78 -7.66
N LEU A 105 -7.74 -10.18 -8.18
CA LEU A 105 -6.89 -9.31 -9.01
C LEU A 105 -7.36 -9.39 -10.47
N GLU A 106 -7.77 -8.23 -11.03
CA GLU A 106 -8.32 -8.15 -12.38
C GLU A 106 -7.27 -8.59 -13.43
N HIS A 107 -7.59 -9.70 -14.11
CA HIS A 107 -6.72 -10.33 -15.11
C HIS A 107 -6.62 -9.46 -16.38
N HIS A 108 -5.60 -8.63 -16.41
CA HIS A 108 -5.15 -7.92 -17.60
C HIS A 108 -3.61 -8.00 -17.65
N HIS A 109 -3.08 -8.69 -18.67
CA HIS A 109 -1.63 -8.86 -18.82
C HIS A 109 -1.02 -7.55 -19.33
N HIS A 110 -0.26 -6.89 -18.45
CA HIS A 110 0.55 -5.72 -18.79
C HIS A 110 1.65 -6.13 -19.81
N HIS A 111 1.85 -5.31 -20.85
CA HIS A 111 2.80 -5.60 -21.93
C HIS A 111 4.23 -5.21 -21.49
N HIS A 112 4.86 -6.14 -20.74
CA HIS A 112 6.24 -5.99 -20.23
C HIS A 112 7.13 -7.07 -20.89
N MET A 1 -1.31 -10.68 -9.34
CA MET A 1 -1.59 -9.47 -10.15
C MET A 1 -0.60 -8.34 -9.83
N GLY A 2 -0.15 -8.27 -8.56
CA GLY A 2 0.73 -7.20 -8.11
C GLY A 2 -0.04 -5.90 -7.94
N LYS A 3 -0.77 -5.76 -6.82
CA LYS A 3 -1.59 -4.56 -6.54
C LYS A 3 -1.28 -4.05 -5.13
N VAL A 4 -1.10 -2.73 -4.99
CA VAL A 4 -0.70 -2.09 -3.73
C VAL A 4 -1.41 -0.73 -3.55
N LEU A 5 -1.70 -0.39 -2.29
CA LEU A 5 -2.34 0.89 -1.91
C LEU A 5 -1.29 1.81 -1.28
N LEU A 6 -0.89 2.85 -2.02
CA LEU A 6 0.06 3.86 -1.56
C LEU A 6 -0.68 4.89 -0.68
N VAL A 7 -0.68 4.64 0.64
CA VAL A 7 -1.25 5.56 1.63
C VAL A 7 -0.23 6.65 1.96
N ILE A 8 -0.49 7.86 1.46
CA ILE A 8 0.31 9.05 1.72
C ILE A 8 -0.44 9.94 2.71
N SER A 9 0.13 10.11 3.91
CA SER A 9 -0.40 11.00 4.93
C SER A 9 0.75 11.87 5.45
N THR A 10 0.52 13.19 5.57
CA THR A 10 1.48 14.12 6.14
C THR A 10 1.62 13.88 7.67
N ASP A 11 0.49 13.49 8.30
CA ASP A 11 0.45 13.12 9.73
C ASP A 11 0.93 11.67 9.90
N THR A 12 2.15 11.52 10.43
CA THR A 12 2.74 10.21 10.77
C THR A 12 1.99 9.57 11.97
N ASN A 13 1.30 10.43 12.75
CA ASN A 13 0.44 10.00 13.87
C ASN A 13 -0.78 9.23 13.34
N ILE A 14 -1.42 9.79 12.29
CA ILE A 14 -2.61 9.19 11.68
C ILE A 14 -2.23 7.87 10.96
N ILE A 15 -1.03 7.85 10.35
CA ILE A 15 -0.41 6.63 9.81
C ILE A 15 -0.29 5.57 10.91
N SER A 16 0.28 5.98 12.05
CA SER A 16 0.54 5.12 13.21
C SER A 16 -0.77 4.52 13.76
N SER A 17 -1.83 5.34 13.80
CA SER A 17 -3.15 4.91 14.29
C SER A 17 -3.75 3.82 13.37
N VAL A 18 -3.86 4.15 12.08
CA VAL A 18 -4.51 3.29 11.06
C VAL A 18 -3.73 1.98 10.85
N GLN A 19 -2.40 2.11 10.65
CA GLN A 19 -1.52 0.99 10.32
C GLN A 19 -1.46 -0.03 11.46
N GLU A 20 -1.33 0.45 12.72
CA GLU A 20 -1.28 -0.44 13.92
C GLU A 20 -2.61 -1.18 14.10
N ARG A 21 -3.75 -0.47 13.89
CA ARG A 21 -5.09 -1.08 13.96
C ARG A 21 -5.27 -2.14 12.86
N ALA A 22 -4.74 -1.83 11.66
CA ALA A 22 -4.85 -2.71 10.50
C ALA A 22 -3.98 -3.97 10.66
N LYS A 23 -2.85 -3.85 11.37
CA LYS A 23 -1.94 -4.99 11.67
C LYS A 23 -2.50 -5.84 12.83
N HIS A 24 -3.05 -5.16 13.85
CA HIS A 24 -3.57 -5.81 15.06
C HIS A 24 -4.86 -6.59 14.73
N ASN A 25 -5.75 -5.95 13.95
CA ASN A 25 -7.06 -6.52 13.59
C ASN A 25 -6.94 -7.50 12.41
N TYR A 26 -5.98 -7.25 11.50
CA TYR A 26 -5.66 -8.17 10.39
C TYR A 26 -4.22 -8.71 10.56
N PRO A 27 -4.02 -9.78 11.40
CA PRO A 27 -2.67 -10.32 11.72
C PRO A 27 -2.02 -11.07 10.53
N GLY A 28 -2.86 -11.64 9.65
CA GLY A 28 -2.41 -12.39 8.48
C GLY A 28 -2.42 -11.53 7.21
N ARG A 29 -2.26 -10.21 7.38
CA ARG A 29 -2.12 -9.25 6.27
C ARG A 29 -0.77 -8.54 6.39
N GLU A 30 -0.02 -8.52 5.29
CA GLU A 30 1.31 -7.88 5.21
C GLU A 30 1.10 -6.40 4.84
N ILE A 31 1.62 -5.50 5.67
CA ILE A 31 1.56 -4.05 5.46
C ILE A 31 2.99 -3.51 5.51
N ARG A 32 3.35 -2.67 4.53
CA ARG A 32 4.68 -2.09 4.39
C ARG A 32 4.67 -0.63 4.89
N THR A 33 5.78 -0.22 5.53
CA THR A 33 5.95 1.13 6.05
C THR A 33 7.22 1.74 5.41
N ALA A 34 7.02 2.56 4.37
CA ALA A 34 8.12 3.14 3.60
C ALA A 34 8.76 4.32 4.35
N THR A 35 10.03 4.15 4.73
CA THR A 35 10.82 5.18 5.43
C THR A 35 11.68 5.98 4.42
N SER A 36 12.07 5.30 3.32
CA SER A 36 13.02 5.84 2.33
C SER A 36 12.60 5.40 0.91
N SER A 37 13.21 6.03 -0.12
CA SER A 37 13.04 5.64 -1.52
C SER A 37 13.74 4.29 -1.79
N GLN A 38 14.79 4.00 -0.99
CA GLN A 38 15.49 2.70 -1.00
C GLN A 38 14.56 1.61 -0.41
N ASP A 39 13.76 2.00 0.60
CA ASP A 39 12.73 1.14 1.19
C ASP A 39 11.66 0.84 0.13
N ILE A 40 11.23 1.90 -0.60
CA ILE A 40 10.31 1.80 -1.75
C ILE A 40 10.80 0.74 -2.77
N ARG A 41 12.11 0.81 -3.10
CA ARG A 41 12.75 -0.14 -4.02
C ARG A 41 12.64 -1.61 -3.52
N ASP A 42 12.88 -1.80 -2.20
CA ASP A 42 12.79 -3.13 -1.55
C ASP A 42 11.35 -3.69 -1.60
N ILE A 43 10.36 -2.80 -1.38
CA ILE A 43 8.92 -3.14 -1.37
C ILE A 43 8.47 -3.67 -2.75
N ILE A 44 8.73 -2.88 -3.80
CA ILE A 44 8.34 -3.21 -5.19
C ILE A 44 9.09 -4.46 -5.67
N LYS A 45 10.36 -4.60 -5.24
CA LYS A 45 11.20 -5.78 -5.49
C LYS A 45 10.52 -7.07 -4.94
N SER A 46 9.91 -6.93 -3.75
CA SER A 46 9.15 -8.01 -3.09
C SER A 46 7.83 -8.32 -3.85
N MET A 47 7.19 -7.29 -4.42
CA MET A 47 5.93 -7.41 -5.17
C MET A 47 6.13 -8.17 -6.49
N LYS A 48 7.35 -8.06 -7.04
CA LYS A 48 7.75 -8.83 -8.25
C LYS A 48 7.87 -10.32 -7.91
N ASP A 49 8.38 -10.62 -6.71
CA ASP A 49 8.57 -12.00 -6.21
C ASP A 49 7.22 -12.69 -5.99
N ASN A 50 6.24 -11.94 -5.46
CA ASN A 50 4.88 -12.44 -5.22
C ASN A 50 3.88 -11.29 -5.43
N GLY A 51 3.08 -11.40 -6.51
CA GLY A 51 2.14 -10.37 -6.92
C GLY A 51 0.80 -10.47 -6.20
N LYS A 52 0.82 -10.24 -4.90
CA LYS A 52 -0.38 -10.28 -4.01
C LYS A 52 -0.78 -8.84 -3.60
N PRO A 53 -1.97 -8.62 -2.95
CA PRO A 53 -2.32 -7.31 -2.35
C PRO A 53 -1.32 -6.86 -1.24
N LEU A 54 -1.01 -5.55 -1.24
CA LEU A 54 -0.18 -4.88 -0.21
C LEU A 54 -0.73 -3.47 0.04
N VAL A 55 -0.33 -2.87 1.18
CA VAL A 55 -0.69 -1.47 1.53
C VAL A 55 0.58 -0.80 2.10
N VAL A 56 1.13 0.18 1.36
CA VAL A 56 2.34 0.94 1.76
C VAL A 56 1.96 2.30 2.38
N PHE A 57 2.19 2.42 3.70
CA PHE A 57 2.13 3.71 4.41
C PHE A 57 3.52 4.40 4.34
N VAL A 58 3.61 5.51 3.60
CA VAL A 58 4.83 6.31 3.53
C VAL A 58 4.86 7.33 4.70
N ASN A 59 5.81 7.13 5.64
CA ASN A 59 5.98 8.02 6.81
C ASN A 59 6.64 9.34 6.41
N GLY A 60 5.81 10.30 5.96
CA GLY A 60 6.27 11.63 5.56
C GLY A 60 7.36 11.60 4.49
N ALA A 61 7.25 10.62 3.58
CA ALA A 61 8.23 10.41 2.51
C ALA A 61 8.08 11.48 1.42
N SER A 62 9.20 11.84 0.78
CA SER A 62 9.25 12.95 -0.19
C SER A 62 8.53 12.56 -1.49
N GLN A 63 8.24 13.57 -2.35
CA GLN A 63 7.65 13.37 -3.68
C GLN A 63 8.55 12.48 -4.55
N ASN A 64 9.88 12.51 -4.26
CA ASN A 64 10.88 11.64 -4.91
C ASN A 64 10.55 10.16 -4.66
N ASP A 65 10.29 9.82 -3.37
CA ASP A 65 9.93 8.46 -2.92
C ASP A 65 8.65 7.96 -3.62
N VAL A 66 7.70 8.90 -3.77
CA VAL A 66 6.41 8.67 -4.44
C VAL A 66 6.62 8.44 -5.95
N ASN A 67 7.58 9.16 -6.55
CA ASN A 67 7.94 9.00 -7.99
C ASN A 67 8.60 7.64 -8.22
N GLU A 68 9.50 7.26 -7.28
CA GLU A 68 10.18 5.95 -7.27
C GLU A 68 9.14 4.82 -7.25
N PHE A 69 8.10 5.02 -6.42
CA PHE A 69 7.02 4.06 -6.25
C PHE A 69 6.23 3.86 -7.55
N GLN A 70 5.75 4.98 -8.11
CA GLN A 70 4.88 4.99 -9.27
C GLN A 70 5.58 4.44 -10.53
N ASN A 71 6.78 4.96 -10.83
CA ASN A 71 7.57 4.56 -12.02
C ASN A 71 8.01 3.09 -11.96
N GLU A 72 8.63 2.70 -10.82
CA GLU A 72 9.18 1.35 -10.66
C GLU A 72 8.07 0.27 -10.59
N ALA A 73 6.85 0.67 -10.21
CA ALA A 73 5.67 -0.23 -10.24
C ALA A 73 5.14 -0.39 -11.69
N LYS A 74 4.88 0.75 -12.38
CA LYS A 74 4.18 0.76 -13.70
C LYS A 74 5.01 0.09 -14.81
N LYS A 75 6.35 0.23 -14.71
CA LYS A 75 7.28 -0.33 -15.73
C LYS A 75 7.23 -1.86 -15.74
N GLU A 76 6.87 -2.45 -14.58
CA GLU A 76 6.76 -3.91 -14.40
C GLU A 76 5.31 -4.39 -14.61
N GLY A 77 4.35 -3.46 -14.51
CA GLY A 77 2.93 -3.78 -14.55
C GLY A 77 2.35 -4.08 -13.18
N VAL A 78 3.09 -3.71 -12.12
CA VAL A 78 2.58 -3.73 -10.74
C VAL A 78 1.53 -2.61 -10.61
N SER A 79 0.26 -3.02 -10.68
CA SER A 79 -0.89 -2.10 -10.65
C SER A 79 -1.02 -1.46 -9.26
N TYR A 80 -0.35 -0.31 -9.10
CA TYR A 80 -0.37 0.45 -7.86
C TYR A 80 -1.59 1.38 -7.84
N ASP A 81 -1.98 1.79 -6.65
CA ASP A 81 -3.05 2.78 -6.41
C ASP A 81 -2.43 3.88 -5.55
N VAL A 82 -2.82 5.14 -5.74
CA VAL A 82 -2.28 6.29 -4.96
C VAL A 82 -3.40 6.96 -4.17
N LEU A 83 -3.12 7.23 -2.88
CA LEU A 83 -4.09 7.81 -1.94
C LEU A 83 -3.41 8.92 -1.13
N LYS A 84 -3.89 10.16 -1.28
CA LYS A 84 -3.45 11.29 -0.42
C LYS A 84 -4.62 11.69 0.50
N SER A 85 -4.50 11.30 1.77
CA SER A 85 -5.52 11.56 2.81
C SER A 85 -4.88 11.43 4.19
N THR A 86 -5.30 12.29 5.13
CA THR A 86 -4.88 12.22 6.55
C THR A 86 -6.10 11.98 7.46
N ASP A 87 -7.20 11.47 6.87
CA ASP A 87 -8.44 11.17 7.61
C ASP A 87 -8.33 9.76 8.22
N PRO A 88 -8.20 9.62 9.58
CA PRO A 88 -8.01 8.30 10.24
C PRO A 88 -9.12 7.30 9.90
N GLU A 89 -10.37 7.79 9.87
CA GLU A 89 -11.56 6.98 9.55
C GLU A 89 -11.47 6.40 8.11
N GLU A 90 -11.10 7.28 7.14
CA GLU A 90 -11.07 6.94 5.72
C GLU A 90 -9.95 5.94 5.45
N LEU A 91 -8.75 6.26 5.93
CA LEU A 91 -7.55 5.44 5.72
C LEU A 91 -7.74 4.01 6.27
N THR A 92 -8.41 3.91 7.45
CA THR A 92 -8.75 2.61 8.09
C THR A 92 -9.65 1.77 7.16
N GLN A 93 -10.72 2.39 6.63
CA GLN A 93 -11.65 1.68 5.74
C GLN A 93 -11.01 1.41 4.36
N ARG A 94 -10.09 2.28 3.91
CA ARG A 94 -9.41 2.15 2.60
C ARG A 94 -8.53 0.89 2.55
N VAL A 95 -7.86 0.58 3.68
CA VAL A 95 -7.03 -0.63 3.80
C VAL A 95 -7.89 -1.89 3.60
N ARG A 96 -8.98 -2.03 4.39
CA ARG A 96 -9.83 -3.24 4.38
C ARG A 96 -10.63 -3.36 3.07
N GLU A 97 -11.02 -2.20 2.48
CA GLU A 97 -11.68 -2.15 1.17
C GLU A 97 -10.72 -2.63 0.08
N PHE A 98 -9.42 -2.31 0.25
CA PHE A 98 -8.37 -2.68 -0.70
C PHE A 98 -8.06 -4.19 -0.60
N LEU A 99 -8.06 -4.72 0.64
CA LEU A 99 -7.84 -6.15 0.90
C LEU A 99 -8.98 -7.00 0.29
N LYS A 100 -10.17 -6.39 0.27
CA LYS A 100 -11.38 -6.98 -0.35
C LYS A 100 -11.22 -6.98 -1.89
N THR A 101 -10.98 -5.81 -2.49
CA THR A 101 -11.03 -5.65 -3.95
C THR A 101 -9.80 -6.24 -4.66
N ALA A 102 -8.61 -6.12 -4.04
CA ALA A 102 -7.34 -6.62 -4.60
C ALA A 102 -7.15 -8.11 -4.29
N GLY A 103 -7.81 -8.59 -3.21
CA GLY A 103 -7.83 -10.02 -2.86
C GLY A 103 -9.19 -10.65 -3.17
N SER A 104 -9.50 -11.76 -2.48
CA SER A 104 -10.79 -12.54 -2.54
C SER A 104 -11.19 -12.95 -3.99
N LEU A 105 -11.63 -11.96 -4.79
CA LEU A 105 -12.07 -12.10 -6.20
C LEU A 105 -10.95 -12.69 -7.08
N GLU A 106 -11.31 -13.23 -8.26
CA GLU A 106 -10.33 -13.73 -9.24
C GLU A 106 -9.65 -12.54 -9.96
N HIS A 107 -8.32 -12.57 -10.07
CA HIS A 107 -7.53 -11.45 -10.64
C HIS A 107 -6.57 -11.98 -11.70
N HIS A 108 -6.81 -11.57 -12.95
CA HIS A 108 -5.96 -11.91 -14.09
C HIS A 108 -4.72 -11.01 -14.07
N HIS A 109 -3.59 -11.54 -14.59
CA HIS A 109 -2.28 -10.84 -14.54
C HIS A 109 -2.30 -9.53 -15.36
N HIS A 110 -1.72 -8.47 -14.77
CA HIS A 110 -1.70 -7.13 -15.38
C HIS A 110 -0.38 -6.94 -16.16
N HIS A 111 -0.52 -6.59 -17.46
CA HIS A 111 0.62 -6.32 -18.38
C HIS A 111 1.19 -4.91 -18.13
N HIS A 112 2.23 -4.55 -18.89
CA HIS A 112 2.86 -3.21 -18.86
C HIS A 112 3.06 -2.71 -20.31
N MET A 1 -0.81 -8.97 -11.14
CA MET A 1 0.09 -9.91 -10.44
C MET A 1 0.35 -9.38 -9.02
N GLY A 2 1.08 -8.25 -8.95
CA GLY A 2 1.26 -7.50 -7.70
C GLY A 2 0.18 -6.44 -7.57
N LYS A 3 -0.32 -6.24 -6.33
CA LYS A 3 -1.41 -5.29 -6.05
C LYS A 3 -1.06 -4.54 -4.75
N VAL A 4 -1.05 -3.19 -4.77
CA VAL A 4 -0.60 -2.40 -3.59
C VAL A 4 -1.40 -1.10 -3.41
N LEU A 5 -1.59 -0.70 -2.15
CA LEU A 5 -2.19 0.58 -1.76
C LEU A 5 -1.10 1.50 -1.19
N LEU A 6 -0.64 2.45 -2.01
CA LEU A 6 0.28 3.50 -1.58
C LEU A 6 -0.49 4.55 -0.75
N VAL A 7 -0.50 4.38 0.57
CA VAL A 7 -1.09 5.34 1.51
C VAL A 7 -0.09 6.48 1.76
N ILE A 8 -0.54 7.72 1.53
CA ILE A 8 0.29 8.93 1.65
C ILE A 8 -0.39 9.91 2.62
N SER A 9 0.37 10.28 3.64
CA SER A 9 -0.05 11.23 4.68
C SER A 9 1.21 11.90 5.24
N THR A 10 1.10 13.19 5.58
CA THR A 10 2.21 13.95 6.18
C THR A 10 2.17 13.80 7.72
N ASP A 11 1.04 13.27 8.23
CA ASP A 11 0.80 13.06 9.66
C ASP A 11 1.20 11.63 10.07
N THR A 12 2.45 11.50 10.52
CA THR A 12 3.07 10.23 10.93
C THR A 12 2.30 9.53 12.09
N ASN A 13 1.75 10.36 13.00
CA ASN A 13 0.97 9.87 14.16
C ASN A 13 -0.32 9.15 13.69
N ILE A 14 -1.00 9.73 12.68
CA ILE A 14 -2.23 9.17 12.10
C ILE A 14 -1.93 7.85 11.37
N ILE A 15 -0.83 7.86 10.60
CA ILE A 15 -0.34 6.70 9.85
C ILE A 15 -0.14 5.49 10.78
N SER A 16 0.53 5.74 11.93
CA SER A 16 0.81 4.72 12.95
C SER A 16 -0.50 4.19 13.55
N SER A 17 -1.41 5.12 13.91
CA SER A 17 -2.71 4.77 14.53
C SER A 17 -3.52 3.80 13.67
N VAL A 18 -3.65 4.15 12.39
CA VAL A 18 -4.39 3.36 11.38
C VAL A 18 -3.72 2.01 11.14
N GLN A 19 -2.39 2.03 11.02
CA GLN A 19 -1.60 0.85 10.64
C GLN A 19 -1.63 -0.22 11.74
N GLU A 20 -1.69 0.23 13.02
CA GLU A 20 -1.87 -0.66 14.18
C GLU A 20 -3.23 -1.36 14.09
N ARG A 21 -4.27 -0.56 13.78
CA ARG A 21 -5.66 -1.05 13.64
C ARG A 21 -5.80 -2.01 12.45
N ALA A 22 -5.00 -1.74 11.39
CA ALA A 22 -5.06 -2.49 10.12
C ALA A 22 -4.38 -3.87 10.26
N LYS A 23 -3.19 -3.88 10.90
CA LYS A 23 -2.42 -5.13 11.13
C LYS A 23 -3.10 -6.00 12.21
N HIS A 24 -3.75 -5.36 13.19
CA HIS A 24 -4.42 -6.07 14.30
C HIS A 24 -5.73 -6.71 13.80
N ASN A 25 -6.47 -5.95 12.97
CA ASN A 25 -7.73 -6.42 12.34
C ASN A 25 -7.41 -7.58 11.37
N TYR A 26 -6.28 -7.42 10.64
CA TYR A 26 -5.86 -8.37 9.59
C TYR A 26 -4.45 -8.91 9.89
N PRO A 27 -4.32 -9.93 10.82
CA PRO A 27 -3.00 -10.48 11.24
C PRO A 27 -2.32 -11.34 10.13
N GLY A 28 -3.11 -11.71 9.10
CA GLY A 28 -2.61 -12.47 7.96
C GLY A 28 -2.39 -11.61 6.71
N ARG A 29 -2.52 -10.29 6.85
CA ARG A 29 -2.28 -9.33 5.75
C ARG A 29 -1.01 -8.53 6.06
N GLU A 30 0.01 -8.75 5.22
CA GLU A 30 1.31 -8.08 5.35
C GLU A 30 1.15 -6.61 4.92
N ILE A 31 1.58 -5.69 5.79
CA ILE A 31 1.47 -4.24 5.55
C ILE A 31 2.86 -3.60 5.75
N ARG A 32 3.26 -2.77 4.78
CA ARG A 32 4.61 -2.16 4.74
C ARG A 32 4.56 -0.67 5.09
N THR A 33 5.76 -0.11 5.33
CA THR A 33 5.94 1.29 5.71
C THR A 33 7.24 1.81 5.08
N ALA A 34 7.13 2.80 4.18
CA ALA A 34 8.29 3.32 3.45
C ALA A 34 9.12 4.25 4.35
N THR A 35 10.28 3.72 4.74
CA THR A 35 11.28 4.42 5.56
C THR A 35 12.01 5.49 4.71
N SER A 36 12.24 5.16 3.43
CA SER A 36 13.03 5.99 2.50
C SER A 36 12.64 5.63 1.05
N SER A 37 13.22 6.40 0.11
CA SER A 37 13.11 6.15 -1.34
C SER A 37 13.77 4.82 -1.72
N GLN A 38 14.83 4.44 -0.98
CA GLN A 38 15.49 3.13 -1.15
C GLN A 38 14.56 1.99 -0.67
N ASP A 39 13.85 2.25 0.44
CA ASP A 39 12.91 1.28 1.03
C ASP A 39 11.70 1.05 0.11
N ILE A 40 11.30 2.10 -0.63
CA ILE A 40 10.30 2.01 -1.72
C ILE A 40 10.69 0.89 -2.72
N ARG A 41 11.97 0.92 -3.15
CA ARG A 41 12.50 -0.04 -4.15
C ARG A 41 12.52 -1.46 -3.56
N ASP A 42 12.81 -1.54 -2.24
CA ASP A 42 12.85 -2.80 -1.46
C ASP A 42 11.47 -3.50 -1.47
N ILE A 43 10.42 -2.72 -1.17
CA ILE A 43 9.03 -3.21 -1.05
C ILE A 43 8.51 -3.73 -2.40
N ILE A 44 8.73 -2.95 -3.46
CA ILE A 44 8.24 -3.28 -4.81
C ILE A 44 9.00 -4.50 -5.38
N LYS A 45 10.29 -4.64 -5.00
CA LYS A 45 11.10 -5.83 -5.35
C LYS A 45 10.55 -7.09 -4.63
N SER A 46 10.02 -6.89 -3.41
CA SER A 46 9.33 -7.94 -2.64
C SER A 46 7.99 -8.33 -3.31
N MET A 47 7.38 -7.37 -4.03
CA MET A 47 6.17 -7.61 -4.85
C MET A 47 6.54 -8.31 -6.16
N LYS A 48 7.75 -8.06 -6.65
CA LYS A 48 8.29 -8.70 -7.86
C LYS A 48 8.69 -10.15 -7.59
N ASP A 49 9.09 -10.44 -6.35
CA ASP A 49 9.40 -11.79 -5.88
C ASP A 49 8.09 -12.55 -5.59
N ASN A 50 7.22 -11.88 -4.84
CA ASN A 50 5.95 -12.44 -4.37
C ASN A 50 4.82 -11.49 -4.81
N GLY A 51 4.25 -11.76 -6.00
CA GLY A 51 3.15 -10.97 -6.55
C GLY A 51 1.87 -11.16 -5.75
N LYS A 52 1.64 -10.26 -4.78
CA LYS A 52 0.54 -10.40 -3.80
C LYS A 52 0.05 -8.98 -3.36
N PRO A 53 -1.12 -8.86 -2.64
CA PRO A 53 -1.54 -7.60 -1.97
C PRO A 53 -0.56 -7.11 -0.86
N LEU A 54 -0.26 -5.81 -0.89
CA LEU A 54 0.50 -5.08 0.15
C LEU A 54 -0.12 -3.69 0.34
N VAL A 55 0.19 -3.03 1.46
CA VAL A 55 -0.25 -1.64 1.72
C VAL A 55 0.97 -0.83 2.22
N VAL A 56 1.51 0.06 1.38
CA VAL A 56 2.69 0.89 1.72
C VAL A 56 2.27 2.25 2.32
N PHE A 57 2.43 2.39 3.64
CA PHE A 57 2.27 3.69 4.32
C PHE A 57 3.60 4.48 4.24
N VAL A 58 3.65 5.57 3.44
CA VAL A 58 4.82 6.48 3.43
C VAL A 58 4.66 7.53 4.55
N ASN A 59 5.65 7.60 5.46
CA ASN A 59 5.57 8.45 6.67
C ASN A 59 6.14 9.85 6.40
N GLY A 60 5.23 10.76 5.95
CA GLY A 60 5.57 12.16 5.66
C GLY A 60 6.73 12.28 4.69
N ALA A 61 6.68 11.45 3.65
CA ALA A 61 7.77 11.30 2.68
C ALA A 61 7.71 12.39 1.60
N SER A 62 8.70 12.41 0.70
CA SER A 62 8.81 13.40 -0.38
C SER A 62 8.07 12.91 -1.65
N GLN A 63 8.00 13.78 -2.67
CA GLN A 63 7.45 13.43 -3.99
C GLN A 63 8.42 12.50 -4.76
N ASN A 64 9.73 12.59 -4.44
CA ASN A 64 10.80 11.82 -5.12
C ASN A 64 10.54 10.31 -5.02
N ASP A 65 10.34 9.82 -3.77
CA ASP A 65 10.11 8.38 -3.49
C ASP A 65 8.77 7.89 -4.06
N VAL A 66 7.75 8.78 -4.02
CA VAL A 66 6.42 8.51 -4.59
C VAL A 66 6.50 8.37 -6.12
N ASN A 67 7.37 9.20 -6.77
CA ASN A 67 7.63 9.11 -8.22
C ASN A 67 8.24 7.75 -8.53
N GLU A 68 9.30 7.38 -7.77
CA GLU A 68 10.03 6.12 -7.94
C GLU A 68 9.11 4.92 -7.70
N PHE A 69 8.13 5.07 -6.78
CA PHE A 69 7.14 4.03 -6.48
C PHE A 69 6.31 3.75 -7.72
N GLN A 70 5.76 4.83 -8.28
CA GLN A 70 4.84 4.77 -9.44
C GLN A 70 5.59 4.35 -10.71
N ASN A 71 6.92 4.66 -10.78
CA ASN A 71 7.79 4.22 -11.88
C ASN A 71 7.92 2.69 -11.87
N GLU A 72 8.44 2.16 -10.74
CA GLU A 72 8.69 0.71 -10.54
C GLU A 72 7.40 -0.10 -10.67
N ALA A 73 6.27 0.52 -10.31
CA ALA A 73 4.97 -0.12 -10.40
C ALA A 73 4.47 -0.18 -11.86
N LYS A 74 4.53 0.96 -12.60
CA LYS A 74 3.94 1.05 -13.95
C LYS A 74 4.77 0.27 -15.00
N LYS A 75 6.11 0.28 -14.84
CA LYS A 75 7.03 -0.34 -15.81
C LYS A 75 6.98 -1.88 -15.69
N GLU A 76 6.62 -2.37 -14.50
CA GLU A 76 6.48 -3.81 -14.22
C GLU A 76 5.00 -4.25 -14.26
N GLY A 77 4.09 -3.26 -14.35
CA GLY A 77 2.65 -3.53 -14.43
C GLY A 77 2.00 -3.84 -13.09
N VAL A 78 2.73 -3.61 -11.98
CA VAL A 78 2.24 -3.81 -10.60
C VAL A 78 1.04 -2.87 -10.33
N SER A 79 -0.15 -3.46 -10.13
CA SER A 79 -1.42 -2.74 -9.96
C SER A 79 -1.40 -1.92 -8.66
N TYR A 80 -1.03 -0.64 -8.75
CA TYR A 80 -0.88 0.26 -7.59
C TYR A 80 -2.05 1.25 -7.52
N ASP A 81 -2.39 1.65 -6.28
CA ASP A 81 -3.41 2.69 -6.01
C ASP A 81 -2.82 3.71 -5.05
N VAL A 82 -2.75 4.98 -5.47
CA VAL A 82 -2.22 6.08 -4.63
C VAL A 82 -3.38 6.74 -3.86
N LEU A 83 -3.14 7.06 -2.58
CA LEU A 83 -4.15 7.60 -1.66
C LEU A 83 -3.54 8.78 -0.88
N LYS A 84 -4.05 9.99 -1.09
CA LYS A 84 -3.71 11.17 -0.27
C LYS A 84 -4.85 11.41 0.73
N SER A 85 -4.57 11.19 2.04
CA SER A 85 -5.53 11.47 3.13
C SER A 85 -4.79 11.41 4.48
N THR A 86 -5.20 12.28 5.42
CA THR A 86 -4.69 12.31 6.80
C THR A 86 -5.85 12.05 7.79
N ASP A 87 -7.02 11.62 7.26
CA ASP A 87 -8.19 11.26 8.06
C ASP A 87 -7.99 9.82 8.57
N PRO A 88 -7.93 9.59 9.92
CA PRO A 88 -7.80 8.23 10.51
C PRO A 88 -8.81 7.22 9.93
N GLU A 89 -10.10 7.61 9.99
CA GLU A 89 -11.21 6.76 9.52
C GLU A 89 -11.09 6.41 8.02
N GLU A 90 -10.64 7.39 7.20
CA GLU A 90 -10.52 7.22 5.74
C GLU A 90 -9.46 6.17 5.42
N LEU A 91 -8.27 6.34 6.03
CA LEU A 91 -7.12 5.45 5.80
C LEU A 91 -7.46 3.99 6.21
N THR A 92 -8.13 3.87 7.38
CA THR A 92 -8.62 2.58 7.92
C THR A 92 -9.57 1.89 6.93
N GLN A 93 -10.48 2.71 6.40
CA GLN A 93 -11.53 2.32 5.47
C GLN A 93 -10.92 1.82 4.16
N ARG A 94 -9.92 2.55 3.65
CA ARG A 94 -9.32 2.26 2.35
C ARG A 94 -8.43 1.01 2.38
N VAL A 95 -7.91 0.62 3.58
CA VAL A 95 -7.15 -0.63 3.75
C VAL A 95 -8.07 -1.83 3.46
N ARG A 96 -9.25 -1.86 4.12
CA ARG A 96 -10.20 -2.98 3.97
C ARG A 96 -10.90 -2.98 2.61
N GLU A 97 -11.19 -1.78 2.06
CA GLU A 97 -11.78 -1.65 0.72
C GLU A 97 -10.79 -2.15 -0.35
N PHE A 98 -9.49 -1.88 -0.09
CA PHE A 98 -8.39 -2.36 -0.93
C PHE A 98 -8.34 -3.90 -0.91
N LEU A 99 -8.20 -4.48 0.30
CA LEU A 99 -8.04 -5.95 0.49
C LEU A 99 -9.23 -6.73 -0.09
N LYS A 100 -10.41 -6.09 -0.04
CA LYS A 100 -11.67 -6.64 -0.56
C LYS A 100 -11.62 -6.73 -2.10
N THR A 101 -11.29 -5.59 -2.77
CA THR A 101 -11.24 -5.52 -4.25
C THR A 101 -9.96 -6.21 -4.81
N ALA A 102 -8.94 -6.37 -3.94
CA ALA A 102 -7.66 -7.03 -4.30
C ALA A 102 -7.84 -8.55 -4.30
N GLY A 103 -8.81 -9.04 -3.52
CA GLY A 103 -9.11 -10.47 -3.43
C GLY A 103 -10.03 -10.96 -4.54
N SER A 104 -9.63 -10.69 -5.79
CA SER A 104 -10.38 -11.04 -7.01
C SER A 104 -9.45 -10.87 -8.22
N LEU A 105 -9.84 -11.44 -9.37
CA LEU A 105 -9.08 -11.36 -10.61
C LEU A 105 -8.95 -9.90 -11.10
N GLU A 106 -7.71 -9.37 -11.05
CA GLU A 106 -7.33 -8.05 -11.60
C GLU A 106 -7.70 -7.98 -13.10
N HIS A 107 -7.49 -9.12 -13.78
CA HIS A 107 -7.80 -9.30 -15.20
C HIS A 107 -8.99 -10.26 -15.33
N HIS A 108 -10.11 -9.78 -15.87
CA HIS A 108 -11.36 -10.56 -15.99
C HIS A 108 -11.60 -10.96 -17.46
N HIS A 109 -11.20 -12.19 -17.82
CA HIS A 109 -11.46 -12.78 -19.15
C HIS A 109 -11.20 -14.30 -19.11
N HIS A 110 -11.36 -14.95 -20.28
CA HIS A 110 -11.01 -16.39 -20.46
C HIS A 110 -10.31 -16.59 -21.82
N HIS A 111 -9.99 -17.86 -22.10
CA HIS A 111 -9.38 -18.29 -23.39
C HIS A 111 -9.75 -19.78 -23.62
N HIS A 112 -11.01 -20.09 -23.33
CA HIS A 112 -11.57 -21.45 -23.44
C HIS A 112 -13.10 -21.32 -23.65
N MET A 1 3.02 -8.36 -12.32
CA MET A 1 1.87 -8.68 -11.46
C MET A 1 2.08 -8.02 -10.09
N GLY A 2 0.96 -7.64 -9.46
CA GLY A 2 0.95 -7.02 -8.15
C GLY A 2 -0.07 -5.88 -8.09
N LYS A 3 -0.71 -5.72 -6.92
CA LYS A 3 -1.63 -4.60 -6.65
C LYS A 3 -1.30 -4.01 -5.27
N VAL A 4 -1.16 -2.68 -5.19
CA VAL A 4 -0.72 -2.02 -3.95
C VAL A 4 -1.50 -0.72 -3.68
N LEU A 5 -1.73 -0.42 -2.39
CA LEU A 5 -2.36 0.84 -1.96
C LEU A 5 -1.30 1.76 -1.35
N LEU A 6 -0.89 2.78 -2.12
CA LEU A 6 0.05 3.80 -1.69
C LEU A 6 -0.68 4.84 -0.81
N VAL A 7 -0.65 4.61 0.52
CA VAL A 7 -1.23 5.51 1.53
C VAL A 7 -0.20 6.61 1.88
N ILE A 8 -0.61 7.87 1.68
CA ILE A 8 0.26 9.05 1.86
C ILE A 8 -0.45 10.08 2.76
N SER A 9 0.32 10.65 3.68
CA SER A 9 -0.08 11.81 4.49
C SER A 9 1.20 12.47 5.03
N THR A 10 1.13 13.76 5.33
CA THR A 10 2.22 14.49 5.99
C THR A 10 2.14 14.29 7.51
N ASP A 11 0.94 13.92 8.01
CA ASP A 11 0.72 13.56 9.42
C ASP A 11 1.17 12.11 9.66
N THR A 12 2.34 11.95 10.28
CA THR A 12 2.89 10.62 10.67
C THR A 12 2.02 9.98 11.78
N ASN A 13 1.26 10.82 12.52
CA ASN A 13 0.32 10.35 13.57
C ASN A 13 -0.82 9.57 12.92
N ILE A 14 -1.48 10.19 11.92
CA ILE A 14 -2.63 9.61 11.20
C ILE A 14 -2.23 8.27 10.55
N ILE A 15 -1.08 8.28 9.86
CA ILE A 15 -0.50 7.08 9.22
C ILE A 15 -0.22 5.97 10.27
N SER A 16 0.42 6.37 11.38
CA SER A 16 0.81 5.43 12.47
C SER A 16 -0.43 4.78 13.10
N SER A 17 -1.49 5.59 13.31
CA SER A 17 -2.73 5.15 13.97
C SER A 17 -3.42 4.07 13.10
N VAL A 18 -3.62 4.40 11.82
CA VAL A 18 -4.26 3.51 10.83
C VAL A 18 -3.43 2.24 10.62
N GLN A 19 -2.11 2.40 10.55
CA GLN A 19 -1.15 1.31 10.33
C GLN A 19 -1.22 0.30 11.48
N GLU A 20 -1.28 0.82 12.72
CA GLU A 20 -1.45 0.00 13.92
C GLU A 20 -2.78 -0.78 13.85
N ARG A 21 -3.88 -0.05 13.64
CA ARG A 21 -5.25 -0.64 13.64
C ARG A 21 -5.40 -1.69 12.52
N ALA A 22 -4.70 -1.47 11.40
CA ALA A 22 -4.72 -2.38 10.25
C ALA A 22 -3.93 -3.67 10.55
N LYS A 23 -2.73 -3.51 11.13
CA LYS A 23 -1.83 -4.64 11.44
C LYS A 23 -2.30 -5.44 12.67
N HIS A 24 -3.04 -4.80 13.58
CA HIS A 24 -3.52 -5.44 14.82
C HIS A 24 -4.86 -6.13 14.59
N ASN A 25 -5.71 -5.55 13.72
CA ASN A 25 -7.02 -6.15 13.35
C ASN A 25 -6.82 -7.21 12.25
N TYR A 26 -5.75 -7.06 11.45
CA TYR A 26 -5.42 -7.98 10.33
C TYR A 26 -3.93 -8.42 10.46
N PRO A 27 -3.59 -9.31 11.45
CA PRO A 27 -2.20 -9.78 11.66
C PRO A 27 -1.69 -10.72 10.54
N GLY A 28 -2.65 -11.42 9.88
CA GLY A 28 -2.34 -12.36 8.80
C GLY A 28 -2.41 -11.73 7.41
N ARG A 29 -2.24 -10.39 7.34
CA ARG A 29 -2.25 -9.64 6.07
C ARG A 29 -0.88 -9.05 5.75
N GLU A 30 -0.54 -9.07 4.45
CA GLU A 30 0.69 -8.50 3.94
C GLU A 30 0.53 -6.98 3.79
N ILE A 31 1.02 -6.25 4.81
CA ILE A 31 1.05 -4.78 4.85
C ILE A 31 2.52 -4.32 4.80
N ARG A 32 2.77 -3.13 4.22
CA ARG A 32 4.11 -2.52 4.14
C ARG A 32 4.11 -1.12 4.75
N THR A 33 5.32 -0.64 5.03
CA THR A 33 5.59 0.70 5.51
C THR A 33 6.86 1.22 4.82
N ALA A 34 6.71 2.24 3.98
CA ALA A 34 7.84 2.92 3.35
C ALA A 34 8.27 4.10 4.22
N THR A 35 9.46 3.98 4.83
CA THR A 35 10.06 5.04 5.65
C THR A 35 11.03 5.86 4.76
N SER A 36 11.62 5.17 3.77
CA SER A 36 12.69 5.70 2.90
C SER A 36 12.63 5.06 1.49
N SER A 37 13.64 5.40 0.66
CA SER A 37 13.78 4.94 -0.73
C SER A 37 14.05 3.43 -0.81
N GLN A 38 14.82 2.91 0.17
CA GLN A 38 15.18 1.48 0.26
C GLN A 38 13.94 0.60 0.39
N ASP A 39 12.95 1.10 1.15
CA ASP A 39 11.64 0.44 1.29
C ASP A 39 10.97 0.33 -0.09
N ILE A 40 10.84 1.48 -0.78
CA ILE A 40 10.22 1.57 -2.13
C ILE A 40 10.79 0.50 -3.10
N ARG A 41 12.12 0.38 -3.08
CA ARG A 41 12.88 -0.58 -3.91
C ARG A 41 12.52 -2.04 -3.52
N ASP A 42 12.58 -2.34 -2.21
CA ASP A 42 12.39 -3.70 -1.67
C ASP A 42 10.94 -4.19 -1.83
N ILE A 43 9.98 -3.26 -1.70
CA ILE A 43 8.54 -3.53 -1.76
C ILE A 43 8.15 -3.96 -3.17
N ILE A 44 8.49 -3.12 -4.17
CA ILE A 44 8.12 -3.32 -5.58
C ILE A 44 8.86 -4.54 -6.17
N LYS A 45 10.08 -4.80 -5.66
CA LYS A 45 10.83 -6.01 -5.99
C LYS A 45 10.02 -7.24 -5.46
N SER A 46 9.52 -7.13 -4.22
CA SER A 46 8.74 -8.20 -3.56
C SER A 46 7.37 -8.40 -4.26
N MET A 47 6.82 -7.31 -4.83
CA MET A 47 5.55 -7.34 -5.59
C MET A 47 5.70 -8.19 -6.86
N LYS A 48 6.84 -8.03 -7.53
CA LYS A 48 7.16 -8.75 -8.78
C LYS A 48 7.68 -10.17 -8.53
N ASP A 49 8.53 -10.33 -7.52
CA ASP A 49 9.21 -11.60 -7.21
C ASP A 49 8.20 -12.63 -6.72
N ASN A 50 7.29 -12.19 -5.85
CA ASN A 50 6.22 -13.03 -5.30
C ASN A 50 5.01 -13.00 -6.26
N GLY A 51 4.42 -11.81 -6.43
CA GLY A 51 3.12 -11.67 -7.09
C GLY A 51 2.03 -11.63 -6.04
N LYS A 52 1.87 -10.46 -5.40
CA LYS A 52 1.12 -10.33 -4.14
C LYS A 52 0.41 -8.96 -4.04
N PRO A 53 -0.61 -8.81 -3.13
CA PRO A 53 -1.14 -7.50 -2.73
C PRO A 53 -0.44 -6.94 -1.46
N LEU A 54 -0.23 -5.61 -1.44
CA LEU A 54 0.41 -4.89 -0.29
C LEU A 54 -0.30 -3.54 -0.06
N VAL A 55 -0.16 -2.98 1.15
CA VAL A 55 -0.62 -1.62 1.48
C VAL A 55 0.58 -0.83 2.03
N VAL A 56 1.15 0.07 1.21
CA VAL A 56 2.35 0.84 1.57
C VAL A 56 1.99 2.16 2.26
N PHE A 57 2.29 2.26 3.57
CA PHE A 57 2.22 3.51 4.33
C PHE A 57 3.55 4.26 4.22
N VAL A 58 3.59 5.36 3.46
CA VAL A 58 4.78 6.23 3.41
C VAL A 58 4.72 7.23 4.60
N ASN A 59 5.38 6.84 5.72
CA ASN A 59 5.37 7.63 6.98
C ASN A 59 6.00 9.03 6.79
N GLY A 60 5.12 9.99 6.41
CA GLY A 60 5.50 11.40 6.17
C GLY A 60 6.67 11.55 5.21
N ALA A 61 6.70 10.66 4.20
CA ALA A 61 7.80 10.60 3.22
C ALA A 61 7.67 11.72 2.16
N SER A 62 8.72 11.88 1.36
CA SER A 62 8.81 12.98 0.37
C SER A 62 8.19 12.57 -0.97
N GLN A 63 7.91 13.55 -1.82
CA GLN A 63 7.36 13.31 -3.17
C GLN A 63 8.37 12.57 -4.05
N ASN A 64 9.67 12.67 -3.71
CA ASN A 64 10.76 11.99 -4.44
C ASN A 64 10.53 10.45 -4.48
N ASP A 65 10.45 9.81 -3.29
CA ASP A 65 10.27 8.34 -3.17
C ASP A 65 8.86 7.91 -3.65
N VAL A 66 7.88 8.85 -3.56
CA VAL A 66 6.53 8.65 -4.13
C VAL A 66 6.62 8.53 -5.68
N ASN A 67 7.42 9.42 -6.31
CA ASN A 67 7.64 9.41 -7.78
C ASN A 67 8.26 8.07 -8.19
N GLU A 68 9.30 7.67 -7.43
CA GLU A 68 10.04 6.43 -7.68
C GLU A 68 9.13 5.22 -7.48
N PHE A 69 8.21 5.31 -6.50
CA PHE A 69 7.22 4.23 -6.25
C PHE A 69 6.34 4.02 -7.47
N GLN A 70 5.88 5.14 -8.04
CA GLN A 70 5.00 5.15 -9.21
C GLN A 70 5.73 4.67 -10.47
N ASN A 71 6.98 5.15 -10.67
CA ASN A 71 7.79 4.85 -11.88
C ASN A 71 8.27 3.39 -11.88
N GLU A 72 8.75 2.91 -10.72
CA GLU A 72 9.20 1.52 -10.57
C GLU A 72 8.02 0.56 -10.75
N ALA A 73 6.89 0.85 -10.08
CA ALA A 73 5.69 -0.01 -10.15
C ALA A 73 5.16 -0.11 -11.60
N LYS A 74 5.06 1.04 -12.32
CA LYS A 74 4.48 1.07 -13.69
C LYS A 74 5.39 0.36 -14.71
N LYS A 75 6.73 0.54 -14.58
CA LYS A 75 7.69 -0.07 -15.53
C LYS A 75 7.77 -1.58 -15.33
N GLU A 76 7.56 -2.01 -14.08
CA GLU A 76 7.56 -3.41 -13.69
C GLU A 76 6.24 -4.12 -14.07
N GLY A 77 5.12 -3.37 -14.00
CA GLY A 77 3.78 -3.91 -14.23
C GLY A 77 3.11 -4.29 -12.91
N VAL A 78 3.00 -3.29 -12.02
CA VAL A 78 2.37 -3.39 -10.69
C VAL A 78 1.31 -2.28 -10.60
N SER A 79 0.03 -2.67 -10.50
CA SER A 79 -1.10 -1.75 -10.40
C SER A 79 -1.11 -1.07 -9.02
N TYR A 80 -0.83 0.23 -8.98
CA TYR A 80 -0.77 0.99 -7.73
C TYR A 80 -1.92 2.00 -7.67
N ASP A 81 -2.58 2.07 -6.52
CA ASP A 81 -3.58 3.11 -6.21
C ASP A 81 -2.89 4.18 -5.36
N VAL A 82 -2.89 5.44 -5.85
CA VAL A 82 -2.29 6.57 -5.14
C VAL A 82 -3.39 7.22 -4.28
N LEU A 83 -3.14 7.32 -2.97
CA LEU A 83 -4.13 7.79 -1.98
C LEU A 83 -3.47 8.80 -1.03
N LYS A 84 -3.79 10.10 -1.19
CA LYS A 84 -3.33 11.17 -0.29
C LYS A 84 -4.51 11.63 0.57
N SER A 85 -4.45 11.38 1.88
CA SER A 85 -5.52 11.76 2.82
C SER A 85 -4.97 11.87 4.24
N THR A 86 -5.55 12.80 5.01
CA THR A 86 -5.23 13.04 6.41
C THR A 86 -6.35 12.49 7.33
N ASP A 87 -7.42 11.91 6.73
CA ASP A 87 -8.56 11.37 7.49
C ASP A 87 -8.21 9.97 8.01
N PRO A 88 -8.08 9.76 9.37
CA PRO A 88 -7.71 8.45 9.93
C PRO A 88 -8.81 7.40 9.68
N GLU A 89 -10.08 7.85 9.77
CA GLU A 89 -11.26 6.98 9.54
C GLU A 89 -11.26 6.42 8.11
N GLU A 90 -10.98 7.30 7.12
CA GLU A 90 -10.97 6.93 5.71
C GLU A 90 -9.86 5.92 5.44
N LEU A 91 -8.63 6.28 5.84
CA LEU A 91 -7.45 5.43 5.61
C LEU A 91 -7.64 4.02 6.23
N THR A 92 -8.29 3.96 7.41
CA THR A 92 -8.60 2.69 8.10
C THR A 92 -9.51 1.80 7.23
N GLN A 93 -10.59 2.39 6.69
CA GLN A 93 -11.53 1.62 5.84
C GLN A 93 -10.95 1.34 4.44
N ARG A 94 -10.04 2.20 3.95
CA ARG A 94 -9.40 2.00 2.63
C ARG A 94 -8.51 0.75 2.63
N VAL A 95 -7.80 0.53 3.76
CA VAL A 95 -6.89 -0.63 3.91
C VAL A 95 -7.71 -1.95 3.93
N ARG A 96 -8.77 -2.00 4.76
CA ARG A 96 -9.58 -3.24 4.90
C ARG A 96 -10.34 -3.57 3.59
N GLU A 97 -10.86 -2.52 2.92
CA GLU A 97 -11.60 -2.68 1.65
C GLU A 97 -10.65 -3.04 0.51
N PHE A 98 -9.38 -2.61 0.65
CA PHE A 98 -8.30 -3.01 -0.27
C PHE A 98 -8.03 -4.51 -0.12
N LEU A 99 -7.80 -4.96 1.14
CA LEU A 99 -7.51 -6.36 1.48
C LEU A 99 -8.71 -7.29 1.17
N LYS A 100 -9.91 -6.69 1.20
CA LYS A 100 -11.18 -7.35 0.92
C LYS A 100 -11.33 -7.63 -0.59
N THR A 101 -10.98 -6.63 -1.43
CA THR A 101 -11.03 -6.75 -2.90
C THR A 101 -9.77 -7.46 -3.45
N ALA A 102 -8.67 -7.42 -2.66
CA ALA A 102 -7.41 -8.07 -3.01
C ALA A 102 -7.56 -9.58 -2.87
N GLY A 103 -8.25 -9.99 -1.79
CA GLY A 103 -8.64 -11.38 -1.60
C GLY A 103 -9.83 -11.70 -2.49
N SER A 104 -9.65 -12.63 -3.46
CA SER A 104 -10.69 -13.02 -4.42
C SER A 104 -11.92 -13.62 -3.71
N LEU A 105 -13.00 -12.82 -3.63
CA LEU A 105 -14.26 -13.24 -2.98
C LEU A 105 -14.83 -14.48 -3.73
N GLU A 106 -14.74 -15.64 -3.06
CA GLU A 106 -15.07 -16.95 -3.64
C GLU A 106 -16.55 -17.05 -4.03
N HIS A 107 -17.45 -16.97 -3.06
CA HIS A 107 -18.90 -17.05 -3.28
C HIS A 107 -19.60 -15.88 -2.59
N HIS A 108 -20.51 -15.23 -3.35
CA HIS A 108 -21.22 -14.02 -2.91
C HIS A 108 -22.20 -14.34 -1.77
N HIS A 109 -21.73 -14.12 -0.54
CA HIS A 109 -22.52 -14.25 0.68
C HIS A 109 -22.53 -12.91 1.44
N HIS A 110 -23.52 -12.75 2.32
CA HIS A 110 -23.64 -11.60 3.21
C HIS A 110 -24.07 -12.07 4.59
N HIS A 111 -23.10 -12.15 5.51
CA HIS A 111 -23.35 -12.33 6.94
C HIS A 111 -23.87 -11.02 7.51
N HIS A 112 -24.90 -11.10 8.35
CA HIS A 112 -25.52 -9.92 8.98
C HIS A 112 -24.87 -9.69 10.36
N MET A 1 -3.93 -10.34 -9.11
CA MET A 1 -3.04 -10.05 -7.97
C MET A 1 -1.92 -9.07 -8.37
N GLY A 2 -1.05 -8.72 -7.40
CA GLY A 2 0.07 -7.80 -7.64
C GLY A 2 -0.39 -6.35 -7.72
N LYS A 3 -1.21 -5.94 -6.73
CA LYS A 3 -1.71 -4.55 -6.62
C LYS A 3 -1.50 -4.04 -5.18
N VAL A 4 -1.24 -2.73 -5.05
CA VAL A 4 -0.93 -2.10 -3.75
C VAL A 4 -1.71 -0.78 -3.57
N LEU A 5 -2.06 -0.47 -2.31
CA LEU A 5 -2.67 0.80 -1.91
C LEU A 5 -1.59 1.68 -1.27
N LEU A 6 -1.17 2.71 -2.00
CA LEU A 6 -0.14 3.66 -1.55
C LEU A 6 -0.82 4.77 -0.71
N VAL A 7 -0.85 4.55 0.62
CA VAL A 7 -1.40 5.51 1.60
C VAL A 7 -0.35 6.61 1.86
N ILE A 8 -0.71 7.85 1.48
CA ILE A 8 0.17 9.02 1.55
C ILE A 8 -0.45 10.09 2.47
N SER A 9 0.34 10.52 3.46
CA SER A 9 0.03 11.64 4.34
C SER A 9 1.34 12.17 4.93
N THR A 10 1.31 13.41 5.42
CA THR A 10 2.41 14.00 6.20
C THR A 10 2.15 13.79 7.71
N ASP A 11 0.86 13.54 8.06
CA ASP A 11 0.45 13.22 9.43
C ASP A 11 0.93 11.81 9.80
N THR A 12 2.21 11.72 10.18
CA THR A 12 2.88 10.47 10.55
C THR A 12 2.24 9.82 11.81
N ASN A 13 1.54 10.65 12.61
CA ASN A 13 0.72 10.20 13.74
C ASN A 13 -0.50 9.38 13.24
N ILE A 14 -1.26 9.98 12.29
CA ILE A 14 -2.49 9.37 11.72
C ILE A 14 -2.13 8.08 10.92
N ILE A 15 -1.02 8.15 10.16
CA ILE A 15 -0.48 7.03 9.38
C ILE A 15 -0.18 5.83 10.32
N SER A 16 0.68 6.09 11.34
CA SER A 16 1.15 5.05 12.28
C SER A 16 -0.02 4.46 13.10
N SER A 17 -1.03 5.31 13.39
CA SER A 17 -2.25 4.89 14.10
C SER A 17 -3.00 3.83 13.29
N VAL A 18 -3.41 4.23 12.06
CA VAL A 18 -4.18 3.39 11.12
C VAL A 18 -3.40 2.13 10.73
N GLN A 19 -2.08 2.29 10.57
CA GLN A 19 -1.15 1.21 10.18
C GLN A 19 -1.19 0.07 11.19
N GLU A 20 -1.05 0.42 12.47
CA GLU A 20 -1.03 -0.56 13.56
C GLU A 20 -2.43 -1.15 13.80
N ARG A 21 -3.50 -0.38 13.51
CA ARG A 21 -4.89 -0.86 13.60
C ARG A 21 -5.20 -1.86 12.46
N ALA A 22 -4.54 -1.65 11.31
CA ALA A 22 -4.68 -2.51 10.12
C ALA A 22 -3.88 -3.81 10.31
N LYS A 23 -2.72 -3.71 10.97
CA LYS A 23 -1.85 -4.87 11.31
C LYS A 23 -2.42 -5.67 12.49
N HIS A 24 -3.17 -4.96 13.37
CA HIS A 24 -3.85 -5.57 14.53
C HIS A 24 -5.03 -6.42 14.04
N ASN A 25 -5.90 -5.79 13.24
CA ASN A 25 -7.12 -6.42 12.71
C ASN A 25 -6.79 -7.47 11.63
N TYR A 26 -5.71 -7.23 10.86
CA TYR A 26 -5.19 -8.18 9.86
C TYR A 26 -3.75 -8.61 10.25
N PRO A 27 -3.60 -9.59 11.20
CA PRO A 27 -2.27 -10.13 11.57
C PRO A 27 -1.74 -11.11 10.49
N GLY A 28 -2.67 -11.65 9.69
CA GLY A 28 -2.36 -12.57 8.60
C GLY A 28 -2.28 -11.88 7.25
N ARG A 29 -1.76 -10.65 7.25
CA ARG A 29 -1.56 -9.86 6.03
C ARG A 29 -0.21 -9.14 6.10
N GLU A 30 0.57 -9.21 5.01
CA GLU A 30 1.78 -8.41 4.84
C GLU A 30 1.36 -6.95 4.58
N ILE A 31 1.85 -6.02 5.41
CA ILE A 31 1.61 -4.58 5.25
C ILE A 31 2.98 -3.86 5.30
N ARG A 32 3.22 -2.95 4.35
CA ARG A 32 4.51 -2.28 4.18
C ARG A 32 4.46 -0.83 4.69
N THR A 33 5.61 -0.38 5.18
CA THR A 33 5.87 1.03 5.56
C THR A 33 6.98 1.57 4.65
N ALA A 34 7.02 2.89 4.45
CA ALA A 34 8.06 3.54 3.65
C ALA A 34 8.49 4.85 4.32
N THR A 35 9.71 4.83 4.89
CA THR A 35 10.37 5.99 5.48
C THR A 35 11.33 6.63 4.45
N SER A 36 11.94 5.76 3.63
CA SER A 36 13.01 6.14 2.69
C SER A 36 12.89 5.34 1.38
N SER A 37 13.81 5.68 0.43
CA SER A 37 13.87 5.06 -0.91
C SER A 37 14.13 3.55 -0.82
N GLN A 38 14.97 3.15 0.16
CA GLN A 38 15.32 1.73 0.43
C GLN A 38 14.05 0.87 0.52
N ASP A 39 13.07 1.38 1.29
CA ASP A 39 11.75 0.74 1.44
C ASP A 39 11.05 0.66 0.08
N ILE A 40 10.83 1.84 -0.53
CA ILE A 40 10.11 2.03 -1.83
C ILE A 40 10.51 0.98 -2.89
N ARG A 41 11.83 0.82 -3.08
CA ARG A 41 12.40 -0.07 -4.12
C ARG A 41 12.21 -1.55 -3.71
N ASP A 42 12.45 -1.84 -2.41
CA ASP A 42 12.36 -3.21 -1.84
C ASP A 42 10.90 -3.73 -1.85
N ILE A 43 9.92 -2.80 -1.75
CA ILE A 43 8.48 -3.14 -1.71
C ILE A 43 8.01 -3.65 -3.09
N ILE A 44 8.35 -2.89 -4.14
CA ILE A 44 7.99 -3.22 -5.54
C ILE A 44 8.69 -4.53 -5.97
N LYS A 45 9.93 -4.70 -5.46
CA LYS A 45 10.70 -5.95 -5.57
C LYS A 45 9.89 -7.11 -4.95
N SER A 46 9.30 -6.87 -3.74
CA SER A 46 8.51 -7.87 -3.00
C SER A 46 7.14 -8.15 -3.66
N MET A 47 6.61 -7.16 -4.42
CA MET A 47 5.35 -7.31 -5.17
C MET A 47 5.55 -8.21 -6.40
N LYS A 48 6.76 -8.15 -6.99
CA LYS A 48 7.14 -9.06 -8.08
C LYS A 48 7.56 -10.44 -7.54
N ASP A 49 8.19 -10.43 -6.35
CA ASP A 49 8.63 -11.64 -5.62
C ASP A 49 7.44 -12.58 -5.36
N ASN A 50 6.32 -11.97 -4.95
CA ASN A 50 5.02 -12.64 -4.86
C ASN A 50 3.91 -11.61 -5.13
N GLY A 51 3.12 -11.85 -6.19
CA GLY A 51 1.96 -11.02 -6.51
C GLY A 51 0.86 -11.17 -5.46
N LYS A 52 0.64 -10.11 -4.65
CA LYS A 52 -0.33 -10.12 -3.54
C LYS A 52 -0.89 -8.69 -3.30
N PRO A 53 -2.09 -8.57 -2.61
CA PRO A 53 -2.61 -7.25 -2.17
C PRO A 53 -1.81 -6.69 -0.96
N LEU A 54 -1.01 -5.64 -1.21
CA LEU A 54 -0.26 -4.92 -0.16
C LEU A 54 -0.87 -3.54 0.07
N VAL A 55 -0.52 -2.93 1.22
CA VAL A 55 -0.83 -1.52 1.52
C VAL A 55 0.46 -0.87 2.06
N VAL A 56 1.00 0.11 1.32
CA VAL A 56 2.20 0.88 1.72
C VAL A 56 1.79 2.18 2.39
N PHE A 57 2.07 2.28 3.70
CA PHE A 57 1.99 3.54 4.42
C PHE A 57 3.33 4.28 4.28
N VAL A 58 3.37 5.35 3.46
CA VAL A 58 4.56 6.21 3.38
C VAL A 58 4.48 7.23 4.54
N ASN A 59 5.28 7.00 5.58
CA ASN A 59 5.32 7.86 6.78
C ASN A 59 5.97 9.22 6.44
N GLY A 60 5.16 10.14 5.88
CA GLY A 60 5.62 11.47 5.49
C GLY A 60 6.80 11.43 4.52
N ALA A 61 6.82 10.41 3.65
CA ALA A 61 7.91 10.23 2.67
C ALA A 61 7.83 11.30 1.59
N SER A 62 9.00 11.73 1.09
CA SER A 62 9.11 12.82 0.12
C SER A 62 8.53 12.40 -1.23
N GLN A 63 8.13 13.39 -2.05
CA GLN A 63 7.53 13.14 -3.37
C GLN A 63 8.54 12.46 -4.31
N ASN A 64 9.86 12.64 -4.04
CA ASN A 64 10.96 11.92 -4.73
C ASN A 64 10.80 10.39 -4.58
N ASP A 65 10.50 9.96 -3.34
CA ASP A 65 10.29 8.53 -2.98
C ASP A 65 9.01 7.99 -3.67
N VAL A 66 7.97 8.84 -3.67
CA VAL A 66 6.69 8.55 -4.34
C VAL A 66 6.92 8.42 -5.87
N ASN A 67 7.83 9.25 -6.41
CA ASN A 67 8.18 9.24 -7.85
C ASN A 67 8.85 7.92 -8.23
N GLU A 68 9.80 7.46 -7.38
CA GLU A 68 10.47 6.15 -7.55
C GLU A 68 9.45 5.01 -7.50
N PHE A 69 8.44 5.15 -6.60
CA PHE A 69 7.39 4.14 -6.42
C PHE A 69 6.56 3.99 -7.71
N GLN A 70 6.17 5.14 -8.29
CA GLN A 70 5.33 5.19 -9.48
C GLN A 70 6.07 4.67 -10.73
N ASN A 71 7.31 5.17 -10.94
CA ASN A 71 8.14 4.80 -12.12
C ASN A 71 8.53 3.31 -12.09
N GLU A 72 9.04 2.83 -10.94
CA GLU A 72 9.49 1.43 -10.81
C GLU A 72 8.32 0.46 -10.93
N ALA A 73 7.16 0.82 -10.36
CA ALA A 73 5.94 -0.01 -10.45
C ALA A 73 5.48 -0.14 -11.91
N LYS A 74 5.34 1.00 -12.61
CA LYS A 74 4.75 1.02 -13.97
C LYS A 74 5.64 0.35 -15.03
N LYS A 75 6.99 0.47 -14.87
CA LYS A 75 7.95 -0.11 -15.84
C LYS A 75 8.02 -1.65 -15.70
N GLU A 76 7.66 -2.16 -14.51
CA GLU A 76 7.64 -3.60 -14.20
C GLU A 76 6.22 -4.19 -14.39
N GLY A 77 5.25 -3.33 -14.76
CA GLY A 77 3.86 -3.74 -14.98
C GLY A 77 3.06 -3.93 -13.69
N VAL A 78 3.66 -3.55 -12.56
CA VAL A 78 3.04 -3.62 -11.23
C VAL A 78 1.87 -2.62 -11.13
N SER A 79 0.68 -3.14 -10.78
CA SER A 79 -0.50 -2.32 -10.51
C SER A 79 -0.37 -1.65 -9.15
N TYR A 80 -0.64 -0.34 -9.11
CA TYR A 80 -0.62 0.45 -7.87
C TYR A 80 -1.76 1.49 -7.91
N ASP A 81 -2.21 1.89 -6.73
CA ASP A 81 -3.24 2.94 -6.56
C ASP A 81 -2.74 3.94 -5.54
N VAL A 82 -2.99 5.24 -5.76
CA VAL A 82 -2.44 6.32 -4.91
C VAL A 82 -3.58 7.02 -4.14
N LEU A 83 -3.43 7.10 -2.81
CA LEU A 83 -4.44 7.63 -1.88
C LEU A 83 -3.79 8.68 -0.95
N LYS A 84 -4.12 9.96 -1.18
CA LYS A 84 -3.76 11.07 -0.27
C LYS A 84 -4.94 11.32 0.70
N SER A 85 -4.68 11.36 2.02
CA SER A 85 -5.73 11.68 3.04
C SER A 85 -5.10 12.04 4.41
N THR A 86 -5.91 12.71 5.25
CA THR A 86 -5.57 13.08 6.63
C THR A 86 -6.55 12.39 7.63
N ASP A 87 -7.64 11.79 7.06
CA ASP A 87 -8.75 11.21 7.84
C ASP A 87 -8.39 9.79 8.32
N PRO A 88 -8.24 9.56 9.68
CA PRO A 88 -7.94 8.22 10.24
C PRO A 88 -9.04 7.19 9.96
N GLU A 89 -10.32 7.64 10.07
CA GLU A 89 -11.50 6.79 9.83
C GLU A 89 -11.49 6.27 8.36
N GLU A 90 -11.17 7.17 7.41
CA GLU A 90 -11.13 6.86 5.99
C GLU A 90 -10.02 5.86 5.70
N LEU A 91 -8.79 6.21 6.12
CA LEU A 91 -7.59 5.40 5.87
C LEU A 91 -7.78 3.94 6.35
N THR A 92 -8.39 3.78 7.55
CA THR A 92 -8.64 2.44 8.13
C THR A 92 -9.67 1.65 7.28
N GLN A 93 -10.75 2.32 6.82
CA GLN A 93 -11.76 1.66 5.98
C GLN A 93 -11.26 1.45 4.53
N ARG A 94 -10.25 2.23 4.10
CA ARG A 94 -9.65 2.07 2.76
C ARG A 94 -8.77 0.83 2.71
N VAL A 95 -8.01 0.58 3.79
CA VAL A 95 -7.13 -0.59 3.91
C VAL A 95 -7.96 -1.88 3.94
N ARG A 96 -9.06 -1.88 4.74
CA ARG A 96 -9.92 -3.07 4.89
C ARG A 96 -10.66 -3.38 3.56
N GLU A 97 -11.15 -2.32 2.89
CA GLU A 97 -11.87 -2.46 1.61
C GLU A 97 -10.94 -2.86 0.46
N PHE A 98 -9.66 -2.42 0.53
CA PHE A 98 -8.65 -2.77 -0.48
C PHE A 98 -8.25 -4.24 -0.34
N LEU A 99 -7.86 -4.64 0.88
CA LEU A 99 -7.44 -6.02 1.19
C LEU A 99 -8.59 -7.02 0.97
N LYS A 100 -9.84 -6.51 1.04
CA LYS A 100 -11.05 -7.28 0.73
C LYS A 100 -11.21 -7.50 -0.79
N THR A 101 -11.19 -6.40 -1.58
CA THR A 101 -11.52 -6.44 -3.03
C THR A 101 -10.32 -6.97 -3.88
N ALA A 102 -9.11 -6.46 -3.60
CA ALA A 102 -7.87 -6.93 -4.27
C ALA A 102 -7.42 -8.29 -3.71
N GLY A 103 -7.93 -8.61 -2.50
CA GLY A 103 -7.70 -9.91 -1.85
C GLY A 103 -8.91 -10.83 -1.96
N SER A 104 -9.66 -10.74 -3.08
CA SER A 104 -10.80 -11.63 -3.39
C SER A 104 -10.34 -12.96 -4.03
N LEU A 105 -9.02 -13.23 -4.00
CA LEU A 105 -8.43 -14.48 -4.48
C LEU A 105 -8.77 -15.60 -3.48
N GLU A 106 -9.93 -16.25 -3.71
CA GLU A 106 -10.44 -17.34 -2.85
C GLU A 106 -9.67 -18.64 -3.15
N HIS A 107 -8.60 -18.88 -2.38
CA HIS A 107 -7.82 -20.13 -2.44
C HIS A 107 -7.79 -20.78 -1.05
N HIS A 108 -8.76 -20.39 -0.19
CA HIS A 108 -8.87 -20.89 1.18
C HIS A 108 -9.45 -22.32 1.16
N HIS A 109 -8.56 -23.30 0.94
CA HIS A 109 -8.90 -24.74 0.85
C HIS A 109 -7.85 -25.57 1.62
N HIS A 110 -8.33 -26.43 2.53
CA HIS A 110 -7.49 -27.26 3.43
C HIS A 110 -8.10 -28.67 3.55
N HIS A 111 -7.28 -29.67 3.91
CA HIS A 111 -7.71 -31.09 3.99
C HIS A 111 -6.84 -31.88 5.00
N HIS A 112 -6.99 -31.54 6.30
CA HIS A 112 -6.25 -32.21 7.40
C HIS A 112 -7.00 -31.97 8.75
N MET A 1 -0.99 -11.48 -8.85
CA MET A 1 -1.65 -10.20 -9.15
C MET A 1 -1.14 -9.13 -8.17
N GLY A 2 0.02 -8.53 -8.50
CA GLY A 2 0.71 -7.58 -7.64
C GLY A 2 0.10 -6.19 -7.71
N LYS A 3 -0.77 -5.86 -6.75
CA LYS A 3 -1.35 -4.52 -6.59
C LYS A 3 -1.25 -4.08 -5.13
N VAL A 4 -1.01 -2.78 -4.92
CA VAL A 4 -0.77 -2.20 -3.59
C VAL A 4 -1.63 -0.96 -3.36
N LEU A 5 -1.95 -0.70 -2.09
CA LEU A 5 -2.58 0.54 -1.66
C LEU A 5 -1.49 1.45 -1.06
N LEU A 6 -0.98 2.39 -1.88
CA LEU A 6 0.04 3.35 -1.44
C LEU A 6 -0.64 4.45 -0.58
N VAL A 7 -0.66 4.22 0.73
CA VAL A 7 -1.24 5.13 1.73
C VAL A 7 -0.22 6.24 2.04
N ILE A 8 -0.51 7.45 1.52
CA ILE A 8 0.31 8.65 1.76
C ILE A 8 -0.45 9.62 2.65
N SER A 9 0.22 10.06 3.72
CA SER A 9 -0.25 11.10 4.62
C SER A 9 0.95 11.94 5.04
N THR A 10 0.73 13.25 5.23
CA THR A 10 1.75 14.19 5.70
C THR A 10 1.92 14.10 7.23
N ASP A 11 0.96 13.41 7.88
CA ASP A 11 0.86 13.29 9.33
C ASP A 11 1.26 11.88 9.77
N THR A 12 2.49 11.78 10.32
CA THR A 12 3.07 10.51 10.79
C THR A 12 2.38 9.99 12.06
N ASN A 13 1.68 10.90 12.78
CA ASN A 13 0.81 10.54 13.90
C ASN A 13 -0.41 9.74 13.41
N ILE A 14 -0.98 10.17 12.27
CA ILE A 14 -2.17 9.52 11.67
C ILE A 14 -1.77 8.20 11.00
N ILE A 15 -0.58 8.17 10.36
CA ILE A 15 0.00 6.96 9.77
C ILE A 15 0.19 5.89 10.85
N SER A 16 0.75 6.31 12.01
CA SER A 16 0.95 5.44 13.19
C SER A 16 -0.40 4.90 13.69
N SER A 17 -1.41 5.79 13.77
CA SER A 17 -2.77 5.43 14.24
C SER A 17 -3.38 4.31 13.39
N VAL A 18 -3.46 4.57 12.07
CA VAL A 18 -4.11 3.70 11.09
C VAL A 18 -3.35 2.37 10.90
N GLN A 19 -2.01 2.45 10.94
CA GLN A 19 -1.12 1.29 10.69
C GLN A 19 -1.08 0.34 11.89
N GLU A 20 -1.19 0.91 13.11
CA GLU A 20 -1.36 0.11 14.34
C GLU A 20 -2.73 -0.59 14.32
N ARG A 21 -3.77 0.10 13.79
CA ARG A 21 -5.11 -0.48 13.61
C ARG A 21 -5.08 -1.56 12.51
N ALA A 22 -4.31 -1.29 11.44
CA ALA A 22 -4.31 -2.12 10.22
C ALA A 22 -3.62 -3.47 10.48
N LYS A 23 -2.34 -3.42 10.86
CA LYS A 23 -1.53 -4.65 11.05
C LYS A 23 -2.08 -5.54 12.18
N HIS A 24 -2.74 -4.91 13.18
CA HIS A 24 -3.38 -5.63 14.30
C HIS A 24 -4.70 -6.29 13.85
N ASN A 25 -5.56 -5.52 13.16
CA ASN A 25 -6.93 -5.97 12.75
C ASN A 25 -6.86 -6.92 11.53
N TYR A 26 -5.75 -6.86 10.78
CA TYR A 26 -5.48 -7.75 9.64
C TYR A 26 -4.14 -8.49 9.91
N PRO A 27 -4.12 -9.50 10.85
CA PRO A 27 -2.86 -10.22 11.23
C PRO A 27 -2.44 -11.25 10.16
N GLY A 28 -3.35 -11.53 9.22
CA GLY A 28 -3.10 -12.43 8.09
C GLY A 28 -2.83 -11.67 6.80
N ARG A 29 -2.40 -10.40 6.93
CA ARG A 29 -2.02 -9.58 5.78
C ARG A 29 -0.63 -8.98 6.02
N GLU A 30 0.25 -9.16 5.02
CA GLU A 30 1.53 -8.46 4.95
C GLU A 30 1.24 -7.00 4.62
N ILE A 31 1.68 -6.09 5.48
CA ILE A 31 1.57 -4.65 5.25
C ILE A 31 2.98 -4.05 5.37
N ARG A 32 3.37 -3.26 4.37
CA ARG A 32 4.72 -2.72 4.22
C ARG A 32 4.77 -1.27 4.74
N THR A 33 5.99 -0.79 5.00
CA THR A 33 6.26 0.54 5.57
C THR A 33 7.47 1.14 4.83
N ALA A 34 7.42 2.44 4.54
CA ALA A 34 8.49 3.13 3.78
C ALA A 34 8.78 4.51 4.38
N THR A 35 10.06 4.86 4.47
CA THR A 35 10.53 6.19 4.93
C THR A 35 11.54 6.71 3.90
N SER A 36 12.51 5.85 3.56
CA SER A 36 13.57 6.15 2.58
C SER A 36 13.23 5.50 1.21
N SER A 37 13.97 5.92 0.17
CA SER A 37 13.82 5.40 -1.20
C SER A 37 14.33 3.94 -1.31
N GLN A 38 15.15 3.51 -0.32
CA GLN A 38 15.54 2.10 -0.13
C GLN A 38 14.27 1.25 0.04
N ASP A 39 13.43 1.64 1.01
CA ASP A 39 12.17 0.95 1.33
C ASP A 39 11.23 0.95 0.11
N ILE A 40 11.10 2.14 -0.50
CA ILE A 40 10.25 2.40 -1.69
C ILE A 40 10.44 1.34 -2.80
N ARG A 41 11.70 1.14 -3.22
CA ARG A 41 12.03 0.18 -4.30
C ARG A 41 12.00 -1.27 -3.78
N ASP A 42 12.46 -1.48 -2.51
CA ASP A 42 12.54 -2.82 -1.87
C ASP A 42 11.16 -3.52 -1.82
N ILE A 43 10.13 -2.71 -1.52
CA ILE A 43 8.73 -3.17 -1.49
C ILE A 43 8.28 -3.69 -2.86
N ILE A 44 8.67 -2.98 -3.93
CA ILE A 44 8.31 -3.30 -5.32
C ILE A 44 9.05 -4.58 -5.80
N LYS A 45 10.28 -4.77 -5.29
CA LYS A 45 11.05 -6.03 -5.49
C LYS A 45 10.30 -7.21 -4.83
N SER A 46 9.71 -6.93 -3.64
CA SER A 46 8.87 -7.89 -2.92
C SER A 46 7.56 -8.15 -3.71
N MET A 47 7.04 -7.11 -4.38
CA MET A 47 5.80 -7.20 -5.18
C MET A 47 6.04 -7.92 -6.52
N LYS A 48 7.32 -7.98 -6.94
CA LYS A 48 7.75 -8.70 -8.14
C LYS A 48 7.60 -10.23 -7.96
N ASP A 49 7.81 -10.70 -6.73
CA ASP A 49 7.56 -12.09 -6.35
C ASP A 49 6.12 -12.25 -5.82
N ASN A 50 5.84 -11.55 -4.71
CA ASN A 50 4.53 -11.57 -4.02
C ASN A 50 3.48 -10.82 -4.84
N GLY A 51 2.81 -11.55 -5.74
CA GLY A 51 1.68 -11.04 -6.50
C GLY A 51 0.40 -11.12 -5.67
N LYS A 52 0.28 -10.21 -4.70
CA LYS A 52 -0.81 -10.21 -3.70
C LYS A 52 -1.29 -8.77 -3.40
N PRO A 53 -2.52 -8.59 -2.80
CA PRO A 53 -2.96 -7.29 -2.24
C PRO A 53 -2.10 -6.85 -1.03
N LEU A 54 -1.16 -5.92 -1.28
CA LEU A 54 -0.35 -5.30 -0.22
C LEU A 54 -0.86 -3.87 0.10
N VAL A 55 -0.41 -3.32 1.23
CA VAL A 55 -0.70 -1.93 1.65
C VAL A 55 0.62 -1.30 2.16
N VAL A 56 1.03 -0.16 1.60
CA VAL A 56 2.25 0.56 2.06
C VAL A 56 1.85 1.84 2.79
N PHE A 57 2.36 2.01 4.01
CA PHE A 57 2.29 3.29 4.74
C PHE A 57 3.65 4.00 4.58
N VAL A 58 3.66 5.09 3.80
CA VAL A 58 4.85 5.94 3.65
C VAL A 58 4.84 7.00 4.77
N ASN A 59 5.70 6.81 5.78
CA ASN A 59 5.81 7.68 6.96
C ASN A 59 6.39 9.06 6.59
N GLY A 60 5.50 9.94 6.08
CA GLY A 60 5.84 11.31 5.69
C GLY A 60 6.88 11.38 4.59
N ALA A 61 6.80 10.46 3.62
CA ALA A 61 7.75 10.41 2.49
C ALA A 61 7.50 11.57 1.51
N SER A 62 8.59 12.15 0.99
CA SER A 62 8.56 13.28 0.06
C SER A 62 8.05 12.81 -1.31
N GLN A 63 7.65 13.78 -2.15
CA GLN A 63 7.11 13.50 -3.49
C GLN A 63 8.16 12.78 -4.37
N ASN A 64 9.45 12.99 -4.06
CA ASN A 64 10.58 12.26 -4.70
C ASN A 64 10.38 10.74 -4.56
N ASP A 65 10.21 10.28 -3.31
CA ASP A 65 10.01 8.86 -2.96
C ASP A 65 8.74 8.28 -3.62
N VAL A 66 7.68 9.11 -3.63
CA VAL A 66 6.37 8.78 -4.19
C VAL A 66 6.47 8.54 -5.71
N ASN A 67 7.24 9.40 -6.40
CA ASN A 67 7.49 9.30 -7.86
C ASN A 67 8.24 7.99 -8.16
N GLU A 68 9.31 7.73 -7.36
CA GLU A 68 10.15 6.53 -7.52
C GLU A 68 9.31 5.25 -7.35
N PHE A 69 8.37 5.28 -6.39
CA PHE A 69 7.48 4.14 -6.11
C PHE A 69 6.59 3.86 -7.32
N GLN A 70 5.95 4.91 -7.82
CA GLN A 70 4.99 4.82 -8.93
C GLN A 70 5.69 4.46 -10.26
N ASN A 71 6.97 4.88 -10.41
CA ASN A 71 7.78 4.60 -11.62
C ASN A 71 8.20 3.13 -11.65
N GLU A 72 8.89 2.68 -10.57
CA GLU A 72 9.40 1.30 -10.46
C GLU A 72 8.25 0.27 -10.44
N ALA A 73 7.07 0.71 -10.00
CA ALA A 73 5.86 -0.12 -10.04
C ALA A 73 5.35 -0.31 -11.48
N LYS A 74 4.96 0.80 -12.15
CA LYS A 74 4.27 0.72 -13.46
C LYS A 74 5.17 0.18 -14.59
N LYS A 75 6.49 0.45 -14.53
CA LYS A 75 7.47 -0.03 -15.54
C LYS A 75 7.56 -1.57 -15.50
N GLU A 76 7.27 -2.14 -14.32
CA GLU A 76 7.32 -3.59 -14.07
C GLU A 76 5.94 -4.24 -14.17
N GLY A 77 4.91 -3.43 -14.44
CA GLY A 77 3.53 -3.91 -14.51
C GLY A 77 2.91 -4.16 -13.14
N VAL A 78 3.60 -3.68 -12.07
CA VAL A 78 3.08 -3.72 -10.70
C VAL A 78 2.02 -2.62 -10.55
N SER A 79 0.78 -3.03 -10.26
CA SER A 79 -0.35 -2.13 -10.06
C SER A 79 -0.26 -1.45 -8.67
N TYR A 80 -0.85 -0.25 -8.57
CA TYR A 80 -0.83 0.55 -7.36
C TYR A 80 -2.02 1.53 -7.38
N ASP A 81 -2.53 1.84 -6.18
CA ASP A 81 -3.56 2.88 -5.99
C ASP A 81 -3.04 3.87 -4.95
N VAL A 82 -2.93 5.13 -5.33
CA VAL A 82 -2.38 6.18 -4.45
C VAL A 82 -3.51 6.75 -3.58
N LEU A 83 -3.56 6.28 -2.33
CA LEU A 83 -4.50 6.78 -1.33
C LEU A 83 -3.88 8.01 -0.65
N LYS A 84 -4.24 9.20 -1.15
CA LYS A 84 -3.73 10.48 -0.63
C LYS A 84 -4.79 11.07 0.31
N SER A 85 -4.58 10.90 1.62
CA SER A 85 -5.51 11.35 2.67
C SER A 85 -4.81 11.35 4.04
N THR A 86 -5.28 12.22 4.94
CA THR A 86 -4.78 12.31 6.33
C THR A 86 -5.93 12.02 7.32
N ASP A 87 -7.08 11.58 6.80
CA ASP A 87 -8.26 11.23 7.62
C ASP A 87 -8.10 9.80 8.14
N PRO A 88 -7.99 9.58 9.50
CA PRO A 88 -7.75 8.22 10.08
C PRO A 88 -8.81 7.19 9.65
N GLU A 89 -10.09 7.61 9.77
CA GLU A 89 -11.26 6.78 9.39
C GLU A 89 -11.22 6.34 7.92
N GLU A 90 -10.81 7.28 7.03
CA GLU A 90 -10.73 7.05 5.58
C GLU A 90 -9.64 6.03 5.28
N LEU A 91 -8.41 6.33 5.74
CA LEU A 91 -7.21 5.49 5.51
C LEU A 91 -7.43 4.03 5.99
N THR A 92 -8.10 3.89 7.17
CA THR A 92 -8.37 2.58 7.81
C THR A 92 -9.38 1.74 7.00
N GLN A 93 -10.51 2.37 6.60
CA GLN A 93 -11.59 1.65 5.91
C GLN A 93 -11.16 1.25 4.49
N ARG A 94 -10.33 2.10 3.85
CA ARG A 94 -9.78 1.84 2.50
C ARG A 94 -8.83 0.62 2.48
N VAL A 95 -8.24 0.27 3.66
CA VAL A 95 -7.39 -0.93 3.77
C VAL A 95 -8.25 -2.19 3.50
N ARG A 96 -9.34 -2.39 4.27
CA ARG A 96 -10.23 -3.58 4.11
C ARG A 96 -10.96 -3.57 2.76
N GLU A 97 -11.35 -2.35 2.29
CA GLU A 97 -11.99 -2.18 0.98
C GLU A 97 -11.04 -2.62 -0.14
N PHE A 98 -9.74 -2.26 -0.01
CA PHE A 98 -8.70 -2.67 -0.97
C PHE A 98 -8.54 -4.20 -0.96
N LEU A 99 -8.20 -4.76 0.21
CA LEU A 99 -7.85 -6.19 0.37
C LEU A 99 -8.97 -7.13 -0.13
N LYS A 100 -10.22 -6.67 0.03
CA LYS A 100 -11.41 -7.43 -0.36
C LYS A 100 -11.67 -7.33 -1.89
N THR A 101 -11.54 -6.11 -2.47
CA THR A 101 -11.81 -5.91 -3.93
C THR A 101 -10.61 -6.38 -4.79
N ALA A 102 -9.42 -6.40 -4.18
CA ALA A 102 -8.17 -6.79 -4.82
C ALA A 102 -8.04 -8.32 -4.81
N GLY A 103 -8.35 -8.90 -3.64
CA GLY A 103 -8.47 -10.34 -3.47
C GLY A 103 -9.91 -10.81 -3.61
N SER A 104 -10.64 -10.20 -4.57
CA SER A 104 -12.02 -10.59 -4.90
C SER A 104 -11.98 -11.79 -5.84
N LEU A 105 -11.69 -12.97 -5.27
CA LEU A 105 -11.69 -14.23 -6.01
C LEU A 105 -13.13 -14.71 -6.12
N GLU A 106 -13.70 -14.50 -7.32
CA GLU A 106 -15.09 -14.82 -7.66
C GLU A 106 -15.27 -16.30 -8.04
N HIS A 107 -14.24 -17.13 -7.69
CA HIS A 107 -14.22 -18.60 -7.90
C HIS A 107 -14.16 -18.98 -9.40
N HIS A 108 -13.94 -17.97 -10.27
CA HIS A 108 -13.89 -18.13 -11.73
C HIS A 108 -12.72 -17.30 -12.29
N HIS A 109 -12.19 -17.75 -13.45
CA HIS A 109 -11.19 -17.01 -14.22
C HIS A 109 -11.85 -15.78 -14.88
N HIS A 110 -11.06 -14.72 -15.10
CA HIS A 110 -11.51 -13.49 -15.76
C HIS A 110 -10.53 -13.11 -16.88
N HIS A 111 -11.05 -12.49 -17.96
CA HIS A 111 -10.23 -12.05 -19.09
C HIS A 111 -9.35 -10.86 -18.66
N HIS A 112 -9.99 -9.90 -17.98
CA HIS A 112 -9.30 -8.77 -17.33
C HIS A 112 -8.90 -9.20 -15.89
N MET A 1 -1.57 -12.05 -8.55
CA MET A 1 -1.93 -10.62 -8.70
C MET A 1 -0.82 -9.74 -8.09
N GLY A 2 -0.87 -8.42 -8.37
CA GLY A 2 0.10 -7.47 -7.85
C GLY A 2 -0.46 -6.06 -7.83
N LYS A 3 -1.15 -5.72 -6.72
CA LYS A 3 -1.76 -4.39 -6.50
C LYS A 3 -1.34 -3.87 -5.11
N VAL A 4 -1.05 -2.57 -5.00
CA VAL A 4 -0.60 -1.95 -3.74
C VAL A 4 -1.37 -0.65 -3.46
N LEU A 5 -1.62 -0.38 -2.16
CA LEU A 5 -2.27 0.86 -1.70
C LEU A 5 -1.21 1.77 -1.06
N LEU A 6 -0.78 2.78 -1.81
CA LEU A 6 0.19 3.78 -1.34
C LEU A 6 -0.56 4.83 -0.49
N VAL A 7 -0.59 4.58 0.83
CA VAL A 7 -1.24 5.48 1.81
C VAL A 7 -0.30 6.65 2.14
N ILE A 8 -0.66 7.83 1.63
CA ILE A 8 0.04 9.09 1.85
C ILE A 8 -0.80 10.01 2.75
N SER A 9 -0.18 10.50 3.83
CA SER A 9 -0.71 11.61 4.65
C SER A 9 0.45 12.54 5.01
N THR A 10 0.11 13.79 5.39
CA THR A 10 1.08 14.75 5.88
C THR A 10 1.53 14.34 7.31
N ASP A 11 0.53 14.09 8.18
CA ASP A 11 0.74 13.78 9.60
C ASP A 11 1.15 12.32 9.78
N THR A 12 2.35 12.08 10.35
CA THR A 12 2.84 10.74 10.69
C THR A 12 1.97 10.10 11.78
N ASN A 13 1.34 10.94 12.62
CA ASN A 13 0.50 10.49 13.74
C ASN A 13 -0.75 9.74 13.23
N ILE A 14 -1.37 10.30 12.16
CA ILE A 14 -2.53 9.68 11.49
C ILE A 14 -2.12 8.33 10.87
N ILE A 15 -0.97 8.35 10.15
CA ILE A 15 -0.40 7.18 9.45
C ILE A 15 -0.08 6.05 10.42
N SER A 16 0.57 6.41 11.55
CA SER A 16 1.05 5.46 12.55
C SER A 16 -0.12 4.82 13.30
N SER A 17 -1.19 5.61 13.55
CA SER A 17 -2.43 5.09 14.14
C SER A 17 -3.02 4.01 13.24
N VAL A 18 -3.35 4.41 12.00
CA VAL A 18 -4.00 3.54 11.00
C VAL A 18 -3.14 2.30 10.69
N GLN A 19 -1.82 2.49 10.60
CA GLN A 19 -0.85 1.45 10.19
C GLN A 19 -0.82 0.33 11.23
N GLU A 20 -0.54 0.70 12.50
CA GLU A 20 -0.40 -0.26 13.61
C GLU A 20 -1.73 -0.96 13.90
N ARG A 21 -2.84 -0.17 13.83
CA ARG A 21 -4.21 -0.70 13.98
C ARG A 21 -4.51 -1.68 12.85
N ALA A 22 -4.07 -1.37 11.62
CA ALA A 22 -4.32 -2.20 10.41
C ALA A 22 -3.54 -3.51 10.49
N LYS A 23 -2.31 -3.43 11.00
CA LYS A 23 -1.42 -4.59 11.17
C LYS A 23 -1.94 -5.52 12.29
N HIS A 24 -2.68 -4.92 13.25
CA HIS A 24 -3.30 -5.64 14.38
C HIS A 24 -4.71 -6.16 14.00
N ASN A 25 -5.46 -5.38 13.20
CA ASN A 25 -6.90 -5.62 12.92
C ASN A 25 -7.07 -6.54 11.70
N TYR A 26 -6.08 -6.51 10.79
CA TYR A 26 -5.99 -7.41 9.62
C TYR A 26 -4.61 -8.11 9.64
N PRO A 27 -4.28 -8.93 10.69
CA PRO A 27 -2.90 -9.48 10.90
C PRO A 27 -2.58 -10.65 9.94
N GLY A 28 -3.63 -11.25 9.35
CA GLY A 28 -3.47 -12.32 8.36
C GLY A 28 -3.14 -11.80 6.97
N ARG A 29 -3.47 -10.53 6.70
CA ARG A 29 -3.20 -9.86 5.41
C ARG A 29 -1.82 -9.20 5.41
N GLU A 30 -1.36 -8.80 4.21
CA GLU A 30 0.01 -8.29 3.99
C GLU A 30 0.03 -6.76 3.89
N ILE A 31 0.85 -6.12 4.74
CA ILE A 31 0.97 -4.66 4.87
C ILE A 31 2.47 -4.27 4.87
N ARG A 32 2.77 -3.04 4.40
CA ARG A 32 4.15 -2.50 4.30
C ARG A 32 4.24 -1.08 4.86
N THR A 33 5.48 -0.56 4.84
CA THR A 33 5.81 0.80 5.27
C THR A 33 7.03 1.29 4.45
N ALA A 34 7.06 2.59 4.13
CA ALA A 34 8.22 3.22 3.49
C ALA A 34 8.81 4.27 4.42
N THR A 35 9.98 3.94 4.97
CA THR A 35 10.80 4.84 5.79
C THR A 35 11.76 5.63 4.88
N SER A 36 12.21 4.96 3.80
CA SER A 36 13.22 5.49 2.87
C SER A 36 13.00 4.91 1.44
N SER A 37 13.84 5.36 0.49
CA SER A 37 13.80 4.93 -0.93
C SER A 37 14.27 3.46 -1.13
N GLN A 38 14.94 2.89 -0.10
CA GLN A 38 15.29 1.46 -0.04
C GLN A 38 14.00 0.61 -0.03
N ASP A 39 13.00 1.06 0.78
CA ASP A 39 11.68 0.40 0.87
C ASP A 39 10.96 0.42 -0.49
N ILE A 40 11.10 1.53 -1.23
CA ILE A 40 10.46 1.73 -2.55
C ILE A 40 10.82 0.57 -3.51
N ARG A 41 12.12 0.30 -3.66
CA ARG A 41 12.64 -0.80 -4.50
C ARG A 41 12.26 -2.19 -3.92
N ASP A 42 12.41 -2.31 -2.60
CA ASP A 42 12.27 -3.57 -1.85
C ASP A 42 10.85 -4.18 -1.97
N ILE A 43 9.85 -3.35 -1.65
CA ILE A 43 8.43 -3.73 -1.62
C ILE A 43 7.95 -4.17 -3.02
N ILE A 44 8.16 -3.29 -4.01
CA ILE A 44 7.70 -3.49 -5.41
C ILE A 44 8.37 -4.73 -6.05
N LYS A 45 9.65 -4.96 -5.69
CA LYS A 45 10.40 -6.13 -6.18
C LYS A 45 9.85 -7.42 -5.55
N SER A 46 9.41 -7.33 -4.27
CA SER A 46 8.79 -8.44 -3.52
C SER A 46 7.37 -8.74 -4.06
N MET A 47 6.71 -7.71 -4.63
CA MET A 47 5.37 -7.85 -5.26
C MET A 47 5.47 -8.64 -6.57
N LYS A 48 6.52 -8.35 -7.35
CA LYS A 48 6.80 -9.08 -8.60
C LYS A 48 7.48 -10.44 -8.32
N ASP A 49 8.04 -10.59 -7.11
CA ASP A 49 8.74 -11.82 -6.70
C ASP A 49 7.74 -12.91 -6.30
N ASN A 50 6.96 -12.64 -5.25
CA ASN A 50 5.98 -13.59 -4.69
C ASN A 50 4.67 -13.55 -5.49
N GLY A 51 4.28 -12.33 -5.93
CA GLY A 51 2.95 -12.09 -6.50
C GLY A 51 1.93 -11.92 -5.39
N LYS A 52 1.80 -10.69 -4.87
CA LYS A 52 1.03 -10.42 -3.64
C LYS A 52 0.53 -8.96 -3.56
N PRO A 53 -0.64 -8.72 -2.87
CA PRO A 53 -1.15 -7.38 -2.57
C PRO A 53 -0.52 -6.80 -1.27
N LEU A 54 -0.21 -5.50 -1.28
CA LEU A 54 0.44 -4.81 -0.13
C LEU A 54 -0.19 -3.44 0.12
N VAL A 55 0.01 -2.89 1.33
CA VAL A 55 -0.46 -1.52 1.69
C VAL A 55 0.74 -0.73 2.23
N VAL A 56 1.35 0.13 1.39
CA VAL A 56 2.55 0.90 1.77
C VAL A 56 2.16 2.25 2.41
N PHE A 57 2.35 2.33 3.73
CA PHE A 57 2.24 3.60 4.47
C PHE A 57 3.56 4.38 4.36
N VAL A 58 3.58 5.48 3.57
CA VAL A 58 4.74 6.40 3.54
C VAL A 58 4.60 7.40 4.71
N ASN A 59 5.39 7.18 5.77
CA ASN A 59 5.24 7.91 7.05
C ASN A 59 5.75 9.36 6.92
N GLY A 60 4.85 10.24 6.41
CA GLY A 60 5.12 11.67 6.23
C GLY A 60 6.27 11.92 5.28
N ALA A 61 6.36 11.05 4.26
CA ALA A 61 7.41 11.09 3.25
C ALA A 61 7.18 12.20 2.22
N SER A 62 8.17 12.40 1.35
CA SER A 62 8.23 13.52 0.41
C SER A 62 7.69 13.11 -0.97
N GLN A 63 7.87 13.96 -2.01
CA GLN A 63 7.34 13.70 -3.36
C GLN A 63 8.28 12.79 -4.19
N ASN A 64 9.61 12.95 -4.02
CA ASN A 64 10.61 12.18 -4.84
C ASN A 64 10.41 10.68 -4.68
N ASP A 65 10.31 10.18 -3.43
CA ASP A 65 10.10 8.74 -3.14
C ASP A 65 8.76 8.21 -3.70
N VAL A 66 7.73 9.08 -3.75
CA VAL A 66 6.42 8.78 -4.36
C VAL A 66 6.57 8.64 -5.89
N ASN A 67 7.37 9.54 -6.49
CA ASN A 67 7.69 9.51 -7.93
C ASN A 67 8.39 8.19 -8.25
N GLU A 68 9.38 7.82 -7.41
CA GLU A 68 10.14 6.57 -7.55
C GLU A 68 9.22 5.36 -7.40
N PHE A 69 8.28 5.42 -6.43
CA PHE A 69 7.35 4.32 -6.15
C PHE A 69 6.48 4.01 -7.37
N GLN A 70 5.93 5.08 -7.94
CA GLN A 70 5.08 5.01 -9.13
C GLN A 70 5.88 4.52 -10.36
N ASN A 71 7.16 4.97 -10.46
CA ASN A 71 8.07 4.63 -11.59
C ASN A 71 8.47 3.15 -11.55
N GLU A 72 8.98 2.69 -10.38
CA GLU A 72 9.45 1.31 -10.21
C GLU A 72 8.29 0.33 -10.40
N ALA A 73 7.10 0.71 -9.91
CA ALA A 73 5.90 -0.08 -10.08
C ALA A 73 5.50 -0.22 -11.56
N LYS A 74 5.44 0.91 -12.31
CA LYS A 74 4.97 0.90 -13.73
C LYS A 74 5.98 0.22 -14.68
N LYS A 75 7.30 0.31 -14.36
CA LYS A 75 8.36 -0.30 -15.22
C LYS A 75 8.43 -1.83 -15.02
N GLU A 76 8.05 -2.29 -13.81
CA GLU A 76 7.97 -3.73 -13.49
C GLU A 76 6.65 -4.33 -13.99
N GLY A 77 5.57 -3.52 -14.01
CA GLY A 77 4.24 -3.96 -14.42
C GLY A 77 3.35 -4.31 -13.23
N VAL A 78 3.35 -3.44 -12.23
CA VAL A 78 2.52 -3.54 -11.01
C VAL A 78 1.35 -2.55 -11.14
N SER A 79 0.10 -3.06 -11.13
CA SER A 79 -1.09 -2.19 -11.10
C SER A 79 -1.24 -1.61 -9.69
N TYR A 80 -0.63 -0.43 -9.47
CA TYR A 80 -0.57 0.23 -8.16
C TYR A 80 -1.74 1.22 -8.00
N ASP A 81 -1.96 1.66 -6.76
CA ASP A 81 -3.03 2.60 -6.40
C ASP A 81 -2.45 3.57 -5.37
N VAL A 82 -2.87 4.85 -5.42
CA VAL A 82 -2.34 5.90 -4.51
C VAL A 82 -3.51 6.61 -3.81
N LEU A 83 -3.32 6.95 -2.52
CA LEU A 83 -4.36 7.46 -1.63
C LEU A 83 -3.83 8.65 -0.81
N LYS A 84 -4.19 9.88 -1.18
CA LYS A 84 -3.83 11.10 -0.43
C LYS A 84 -5.01 11.52 0.46
N SER A 85 -4.82 11.42 1.78
CA SER A 85 -5.83 11.76 2.80
C SER A 85 -5.11 12.01 4.13
N THR A 86 -5.83 12.56 5.12
CA THR A 86 -5.33 12.72 6.51
C THR A 86 -6.45 12.34 7.52
N ASP A 87 -7.48 11.64 7.00
CA ASP A 87 -8.65 11.19 7.78
C ASP A 87 -8.34 9.78 8.31
N PRO A 88 -8.10 9.60 9.66
CA PRO A 88 -7.68 8.30 10.24
C PRO A 88 -8.75 7.19 10.06
N GLU A 89 -10.04 7.56 10.27
CA GLU A 89 -11.17 6.63 10.10
C GLU A 89 -11.27 6.14 8.64
N GLU A 90 -10.98 7.05 7.68
CA GLU A 90 -11.04 6.77 6.24
C GLU A 90 -9.94 5.79 5.85
N LEU A 91 -8.68 6.16 6.18
CA LEU A 91 -7.50 5.35 5.82
C LEU A 91 -7.66 3.90 6.32
N THR A 92 -8.22 3.75 7.54
CA THR A 92 -8.50 2.43 8.15
C THR A 92 -9.54 1.63 7.32
N GLN A 93 -10.66 2.28 6.92
CA GLN A 93 -11.69 1.61 6.08
C GLN A 93 -11.19 1.41 4.63
N ARG A 94 -10.19 2.20 4.20
CA ARG A 94 -9.59 2.06 2.85
C ARG A 94 -8.71 0.82 2.77
N VAL A 95 -7.98 0.52 3.87
CA VAL A 95 -7.13 -0.68 3.97
C VAL A 95 -7.99 -1.95 3.85
N ARG A 96 -9.11 -2.02 4.62
CA ARG A 96 -9.99 -3.21 4.61
C ARG A 96 -10.72 -3.39 3.26
N GLU A 97 -11.12 -2.28 2.61
CA GLU A 97 -11.77 -2.31 1.27
C GLU A 97 -10.76 -2.75 0.20
N PHE A 98 -9.49 -2.33 0.37
CA PHE A 98 -8.40 -2.69 -0.53
C PHE A 98 -8.13 -4.20 -0.47
N LEU A 99 -7.98 -4.72 0.75
CA LEU A 99 -7.66 -6.14 1.01
C LEU A 99 -8.82 -7.06 0.60
N LYS A 100 -10.07 -6.53 0.69
CA LYS A 100 -11.29 -7.26 0.28
C LYS A 100 -11.40 -7.34 -1.26
N THR A 101 -11.07 -6.22 -1.95
CA THR A 101 -11.05 -6.18 -3.44
C THR A 101 -9.77 -6.85 -3.98
N ALA A 102 -8.75 -7.01 -3.11
CA ALA A 102 -7.50 -7.69 -3.46
C ALA A 102 -7.75 -9.19 -3.74
N GLY A 103 -8.65 -9.80 -2.95
CA GLY A 103 -9.10 -11.17 -3.16
C GLY A 103 -10.17 -11.29 -4.27
N SER A 104 -10.60 -10.14 -4.80
CA SER A 104 -11.66 -10.02 -5.81
C SER A 104 -11.17 -9.18 -7.01
N LEU A 105 -9.85 -9.31 -7.34
CA LEU A 105 -9.23 -8.54 -8.45
C LEU A 105 -9.63 -9.10 -9.82
N GLU A 106 -10.81 -8.66 -10.30
CA GLU A 106 -11.20 -8.74 -11.70
C GLU A 106 -11.11 -7.31 -12.29
N HIS A 107 -12.24 -6.54 -12.29
CA HIS A 107 -12.29 -5.13 -12.78
C HIS A 107 -11.82 -5.05 -14.24
N HIS A 108 -10.49 -4.96 -14.43
CA HIS A 108 -9.83 -5.14 -15.71
C HIS A 108 -9.63 -6.65 -15.91
N HIS A 109 -10.73 -7.35 -16.26
CA HIS A 109 -10.78 -8.83 -16.36
C HIS A 109 -10.30 -9.32 -17.75
N HIS A 110 -9.20 -8.72 -18.22
CA HIS A 110 -8.57 -9.03 -19.49
C HIS A 110 -7.07 -8.69 -19.35
N HIS A 111 -6.30 -9.66 -18.84
CA HIS A 111 -4.84 -9.52 -18.63
C HIS A 111 -4.09 -10.49 -19.55
N HIS A 112 -2.79 -10.26 -19.74
CA HIS A 112 -1.95 -11.17 -20.53
C HIS A 112 -1.36 -12.26 -19.61
N MET A 1 -1.55 -10.10 -10.77
CA MET A 1 -1.78 -9.82 -9.32
C MET A 1 -0.64 -8.92 -8.80
N GLY A 2 -0.43 -8.91 -7.47
CA GLY A 2 0.56 -8.01 -6.86
C GLY A 2 0.05 -6.59 -6.86
N LYS A 3 -1.14 -6.42 -6.26
CA LYS A 3 -1.80 -5.12 -6.13
C LYS A 3 -1.38 -4.47 -4.80
N VAL A 4 -1.03 -3.18 -4.83
CA VAL A 4 -0.45 -2.51 -3.64
C VAL A 4 -1.12 -1.14 -3.42
N LEU A 5 -1.30 -0.76 -2.13
CA LEU A 5 -1.95 0.50 -1.75
C LEU A 5 -0.90 1.48 -1.23
N LEU A 6 -0.53 2.47 -2.06
CA LEU A 6 0.38 3.55 -1.66
C LEU A 6 -0.39 4.56 -0.78
N VAL A 7 -0.33 4.33 0.54
CA VAL A 7 -0.95 5.22 1.55
C VAL A 7 -0.02 6.39 1.86
N ILE A 8 -0.47 7.60 1.53
CA ILE A 8 0.28 8.84 1.74
C ILE A 8 -0.56 9.78 2.63
N SER A 9 0.10 10.33 3.65
CA SER A 9 -0.45 11.37 4.53
C SER A 9 0.71 12.25 5.01
N THR A 10 0.39 13.48 5.39
CA THR A 10 1.35 14.44 5.93
C THR A 10 1.61 14.16 7.43
N ASP A 11 0.57 13.60 8.09
CA ASP A 11 0.59 13.30 9.52
C ASP A 11 1.14 11.89 9.73
N THR A 12 2.41 11.81 10.15
CA THR A 12 3.13 10.56 10.40
C THR A 12 2.53 9.77 11.58
N ASN A 13 1.92 10.51 12.53
CA ASN A 13 1.22 9.93 13.69
C ASN A 13 -0.07 9.22 13.26
N ILE A 14 -0.79 9.80 12.27
CA ILE A 14 -1.99 9.19 11.68
C ILE A 14 -1.61 7.89 10.92
N ILE A 15 -0.58 7.98 10.07
CA ILE A 15 -0.01 6.83 9.31
C ILE A 15 0.32 5.67 10.25
N SER A 16 0.99 6.02 11.36
CA SER A 16 1.41 5.07 12.39
C SER A 16 0.19 4.40 13.05
N SER A 17 -0.76 5.24 13.51
CA SER A 17 -1.96 4.78 14.24
C SER A 17 -2.81 3.83 13.39
N VAL A 18 -3.12 4.26 12.15
CA VAL A 18 -3.93 3.48 11.18
C VAL A 18 -3.27 2.14 10.85
N GLN A 19 -1.95 2.16 10.65
CA GLN A 19 -1.17 0.97 10.30
C GLN A 19 -1.29 -0.08 11.42
N GLU A 20 -1.01 0.35 12.66
CA GLU A 20 -1.12 -0.49 13.86
C GLU A 20 -2.57 -1.00 14.05
N ARG A 21 -3.55 -0.12 13.75
CA ARG A 21 -4.99 -0.46 13.78
C ARG A 21 -5.34 -1.44 12.66
N ALA A 22 -4.60 -1.39 11.55
CA ALA A 22 -4.88 -2.24 10.38
C ALA A 22 -4.45 -3.69 10.62
N LYS A 23 -3.36 -3.91 11.39
CA LYS A 23 -2.98 -5.28 11.83
C LYS A 23 -3.78 -5.71 13.08
N HIS A 24 -4.26 -4.74 13.87
CA HIS A 24 -5.10 -5.03 15.06
C HIS A 24 -6.49 -5.50 14.61
N ASN A 25 -7.04 -4.79 13.63
CA ASN A 25 -8.41 -4.98 13.11
C ASN A 25 -8.42 -6.14 12.11
N TYR A 26 -7.35 -6.22 11.30
CA TYR A 26 -7.18 -7.24 10.24
C TYR A 26 -5.81 -7.95 10.45
N PRO A 27 -5.73 -8.97 11.37
CA PRO A 27 -4.44 -9.60 11.79
C PRO A 27 -3.67 -10.29 10.65
N GLY A 28 -4.39 -11.05 9.81
CA GLY A 28 -3.80 -11.82 8.71
C GLY A 28 -3.83 -11.07 7.40
N ARG A 29 -3.19 -9.89 7.38
CA ARG A 29 -3.12 -9.01 6.19
C ARG A 29 -1.69 -8.54 5.94
N GLU A 30 -1.31 -8.54 4.67
CA GLU A 30 0.04 -8.20 4.23
C GLU A 30 0.17 -6.67 4.03
N ILE A 31 1.00 -6.06 4.88
CA ILE A 31 1.25 -4.61 4.93
C ILE A 31 2.76 -4.36 5.03
N ARG A 32 3.26 -3.35 4.30
CA ARG A 32 4.70 -2.98 4.28
C ARG A 32 4.81 -1.47 4.60
N THR A 33 5.84 -1.06 5.34
CA THR A 33 6.09 0.35 5.65
C THR A 33 7.18 0.91 4.70
N ALA A 34 7.19 2.23 4.50
CA ALA A 34 8.22 2.91 3.71
C ALA A 34 8.63 4.20 4.42
N THR A 35 9.83 4.17 5.01
CA THR A 35 10.39 5.31 5.77
C THR A 35 11.21 6.22 4.83
N SER A 36 11.75 5.61 3.75
CA SER A 36 12.70 6.27 2.84
C SER A 36 12.57 5.73 1.41
N SER A 37 13.36 6.33 0.49
CA SER A 37 13.44 5.93 -0.93
C SER A 37 13.94 4.49 -1.08
N GLN A 38 14.87 4.09 -0.19
CA GLN A 38 15.46 2.75 -0.17
C GLN A 38 14.37 1.67 0.06
N ASP A 39 13.41 1.98 0.94
CA ASP A 39 12.26 1.11 1.24
C ASP A 39 11.43 0.88 -0.04
N ILE A 40 11.02 1.97 -0.70
CA ILE A 40 10.23 1.97 -1.96
C ILE A 40 10.79 0.95 -2.97
N ARG A 41 12.09 1.07 -3.20
CA ARG A 41 12.81 0.28 -4.21
C ARG A 41 12.95 -1.19 -3.78
N ASP A 42 13.03 -1.42 -2.44
CA ASP A 42 13.08 -2.78 -1.85
C ASP A 42 11.70 -3.47 -1.97
N ILE A 43 10.63 -2.69 -1.73
CA ILE A 43 9.24 -3.18 -1.74
C ILE A 43 8.89 -3.64 -3.14
N ILE A 44 9.12 -2.77 -4.13
CA ILE A 44 8.80 -3.05 -5.55
C ILE A 44 9.66 -4.21 -6.07
N LYS A 45 10.95 -4.25 -5.67
CA LYS A 45 11.85 -5.39 -5.95
C LYS A 45 11.20 -6.73 -5.49
N SER A 46 10.63 -6.70 -4.27
CA SER A 46 9.92 -7.85 -3.70
C SER A 46 8.60 -8.11 -4.45
N MET A 47 7.88 -7.03 -4.81
CA MET A 47 6.54 -7.08 -5.44
C MET A 47 6.55 -7.82 -6.78
N LYS A 48 7.68 -7.71 -7.52
CA LYS A 48 7.88 -8.40 -8.80
C LYS A 48 7.79 -9.93 -8.63
N ASP A 49 8.43 -10.42 -7.56
CA ASP A 49 8.53 -11.86 -7.24
C ASP A 49 7.35 -12.32 -6.37
N ASN A 50 6.74 -11.37 -5.65
CA ASN A 50 5.70 -11.67 -4.64
C ASN A 50 4.30 -11.44 -5.23
N GLY A 51 3.64 -12.54 -5.63
CA GLY A 51 2.31 -12.51 -6.25
C GLY A 51 1.17 -12.46 -5.25
N LYS A 52 1.31 -11.58 -4.23
CA LYS A 52 0.26 -11.31 -3.24
C LYS A 52 0.21 -9.78 -2.98
N PRO A 53 -0.96 -9.24 -2.52
CA PRO A 53 -1.10 -7.79 -2.26
C PRO A 53 -0.31 -7.31 -1.03
N LEU A 54 -0.04 -5.99 -1.00
CA LEU A 54 0.63 -5.30 0.12
C LEU A 54 0.01 -3.90 0.28
N VAL A 55 0.17 -3.29 1.47
CA VAL A 55 -0.30 -1.92 1.75
C VAL A 55 0.91 -1.08 2.21
N VAL A 56 1.45 -0.22 1.32
CA VAL A 56 2.64 0.60 1.60
C VAL A 56 2.27 1.94 2.25
N PHE A 57 2.46 2.03 3.56
CA PHE A 57 2.37 3.31 4.28
C PHE A 57 3.71 4.06 4.16
N VAL A 58 3.74 5.15 3.36
CA VAL A 58 4.92 6.05 3.31
C VAL A 58 4.78 7.07 4.45
N ASN A 59 5.66 6.94 5.46
CA ASN A 59 5.59 7.74 6.69
C ASN A 59 6.09 9.17 6.45
N GLY A 60 5.16 10.03 5.99
CA GLY A 60 5.41 11.46 5.74
C GLY A 60 6.57 11.70 4.78
N ALA A 61 6.68 10.78 3.81
CA ALA A 61 7.81 10.72 2.90
C ALA A 61 7.68 11.76 1.77
N SER A 62 8.78 11.97 1.03
CA SER A 62 8.87 13.02 0.00
C SER A 62 8.30 12.53 -1.34
N GLN A 63 7.98 13.49 -2.22
CA GLN A 63 7.46 13.22 -3.57
C GLN A 63 8.50 12.48 -4.44
N ASN A 64 9.78 12.58 -4.03
CA ASN A 64 10.93 11.89 -4.65
C ASN A 64 10.69 10.37 -4.70
N ASP A 65 10.51 9.77 -3.51
CA ASP A 65 10.33 8.32 -3.34
C ASP A 65 8.92 7.88 -3.79
N VAL A 66 7.93 8.76 -3.58
CA VAL A 66 6.55 8.57 -4.07
C VAL A 66 6.54 8.45 -5.62
N ASN A 67 7.38 9.25 -6.29
CA ASN A 67 7.53 9.20 -7.77
C ASN A 67 8.18 7.88 -8.18
N GLU A 68 9.25 7.47 -7.46
CA GLU A 68 9.93 6.18 -7.69
C GLU A 68 8.95 5.00 -7.57
N PHE A 69 8.01 5.12 -6.61
CA PHE A 69 6.98 4.10 -6.38
C PHE A 69 6.06 4.00 -7.61
N GLN A 70 5.56 5.15 -8.05
CA GLN A 70 4.61 5.23 -9.17
C GLN A 70 5.26 4.80 -10.50
N ASN A 71 6.54 5.21 -10.69
CA ASN A 71 7.32 4.95 -11.91
C ASN A 71 7.61 3.46 -12.03
N GLU A 72 8.31 2.89 -11.03
CA GLU A 72 8.72 1.47 -11.03
C GLU A 72 7.50 0.53 -11.04
N ALA A 73 6.40 0.93 -10.38
CA ALA A 73 5.18 0.10 -10.32
C ALA A 73 4.53 -0.04 -11.72
N LYS A 74 4.34 1.09 -12.44
CA LYS A 74 3.75 1.05 -13.81
C LYS A 74 4.76 0.45 -14.83
N LYS A 75 6.06 0.62 -14.54
CA LYS A 75 7.17 0.16 -15.36
C LYS A 75 7.27 -1.38 -15.37
N GLU A 76 7.11 -1.99 -14.19
CA GLU A 76 7.28 -3.44 -14.00
C GLU A 76 5.93 -4.18 -14.10
N GLY A 77 4.83 -3.41 -14.24
CA GLY A 77 3.48 -3.98 -14.33
C GLY A 77 2.91 -4.41 -12.98
N VAL A 78 3.43 -3.79 -11.91
CA VAL A 78 2.93 -3.97 -10.54
C VAL A 78 1.72 -3.04 -10.31
N SER A 79 0.53 -3.63 -10.06
CA SER A 79 -0.71 -2.89 -9.81
C SER A 79 -0.57 -2.07 -8.50
N TYR A 80 -0.90 -0.76 -8.57
CA TYR A 80 -0.76 0.16 -7.43
C TYR A 80 -1.90 1.18 -7.42
N ASP A 81 -2.32 1.57 -6.21
CA ASP A 81 -3.39 2.56 -5.98
C ASP A 81 -2.88 3.62 -5.01
N VAL A 82 -2.87 4.89 -5.44
CA VAL A 82 -2.39 6.01 -4.61
C VAL A 82 -3.55 6.52 -3.73
N LEU A 83 -3.51 6.13 -2.46
CA LEU A 83 -4.45 6.61 -1.43
C LEU A 83 -3.87 7.85 -0.77
N LYS A 84 -4.41 9.03 -1.11
CA LYS A 84 -3.97 10.32 -0.52
C LYS A 84 -5.06 10.80 0.46
N SER A 85 -4.83 10.59 1.76
CA SER A 85 -5.80 10.93 2.82
C SER A 85 -5.07 11.12 4.15
N THR A 86 -5.41 12.19 4.89
CA THR A 86 -4.83 12.48 6.22
C THR A 86 -5.79 12.05 7.35
N ASP A 87 -7.05 11.72 7.00
CA ASP A 87 -8.09 11.30 7.95
C ASP A 87 -7.86 9.84 8.38
N PRO A 88 -7.66 9.55 9.70
CA PRO A 88 -7.34 8.18 10.20
C PRO A 88 -8.52 7.21 10.00
N GLU A 89 -9.75 7.68 10.29
CA GLU A 89 -10.99 6.92 10.11
C GLU A 89 -11.16 6.46 8.64
N GLU A 90 -10.83 7.38 7.71
CA GLU A 90 -10.93 7.16 6.27
C GLU A 90 -9.89 6.13 5.83
N LEU A 91 -8.63 6.36 6.24
CA LEU A 91 -7.50 5.47 5.90
C LEU A 91 -7.78 4.01 6.35
N THR A 92 -8.33 3.87 7.57
CA THR A 92 -8.67 2.55 8.15
C THR A 92 -9.75 1.82 7.32
N GLN A 93 -10.82 2.54 6.92
CA GLN A 93 -11.87 1.93 6.07
C GLN A 93 -11.39 1.74 4.63
N ARG A 94 -10.39 2.51 4.19
CA ARG A 94 -9.80 2.36 2.84
C ARG A 94 -8.86 1.15 2.77
N VAL A 95 -8.30 0.74 3.94
CA VAL A 95 -7.52 -0.50 4.06
C VAL A 95 -8.44 -1.70 3.71
N ARG A 96 -9.58 -1.85 4.42
CA ARG A 96 -10.51 -2.98 4.18
C ARG A 96 -11.05 -3.01 2.74
N GLU A 97 -11.45 -1.83 2.19
CA GLU A 97 -11.95 -1.72 0.78
C GLU A 97 -10.90 -2.29 -0.20
N PHE A 98 -9.64 -1.90 0.04
CA PHE A 98 -8.50 -2.40 -0.71
C PHE A 98 -8.37 -3.92 -0.55
N LEU A 99 -8.45 -4.44 0.69
CA LEU A 99 -8.24 -5.88 0.99
C LEU A 99 -9.22 -6.79 0.22
N LYS A 100 -10.45 -6.28 0.01
CA LYS A 100 -11.47 -6.97 -0.81
C LYS A 100 -11.02 -7.02 -2.28
N THR A 101 -10.74 -5.84 -2.87
CA THR A 101 -10.34 -5.73 -4.30
C THR A 101 -8.91 -6.28 -4.55
N ALA A 102 -8.14 -6.45 -3.47
CA ALA A 102 -6.77 -6.99 -3.50
C ALA A 102 -6.81 -8.53 -3.55
N GLY A 103 -7.82 -9.10 -2.86
CA GLY A 103 -8.09 -10.54 -2.90
C GLY A 103 -9.18 -10.88 -3.91
N SER A 104 -9.29 -10.06 -4.97
CA SER A 104 -10.28 -10.22 -6.04
C SER A 104 -9.74 -9.60 -7.34
N LEU A 105 -10.29 -10.05 -8.49
CA LEU A 105 -9.93 -9.55 -9.82
C LEU A 105 -11.22 -9.16 -10.55
N GLU A 106 -11.50 -7.85 -10.65
CA GLU A 106 -12.65 -7.32 -11.38
C GLU A 106 -12.30 -7.24 -12.86
N HIS A 107 -13.33 -7.27 -13.74
CA HIS A 107 -13.14 -6.93 -15.15
C HIS A 107 -13.13 -5.40 -15.25
N HIS A 108 -11.95 -4.84 -14.97
CA HIS A 108 -11.74 -3.39 -14.80
C HIS A 108 -12.05 -2.65 -16.11
N HIS A 109 -13.21 -1.96 -16.11
CA HIS A 109 -13.63 -1.09 -17.21
C HIS A 109 -12.93 0.26 -17.03
N HIS A 110 -12.96 0.76 -15.79
CA HIS A 110 -12.26 1.98 -15.39
C HIS A 110 -10.76 1.66 -15.18
N HIS A 111 -10.00 1.79 -16.28
CA HIS A 111 -8.53 1.62 -16.26
C HIS A 111 -7.88 2.92 -15.78
N HIS A 112 -8.33 4.04 -16.37
CA HIS A 112 -7.90 5.40 -16.01
C HIS A 112 -9.14 6.32 -15.97
N MET A 1 -0.20 -10.29 -10.46
CA MET A 1 -0.69 -10.10 -9.07
C MET A 1 0.25 -9.17 -8.32
N GLY A 2 -0.24 -8.61 -7.20
CA GLY A 2 0.49 -7.61 -6.43
C GLY A 2 -0.15 -6.26 -6.59
N LYS A 3 -1.34 -6.10 -5.98
CA LYS A 3 -2.08 -4.84 -5.98
C LYS A 3 -1.73 -4.08 -4.70
N VAL A 4 -1.03 -2.93 -4.82
CA VAL A 4 -0.57 -2.16 -3.63
C VAL A 4 -1.28 -0.80 -3.52
N LEU A 5 -1.51 -0.34 -2.28
CA LEU A 5 -2.11 0.97 -2.00
C LEU A 5 -1.06 1.90 -1.37
N LEU A 6 -0.55 2.82 -2.16
CA LEU A 6 0.36 3.87 -1.72
C LEU A 6 -0.43 4.93 -0.93
N VAL A 7 -0.52 4.76 0.40
CA VAL A 7 -1.16 5.72 1.30
C VAL A 7 -0.18 6.86 1.60
N ILE A 8 -0.43 8.00 0.92
CA ILE A 8 0.31 9.24 1.13
C ILE A 8 -0.46 10.11 2.15
N SER A 9 0.19 10.32 3.29
CA SER A 9 -0.29 11.19 4.36
C SER A 9 0.92 11.96 4.92
N THR A 10 0.69 13.18 5.42
CA THR A 10 1.75 13.99 6.05
C THR A 10 1.82 13.70 7.56
N ASP A 11 0.63 13.67 8.20
CA ASP A 11 0.48 13.46 9.65
C ASP A 11 0.86 12.02 10.03
N THR A 12 2.13 11.83 10.41
CA THR A 12 2.72 10.51 10.73
C THR A 12 2.04 9.87 11.96
N ASN A 13 1.45 10.72 12.81
CA ASN A 13 0.63 10.29 13.96
C ASN A 13 -0.56 9.45 13.47
N ILE A 14 -1.25 9.96 12.43
CA ILE A 14 -2.41 9.29 11.82
C ILE A 14 -1.97 7.98 11.12
N ILE A 15 -0.91 8.10 10.30
CA ILE A 15 -0.28 6.98 9.54
C ILE A 15 -0.02 5.75 10.45
N SER A 16 0.62 6.03 11.60
CA SER A 16 1.03 5.02 12.56
C SER A 16 -0.22 4.37 13.22
N SER A 17 -1.14 5.22 13.72
CA SER A 17 -2.36 4.77 14.42
C SER A 17 -3.20 3.80 13.56
N VAL A 18 -3.46 4.23 12.32
CA VAL A 18 -4.25 3.47 11.33
C VAL A 18 -3.60 2.12 11.02
N GLN A 19 -2.30 2.17 10.65
CA GLN A 19 -1.58 0.99 10.16
C GLN A 19 -1.50 -0.10 11.22
N GLU A 20 -1.11 0.31 12.45
CA GLU A 20 -0.93 -0.62 13.59
C GLU A 20 -2.26 -1.30 13.97
N ARG A 21 -3.37 -0.55 13.88
CA ARG A 21 -4.73 -1.09 14.10
C ARG A 21 -5.11 -2.08 12.99
N ALA A 22 -4.75 -1.75 11.73
CA ALA A 22 -5.13 -2.53 10.55
C ALA A 22 -4.37 -3.87 10.48
N LYS A 23 -3.09 -3.88 10.87
CA LYS A 23 -2.23 -5.09 10.87
C LYS A 23 -2.56 -5.99 12.08
N HIS A 24 -3.14 -5.39 13.13
CA HIS A 24 -3.58 -6.12 14.34
C HIS A 24 -5.00 -6.68 14.13
N ASN A 25 -5.80 -5.93 13.37
CA ASN A 25 -7.19 -6.32 13.03
C ASN A 25 -7.18 -7.43 11.96
N TYR A 26 -6.14 -7.39 11.10
CA TYR A 26 -5.92 -8.38 10.04
C TYR A 26 -4.48 -8.94 10.15
N PRO A 27 -4.22 -9.91 11.09
CA PRO A 27 -2.88 -10.55 11.24
C PRO A 27 -2.48 -11.38 10.00
N GLY A 28 -3.50 -11.90 9.27
CA GLY A 28 -3.28 -12.67 8.05
C GLY A 28 -2.96 -11.80 6.84
N ARG A 29 -3.02 -10.47 7.03
CA ARG A 29 -2.65 -9.48 6.01
C ARG A 29 -1.27 -8.91 6.31
N GLU A 30 -0.65 -8.36 5.25
CA GLU A 30 0.66 -7.70 5.33
C GLU A 30 0.53 -6.26 4.84
N ILE A 31 1.15 -5.33 5.57
CA ILE A 31 1.18 -3.89 5.24
C ILE A 31 2.61 -3.37 5.51
N ARG A 32 3.09 -2.51 4.61
CA ARG A 32 4.45 -1.94 4.66
C ARG A 32 4.45 -0.46 5.10
N THR A 33 5.66 0.02 5.41
CA THR A 33 5.96 1.42 5.74
C THR A 33 7.21 1.86 4.97
N ALA A 34 7.18 3.03 4.33
CA ALA A 34 8.39 3.65 3.79
C ALA A 34 9.12 4.40 4.93
N THR A 35 10.22 3.81 5.40
CA THR A 35 11.12 4.39 6.41
C THR A 35 12.32 5.08 5.73
N SER A 36 12.50 4.78 4.43
CA SER A 36 13.60 5.27 3.60
C SER A 36 13.23 5.09 2.10
N SER A 37 14.14 5.56 1.22
CA SER A 37 14.02 5.42 -0.25
C SER A 37 14.29 3.97 -0.69
N GLN A 38 15.02 3.22 0.16
CA GLN A 38 15.32 1.80 -0.07
C GLN A 38 14.04 0.95 0.06
N ASP A 39 13.15 1.35 0.99
CA ASP A 39 11.82 0.69 1.19
C ASP A 39 11.01 0.72 -0.11
N ILE A 40 11.05 1.87 -0.80
CA ILE A 40 10.40 2.06 -2.11
C ILE A 40 10.79 0.92 -3.09
N ARG A 41 12.10 0.60 -3.12
CA ARG A 41 12.66 -0.43 -4.02
C ARG A 41 12.45 -1.85 -3.47
N ASP A 42 12.48 -1.99 -2.13
CA ASP A 42 12.44 -3.28 -1.42
C ASP A 42 11.02 -3.89 -1.46
N ILE A 43 10.01 -3.02 -1.34
CA ILE A 43 8.59 -3.42 -1.34
C ILE A 43 8.19 -3.89 -2.76
N ILE A 44 8.54 -3.07 -3.78
CA ILE A 44 8.28 -3.39 -5.20
C ILE A 44 9.02 -4.70 -5.60
N LYS A 45 10.26 -4.86 -5.08
CA LYS A 45 11.04 -6.11 -5.24
C LYS A 45 10.26 -7.33 -4.68
N SER A 46 9.72 -7.14 -3.46
CA SER A 46 8.99 -8.17 -2.71
C SER A 46 7.64 -8.53 -3.40
N MET A 47 7.08 -7.54 -4.12
CA MET A 47 5.80 -7.69 -4.85
C MET A 47 5.98 -8.40 -6.19
N LYS A 48 7.08 -8.06 -6.89
CA LYS A 48 7.43 -8.70 -8.18
C LYS A 48 7.85 -10.17 -7.96
N ASP A 49 8.45 -10.42 -6.79
CA ASP A 49 8.91 -11.75 -6.37
C ASP A 49 7.74 -12.60 -5.86
N ASN A 50 6.83 -11.95 -5.09
CA ASN A 50 5.62 -12.60 -4.56
C ASN A 50 4.42 -11.66 -4.74
N GLY A 51 3.60 -11.95 -5.77
CA GLY A 51 2.46 -11.12 -6.14
C GLY A 51 1.30 -11.21 -5.13
N LYS A 52 1.23 -10.24 -4.22
CA LYS A 52 0.21 -10.23 -3.13
C LYS A 52 -0.31 -8.79 -2.87
N PRO A 53 -1.61 -8.64 -2.47
CA PRO A 53 -2.18 -7.33 -2.05
C PRO A 53 -1.44 -6.73 -0.83
N LEU A 54 -0.80 -5.57 -1.03
CA LEU A 54 -0.09 -4.82 0.02
C LEU A 54 -0.64 -3.38 0.12
N VAL A 55 -0.20 -2.67 1.17
CA VAL A 55 -0.52 -1.24 1.39
C VAL A 55 0.77 -0.56 1.91
N VAL A 56 1.33 0.43 1.19
CA VAL A 56 2.52 1.18 1.65
C VAL A 56 2.12 2.52 2.25
N PHE A 57 2.22 2.63 3.58
CA PHE A 57 2.13 3.91 4.28
C PHE A 57 3.48 4.63 4.20
N VAL A 58 3.54 5.71 3.41
CA VAL A 58 4.74 6.58 3.34
C VAL A 58 4.64 7.64 4.45
N ASN A 59 5.58 7.58 5.42
CA ASN A 59 5.58 8.48 6.60
C ASN A 59 6.19 9.84 6.23
N GLY A 60 5.34 10.68 5.60
CA GLY A 60 5.71 12.02 5.16
C GLY A 60 6.88 12.02 4.17
N ALA A 61 7.03 10.90 3.43
CA ALA A 61 8.08 10.73 2.41
C ALA A 61 7.86 11.72 1.27
N SER A 62 8.97 12.24 0.71
CA SER A 62 8.94 13.33 -0.28
C SER A 62 8.32 12.85 -1.60
N GLN A 63 7.94 13.81 -2.45
CA GLN A 63 7.32 13.53 -3.75
C GLN A 63 8.30 12.72 -4.64
N ASN A 64 9.62 12.90 -4.41
CA ASN A 64 10.67 12.11 -5.09
C ASN A 64 10.51 10.61 -4.80
N ASP A 65 10.30 10.26 -3.51
CA ASP A 65 10.07 8.86 -3.07
C ASP A 65 8.82 8.27 -3.74
N VAL A 66 7.76 9.10 -3.81
CA VAL A 66 6.49 8.78 -4.47
C VAL A 66 6.71 8.49 -5.97
N ASN A 67 7.56 9.31 -6.61
CA ASN A 67 7.89 9.19 -8.04
C ASN A 67 8.57 7.85 -8.31
N GLU A 68 9.57 7.52 -7.46
CA GLU A 68 10.34 6.26 -7.57
C GLU A 68 9.39 5.04 -7.51
N PHE A 69 8.43 5.11 -6.58
CA PHE A 69 7.46 4.04 -6.34
C PHE A 69 6.56 3.82 -7.57
N GLN A 70 5.89 4.90 -8.00
CA GLN A 70 4.89 4.86 -9.09
C GLN A 70 5.55 4.46 -10.43
N ASN A 71 6.76 5.00 -10.69
CA ASN A 71 7.51 4.71 -11.94
C ASN A 71 7.89 3.22 -12.03
N GLU A 72 8.56 2.69 -10.99
CA GLU A 72 9.00 1.28 -10.95
C GLU A 72 7.82 0.31 -10.90
N ALA A 73 6.66 0.79 -10.46
CA ALA A 73 5.44 0.01 -10.49
C ALA A 73 4.88 -0.11 -11.93
N LYS A 74 4.59 1.05 -12.58
CA LYS A 74 3.92 1.06 -13.91
C LYS A 74 4.78 0.44 -15.02
N LYS A 75 6.12 0.62 -14.95
CA LYS A 75 7.03 0.16 -16.03
C LYS A 75 7.18 -1.38 -16.02
N GLU A 76 7.07 -1.99 -14.83
CA GLU A 76 7.15 -3.45 -14.67
C GLU A 76 5.77 -4.10 -14.82
N GLY A 77 4.72 -3.26 -14.99
CA GLY A 77 3.33 -3.73 -15.12
C GLY A 77 2.64 -3.99 -13.79
N VAL A 78 3.34 -3.67 -12.69
CA VAL A 78 2.82 -3.83 -11.32
C VAL A 78 1.58 -2.94 -11.12
N SER A 79 0.44 -3.60 -10.85
CA SER A 79 -0.85 -2.94 -10.70
C SER A 79 -0.93 -2.28 -9.31
N TYR A 80 -0.63 -0.98 -9.27
CA TYR A 80 -0.61 -0.19 -8.01
C TYR A 80 -1.86 0.69 -7.94
N ASP A 81 -2.00 1.40 -6.82
CA ASP A 81 -3.09 2.36 -6.58
C ASP A 81 -2.60 3.40 -5.56
N VAL A 82 -3.11 4.63 -5.63
CA VAL A 82 -2.62 5.78 -4.80
C VAL A 82 -3.78 6.41 -4.01
N LEU A 83 -3.48 6.85 -2.78
CA LEU A 83 -4.46 7.46 -1.86
C LEU A 83 -3.84 8.70 -1.20
N LYS A 84 -4.51 9.86 -1.34
CA LYS A 84 -4.13 11.13 -0.67
C LYS A 84 -5.17 11.45 0.41
N SER A 85 -4.77 11.26 1.68
CA SER A 85 -5.65 11.51 2.84
C SER A 85 -4.80 11.61 4.11
N THR A 86 -5.43 12.08 5.20
CA THR A 86 -4.85 12.10 6.56
C THR A 86 -5.97 11.85 7.60
N ASP A 87 -7.12 11.33 7.12
CA ASP A 87 -8.29 11.03 7.97
C ASP A 87 -8.15 9.61 8.55
N PRO A 88 -8.05 9.43 9.91
CA PRO A 88 -7.86 8.10 10.54
C PRO A 88 -8.93 7.08 10.13
N GLU A 89 -10.23 7.45 10.25
CA GLU A 89 -11.36 6.53 9.94
C GLU A 89 -11.36 6.11 8.46
N GLU A 90 -11.02 7.07 7.57
CA GLU A 90 -11.02 6.87 6.13
C GLU A 90 -9.90 5.89 5.74
N LEU A 91 -8.67 6.18 6.20
CA LEU A 91 -7.48 5.36 5.92
C LEU A 91 -7.67 3.90 6.40
N THR A 92 -8.24 3.74 7.61
CA THR A 92 -8.47 2.43 8.26
C THR A 92 -9.45 1.56 7.44
N GLN A 93 -10.56 2.17 7.01
CA GLN A 93 -11.58 1.45 6.21
C GLN A 93 -11.11 1.28 4.76
N ARG A 94 -10.27 2.22 4.26
CA ARG A 94 -9.79 2.22 2.86
C ARG A 94 -8.82 1.06 2.63
N VAL A 95 -7.97 0.80 3.65
CA VAL A 95 -7.01 -0.32 3.65
C VAL A 95 -7.75 -1.67 3.48
N ARG A 96 -8.76 -1.90 4.32
CA ARG A 96 -9.48 -3.19 4.36
C ARG A 96 -10.40 -3.38 3.14
N GLU A 97 -10.99 -2.28 2.64
CA GLU A 97 -11.77 -2.29 1.39
C GLU A 97 -10.84 -2.60 0.20
N PHE A 98 -9.61 -2.10 0.30
CA PHE A 98 -8.59 -2.31 -0.74
C PHE A 98 -8.21 -3.79 -0.79
N LEU A 99 -7.75 -4.34 0.36
CA LEU A 99 -7.32 -5.76 0.51
C LEU A 99 -8.43 -6.74 0.06
N LYS A 100 -9.70 -6.31 0.27
CA LYS A 100 -10.90 -7.03 -0.17
C LYS A 100 -10.96 -7.12 -1.72
N THR A 101 -10.91 -5.96 -2.39
CA THR A 101 -11.10 -5.88 -3.87
C THR A 101 -9.80 -6.24 -4.63
N ALA A 102 -8.65 -6.15 -3.93
CA ALA A 102 -7.31 -6.32 -4.50
C ALA A 102 -6.99 -7.81 -4.77
N GLY A 103 -7.64 -8.70 -4.00
CA GLY A 103 -7.43 -10.14 -4.15
C GLY A 103 -8.12 -10.71 -5.38
N SER A 104 -9.45 -10.80 -5.31
CA SER A 104 -10.29 -11.34 -6.41
C SER A 104 -11.76 -10.85 -6.28
N LEU A 105 -12.09 -10.15 -5.18
CA LEU A 105 -13.47 -9.73 -4.87
C LEU A 105 -13.79 -8.36 -5.51
N GLU A 106 -13.93 -8.37 -6.84
CA GLU A 106 -14.30 -7.19 -7.63
C GLU A 106 -15.82 -6.94 -7.53
N HIS A 107 -16.28 -5.81 -8.11
CA HIS A 107 -17.72 -5.53 -8.24
C HIS A 107 -18.17 -5.92 -9.64
N HIS A 108 -19.00 -6.98 -9.76
CA HIS A 108 -19.47 -7.51 -11.05
C HIS A 108 -20.59 -6.62 -11.63
N HIS A 109 -20.36 -6.09 -12.84
CA HIS A 109 -21.34 -5.27 -13.57
C HIS A 109 -22.20 -6.14 -14.48
N HIS A 110 -23.50 -5.82 -14.55
CA HIS A 110 -24.48 -6.49 -15.45
C HIS A 110 -25.54 -5.44 -15.89
N HIS A 111 -25.06 -4.21 -16.09
CA HIS A 111 -25.89 -3.06 -16.54
C HIS A 111 -25.09 -2.25 -17.57
N HIS A 112 -25.46 -2.39 -18.84
CA HIS A 112 -24.85 -1.68 -19.97
C HIS A 112 -25.96 -1.25 -20.95
N MET A 1 -3.08 -10.10 -7.91
CA MET A 1 -1.65 -10.37 -7.64
C MET A 1 -1.01 -9.13 -6.96
N GLY A 2 0.25 -8.80 -7.30
CA GLY A 2 0.99 -7.71 -6.65
C GLY A 2 0.44 -6.34 -6.96
N LYS A 3 -0.52 -5.90 -6.13
CA LYS A 3 -1.05 -4.53 -6.14
C LYS A 3 -0.91 -3.94 -4.73
N VAL A 4 -0.56 -2.65 -4.64
CA VAL A 4 -0.32 -1.97 -3.36
C VAL A 4 -1.25 -0.75 -3.19
N LEU A 5 -1.64 -0.49 -1.94
CA LEU A 5 -2.31 0.74 -1.53
C LEU A 5 -1.25 1.67 -0.92
N LEU A 6 -0.71 2.58 -1.76
CA LEU A 6 0.27 3.58 -1.33
C LEU A 6 -0.41 4.66 -0.48
N VAL A 7 -0.44 4.44 0.83
CA VAL A 7 -1.07 5.35 1.80
C VAL A 7 -0.11 6.52 2.11
N ILE A 8 -0.41 7.68 1.53
CA ILE A 8 0.33 8.92 1.75
C ILE A 8 -0.45 9.84 2.70
N SER A 9 0.23 10.33 3.73
CA SER A 9 -0.29 11.33 4.64
C SER A 9 0.89 12.19 5.13
N THR A 10 0.61 13.45 5.47
CA THR A 10 1.59 14.36 6.07
C THR A 10 1.69 14.06 7.58
N ASP A 11 0.53 13.74 8.18
CA ASP A 11 0.42 13.40 9.60
C ASP A 11 0.97 12.00 9.86
N THR A 12 2.23 11.93 10.34
CA THR A 12 2.84 10.68 10.83
C THR A 12 2.05 10.09 12.02
N ASN A 13 1.32 10.98 12.72
CA ASN A 13 0.33 10.61 13.74
C ASN A 13 -0.73 9.66 13.15
N ILE A 14 -1.33 10.07 12.01
CA ILE A 14 -2.42 9.32 11.36
C ILE A 14 -1.88 8.09 10.61
N ILE A 15 -0.65 8.18 10.08
CA ILE A 15 0.06 7.06 9.46
C ILE A 15 0.25 5.91 10.48
N SER A 16 0.74 6.29 11.68
CA SER A 16 0.97 5.37 12.79
C SER A 16 -0.36 4.85 13.36
N SER A 17 -1.37 5.75 13.40
CA SER A 17 -2.72 5.44 13.92
C SER A 17 -3.31 4.27 13.13
N VAL A 18 -3.48 4.50 11.82
CA VAL A 18 -4.15 3.58 10.89
C VAL A 18 -3.35 2.29 10.70
N GLN A 19 -2.02 2.40 10.66
CA GLN A 19 -1.13 1.25 10.43
C GLN A 19 -1.34 0.18 11.51
N GLU A 20 -1.31 0.62 12.78
CA GLU A 20 -1.55 -0.27 13.93
C GLU A 20 -3.03 -0.71 14.00
N ARG A 21 -3.99 0.17 13.62
CA ARG A 21 -5.44 -0.22 13.57
C ARG A 21 -5.62 -1.41 12.62
N ALA A 22 -4.93 -1.32 11.48
CA ALA A 22 -4.99 -2.31 10.40
C ALA A 22 -4.21 -3.58 10.77
N LYS A 23 -3.14 -3.43 11.60
CA LYS A 23 -2.31 -4.57 12.05
C LYS A 23 -2.92 -5.29 13.27
N HIS A 24 -3.73 -4.59 14.08
CA HIS A 24 -4.42 -5.21 15.23
C HIS A 24 -5.71 -5.89 14.75
N ASN A 25 -6.39 -5.23 13.80
CA ASN A 25 -7.63 -5.75 13.19
C ASN A 25 -7.28 -6.89 12.20
N TYR A 26 -6.12 -6.75 11.51
CA TYR A 26 -5.59 -7.77 10.57
C TYR A 26 -4.13 -8.09 10.94
N PRO A 27 -3.90 -9.01 11.96
CA PRO A 27 -2.54 -9.35 12.46
C PRO A 27 -1.66 -10.00 11.37
N GLY A 28 -2.10 -11.18 10.88
CA GLY A 28 -1.44 -11.86 9.78
C GLY A 28 -1.93 -11.32 8.44
N ARG A 29 -1.36 -10.17 8.02
CA ARG A 29 -1.77 -9.46 6.79
C ARG A 29 -0.55 -8.82 6.13
N GLU A 30 -0.62 -8.65 4.79
CA GLU A 30 0.44 -8.01 4.01
C GLU A 30 0.31 -6.48 4.06
N ILE A 31 0.97 -5.87 5.07
CA ILE A 31 1.02 -4.41 5.29
C ILE A 31 2.49 -3.99 5.55
N ARG A 32 2.98 -2.97 4.81
CA ARG A 32 4.38 -2.48 4.93
C ARG A 32 4.41 -0.96 5.20
N THR A 33 5.64 -0.45 5.39
CA THR A 33 5.93 0.98 5.59
C THR A 33 7.18 1.35 4.78
N ALA A 34 7.08 2.38 3.93
CA ALA A 34 8.22 2.93 3.19
C ALA A 34 8.72 4.20 3.90
N THR A 35 9.97 4.14 4.37
CA THR A 35 10.63 5.25 5.08
C THR A 35 11.51 6.05 4.11
N SER A 36 12.17 5.34 3.17
CA SER A 36 13.10 5.93 2.19
C SER A 36 13.05 5.13 0.87
N SER A 37 13.82 5.60 -0.15
CA SER A 37 13.86 5.02 -1.51
C SER A 37 14.39 3.58 -1.53
N GLN A 38 15.10 3.21 -0.45
CA GLN A 38 15.55 1.83 -0.20
C GLN A 38 14.32 0.90 -0.11
N ASP A 39 13.35 1.31 0.73
CA ASP A 39 12.09 0.58 0.94
C ASP A 39 11.22 0.64 -0.32
N ILE A 40 11.19 1.82 -0.97
CA ILE A 40 10.42 2.09 -2.21
C ILE A 40 10.69 1.02 -3.29
N ARG A 41 11.98 0.68 -3.47
CA ARG A 41 12.42 -0.31 -4.47
C ARG A 41 12.20 -1.76 -3.98
N ASP A 42 12.54 -2.01 -2.70
CA ASP A 42 12.51 -3.37 -2.10
C ASP A 42 11.07 -3.93 -1.97
N ILE A 43 10.13 -3.05 -1.62
CA ILE A 43 8.73 -3.43 -1.41
C ILE A 43 8.06 -3.80 -2.76
N ILE A 44 8.34 -3.02 -3.81
CA ILE A 44 7.85 -3.31 -5.17
C ILE A 44 8.48 -4.62 -5.69
N LYS A 45 9.78 -4.84 -5.36
CA LYS A 45 10.48 -6.12 -5.63
C LYS A 45 9.73 -7.29 -4.98
N SER A 46 9.20 -7.07 -3.76
CA SER A 46 8.44 -8.07 -2.98
C SER A 46 7.08 -8.38 -3.65
N MET A 47 6.49 -7.35 -4.32
CA MET A 47 5.22 -7.47 -5.09
C MET A 47 5.46 -8.26 -6.39
N LYS A 48 6.65 -8.05 -6.99
CA LYS A 48 7.08 -8.72 -8.22
C LYS A 48 7.49 -10.17 -7.96
N ASP A 49 8.06 -10.40 -6.75
CA ASP A 49 8.55 -11.70 -6.29
C ASP A 49 7.37 -12.62 -5.99
N ASN A 50 6.38 -12.05 -5.30
CA ASN A 50 5.18 -12.76 -4.86
C ASN A 50 3.97 -11.85 -5.05
N GLY A 51 3.03 -12.29 -5.91
CA GLY A 51 1.78 -11.58 -6.13
C GLY A 51 0.90 -11.54 -4.88
N LYS A 52 0.86 -10.38 -4.21
CA LYS A 52 0.11 -10.18 -2.95
C LYS A 52 -0.40 -8.73 -2.83
N PRO A 53 -1.59 -8.50 -2.19
CA PRO A 53 -2.11 -7.14 -1.92
C PRO A 53 -1.42 -6.51 -0.68
N LEU A 54 -0.43 -5.62 -0.94
CA LEU A 54 0.26 -4.85 0.12
C LEU A 54 -0.46 -3.52 0.37
N VAL A 55 -0.31 -3.00 1.60
CA VAL A 55 -0.75 -1.66 1.97
C VAL A 55 0.46 -0.93 2.58
N VAL A 56 1.11 -0.05 1.79
CA VAL A 56 2.35 0.62 2.18
C VAL A 56 2.11 2.06 2.63
N PHE A 57 2.33 2.28 3.92
CA PHE A 57 2.29 3.61 4.52
C PHE A 57 3.66 4.29 4.32
N VAL A 58 3.72 5.31 3.46
CA VAL A 58 4.94 6.16 3.36
C VAL A 58 4.94 7.12 4.55
N ASN A 59 5.74 6.79 5.58
CA ASN A 59 5.81 7.58 6.82
C ASN A 59 6.50 8.92 6.56
N GLY A 60 5.68 9.90 6.10
CA GLY A 60 6.13 11.26 5.78
C GLY A 60 7.34 11.31 4.85
N ALA A 61 7.33 10.42 3.83
CA ALA A 61 8.38 10.36 2.80
C ALA A 61 8.25 11.55 1.84
N SER A 62 9.35 11.89 1.15
CA SER A 62 9.37 13.00 0.18
C SER A 62 8.64 12.59 -1.11
N GLN A 63 8.26 13.59 -1.93
CA GLN A 63 7.61 13.36 -3.24
C GLN A 63 8.56 12.62 -4.20
N ASN A 64 9.89 12.70 -3.92
CA ASN A 64 10.92 11.93 -4.66
C ASN A 64 10.64 10.42 -4.53
N ASP A 65 10.42 9.99 -3.26
CA ASP A 65 10.10 8.59 -2.91
C ASP A 65 8.82 8.12 -3.61
N VAL A 66 7.81 9.01 -3.61
CA VAL A 66 6.47 8.76 -4.17
C VAL A 66 6.50 8.66 -5.71
N ASN A 67 7.27 9.58 -6.35
CA ASN A 67 7.44 9.59 -7.83
C ASN A 67 8.09 8.30 -8.27
N GLU A 68 9.23 7.97 -7.62
CA GLU A 68 10.02 6.77 -7.94
C GLU A 68 9.22 5.48 -7.68
N PHE A 69 8.33 5.51 -6.67
CA PHE A 69 7.47 4.36 -6.34
C PHE A 69 6.52 4.07 -7.53
N GLN A 70 5.85 5.14 -7.99
CA GLN A 70 4.90 5.07 -9.12
C GLN A 70 5.63 4.72 -10.42
N ASN A 71 6.89 5.21 -10.56
CA ASN A 71 7.75 4.98 -11.74
C ASN A 71 8.12 3.49 -11.85
N GLU A 72 8.69 2.94 -10.75
CA GLU A 72 9.10 1.52 -10.64
C GLU A 72 7.91 0.59 -10.93
N ALA A 73 6.72 0.99 -10.47
CA ALA A 73 5.48 0.24 -10.69
C ALA A 73 5.07 0.23 -12.18
N LYS A 74 4.94 1.43 -12.80
CA LYS A 74 4.37 1.58 -14.17
C LYS A 74 5.31 1.02 -15.27
N LYS A 75 6.64 1.11 -15.05
CA LYS A 75 7.63 0.63 -16.02
C LYS A 75 7.70 -0.91 -16.03
N GLU A 76 7.40 -1.53 -14.86
CA GLU A 76 7.47 -2.99 -14.67
C GLU A 76 6.08 -3.65 -14.79
N GLY A 77 5.03 -2.83 -15.06
CA GLY A 77 3.65 -3.32 -15.21
C GLY A 77 2.99 -3.71 -13.89
N VAL A 78 3.65 -3.36 -12.78
CA VAL A 78 3.20 -3.67 -11.42
C VAL A 78 2.07 -2.72 -11.03
N SER A 79 0.88 -3.29 -10.81
CA SER A 79 -0.32 -2.53 -10.42
C SER A 79 -0.13 -1.92 -9.02
N TYR A 80 -0.67 -0.71 -8.85
CA TYR A 80 -0.58 0.05 -7.58
C TYR A 80 -1.85 0.91 -7.45
N ASP A 81 -1.97 1.62 -6.33
CA ASP A 81 -3.06 2.58 -6.12
C ASP A 81 -2.64 3.64 -5.11
N VAL A 82 -2.73 4.91 -5.48
CA VAL A 82 -2.35 6.04 -4.61
C VAL A 82 -3.56 6.46 -3.74
N LEU A 83 -3.33 6.48 -2.43
CA LEU A 83 -4.32 6.92 -1.43
C LEU A 83 -3.76 8.16 -0.70
N LYS A 84 -4.22 9.34 -1.14
CA LYS A 84 -3.77 10.62 -0.57
C LYS A 84 -4.85 11.14 0.40
N SER A 85 -4.62 10.95 1.72
CA SER A 85 -5.56 11.39 2.76
C SER A 85 -4.91 11.43 4.14
N THR A 86 -5.54 12.19 5.04
CA THR A 86 -5.08 12.44 6.43
C THR A 86 -6.17 12.06 7.44
N ASP A 87 -7.26 11.45 6.96
CA ASP A 87 -8.42 11.08 7.78
C ASP A 87 -8.23 9.65 8.32
N PRO A 88 -8.09 9.43 9.67
CA PRO A 88 -7.78 8.10 10.27
C PRO A 88 -8.81 7.01 9.89
N GLU A 89 -10.11 7.32 10.06
CA GLU A 89 -11.18 6.35 9.81
C GLU A 89 -11.25 5.97 8.31
N GLU A 90 -10.96 6.95 7.42
CA GLU A 90 -11.00 6.73 5.96
C GLU A 90 -9.89 5.77 5.55
N LEU A 91 -8.63 6.11 5.90
CA LEU A 91 -7.45 5.30 5.59
C LEU A 91 -7.63 3.84 6.08
N THR A 92 -8.26 3.68 7.27
CA THR A 92 -8.54 2.36 7.88
C THR A 92 -9.54 1.54 7.03
N GLN A 93 -10.67 2.17 6.58
CA GLN A 93 -11.67 1.46 5.76
C GLN A 93 -11.14 1.21 4.33
N ARG A 94 -10.15 2.02 3.89
CA ARG A 94 -9.51 1.80 2.58
C ARG A 94 -8.64 0.55 2.59
N VAL A 95 -7.95 0.28 3.73
CA VAL A 95 -7.11 -0.93 3.89
C VAL A 95 -7.94 -2.21 3.63
N ARG A 96 -9.06 -2.33 4.36
CA ARG A 96 -9.91 -3.53 4.30
C ARG A 96 -10.61 -3.67 2.94
N GLU A 97 -11.09 -2.54 2.36
CA GLU A 97 -11.76 -2.54 1.05
C GLU A 97 -10.78 -2.95 -0.07
N PHE A 98 -9.51 -2.54 0.10
CA PHE A 98 -8.44 -2.84 -0.85
C PHE A 98 -8.08 -4.34 -0.83
N LEU A 99 -7.88 -4.88 0.39
CA LEU A 99 -7.51 -6.30 0.60
C LEU A 99 -8.64 -7.24 0.14
N LYS A 100 -9.89 -6.76 0.26
CA LYS A 100 -11.10 -7.50 -0.09
C LYS A 100 -11.26 -7.56 -1.63
N THR A 101 -11.09 -6.40 -2.32
CA THR A 101 -11.25 -6.34 -3.79
C THR A 101 -10.09 -7.06 -4.50
N ALA A 102 -8.84 -6.78 -4.06
CA ALA A 102 -7.63 -7.32 -4.68
C ALA A 102 -7.53 -8.82 -4.40
N GLY A 103 -7.50 -9.19 -3.11
CA GLY A 103 -7.56 -10.59 -2.69
C GLY A 103 -9.01 -11.06 -2.64
N SER A 104 -9.58 -11.36 -3.82
CA SER A 104 -10.99 -11.77 -3.97
C SER A 104 -11.25 -13.10 -3.22
N LEU A 105 -11.74 -12.96 -1.97
CA LEU A 105 -11.98 -14.08 -1.05
C LEU A 105 -13.48 -14.38 -0.98
N GLU A 106 -14.31 -13.31 -0.89
CA GLU A 106 -15.75 -13.41 -0.63
C GLU A 106 -16.49 -14.22 -1.71
N HIS A 107 -16.83 -15.47 -1.34
CA HIS A 107 -17.59 -16.41 -2.18
C HIS A 107 -19.11 -16.19 -2.01
N HIS A 108 -19.50 -15.34 -1.03
CA HIS A 108 -20.91 -14.92 -0.86
C HIS A 108 -21.28 -13.98 -2.01
N HIS A 109 -22.00 -14.52 -3.01
CA HIS A 109 -22.30 -13.82 -4.27
C HIS A 109 -23.50 -12.87 -4.10
N HIS A 110 -23.21 -11.61 -3.78
CA HIS A 110 -24.19 -10.52 -3.81
C HIS A 110 -24.64 -10.29 -5.27
N HIS A 111 -23.65 -10.35 -6.18
CA HIS A 111 -23.89 -10.33 -7.64
C HIS A 111 -23.82 -11.77 -8.17
N HIS A 112 -24.92 -12.23 -8.81
CA HIS A 112 -24.99 -13.55 -9.45
C HIS A 112 -24.01 -13.61 -10.66
N MET A 1 0.14 -7.08 -13.18
CA MET A 1 -0.32 -7.92 -12.05
C MET A 1 0.17 -7.32 -10.73
N GLY A 2 -0.21 -7.95 -9.60
CA GLY A 2 0.03 -7.39 -8.26
C GLY A 2 -0.92 -6.22 -7.98
N LYS A 3 -0.87 -5.69 -6.75
CA LYS A 3 -1.73 -4.56 -6.35
C LYS A 3 -1.19 -3.96 -5.05
N VAL A 4 -1.08 -2.63 -4.99
CA VAL A 4 -0.56 -1.93 -3.79
C VAL A 4 -1.35 -0.64 -3.52
N LEU A 5 -1.60 -0.38 -2.23
CA LEU A 5 -2.25 0.86 -1.77
C LEU A 5 -1.16 1.78 -1.22
N LEU A 6 -0.74 2.74 -2.05
CA LEU A 6 0.22 3.78 -1.67
C LEU A 6 -0.52 4.82 -0.78
N VAL A 7 -0.50 4.59 0.54
CA VAL A 7 -1.10 5.49 1.55
C VAL A 7 -0.12 6.62 1.86
N ILE A 8 -0.54 7.86 1.60
CA ILE A 8 0.29 9.05 1.77
C ILE A 8 -0.35 10.01 2.76
N SER A 9 0.36 10.28 3.86
CA SER A 9 0.01 11.31 4.85
C SER A 9 1.30 11.99 5.30
N THR A 10 1.25 13.30 5.52
CA THR A 10 2.37 14.05 6.12
C THR A 10 2.31 13.93 7.65
N ASP A 11 1.09 13.77 8.18
CA ASP A 11 0.84 13.53 9.61
C ASP A 11 1.14 12.04 9.93
N THR A 12 2.39 11.79 10.36
CA THR A 12 2.91 10.42 10.61
C THR A 12 2.25 9.78 11.85
N ASN A 13 1.60 10.62 12.69
CA ASN A 13 0.79 10.16 13.84
C ASN A 13 -0.45 9.40 13.35
N ILE A 14 -1.08 9.91 12.27
CA ILE A 14 -2.25 9.27 11.64
C ILE A 14 -1.83 7.92 11.03
N ILE A 15 -0.70 7.94 10.29
CA ILE A 15 -0.09 6.75 9.66
C ILE A 15 0.11 5.63 10.69
N SER A 16 0.83 5.99 11.78
CA SER A 16 1.19 5.06 12.85
C SER A 16 -0.06 4.47 13.51
N SER A 17 -1.00 5.35 13.90
CA SER A 17 -2.22 4.98 14.62
C SER A 17 -3.07 3.98 13.82
N VAL A 18 -3.40 4.36 12.57
CA VAL A 18 -4.21 3.53 11.64
C VAL A 18 -3.54 2.19 11.34
N GLN A 19 -2.23 2.22 11.08
CA GLN A 19 -1.45 1.04 10.68
C GLN A 19 -1.45 -0.03 11.79
N GLU A 20 -1.35 0.43 13.06
CA GLU A 20 -1.37 -0.45 14.22
C GLU A 20 -2.74 -1.15 14.34
N ARG A 21 -3.82 -0.39 14.08
CA ARG A 21 -5.20 -0.89 14.12
C ARG A 21 -5.44 -1.91 13.01
N ALA A 22 -4.94 -1.58 11.80
CA ALA A 22 -5.20 -2.33 10.57
C ALA A 22 -4.51 -3.70 10.59
N LYS A 23 -3.22 -3.70 10.98
CA LYS A 23 -2.41 -4.93 11.04
C LYS A 23 -2.83 -5.84 12.22
N HIS A 24 -3.34 -5.21 13.29
CA HIS A 24 -3.88 -5.93 14.47
C HIS A 24 -5.24 -6.57 14.15
N ASN A 25 -6.09 -5.79 13.45
CA ASN A 25 -7.49 -6.18 13.13
C ASN A 25 -7.48 -7.29 12.07
N TYR A 26 -6.51 -7.19 11.15
CA TYR A 26 -6.31 -8.15 10.07
C TYR A 26 -4.93 -8.85 10.28
N PRO A 27 -4.85 -9.88 11.20
CA PRO A 27 -3.57 -10.52 11.61
C PRO A 27 -2.85 -11.23 10.44
N GLY A 28 -3.65 -11.86 9.55
CA GLY A 28 -3.13 -12.60 8.41
C GLY A 28 -3.24 -11.81 7.12
N ARG A 29 -2.90 -10.51 7.18
CA ARG A 29 -2.84 -9.63 6.00
C ARG A 29 -1.50 -8.89 5.99
N GLU A 30 -1.00 -8.61 4.78
CA GLU A 30 0.33 -8.06 4.57
C GLU A 30 0.29 -6.56 4.25
N ILE A 31 0.85 -5.76 5.18
CA ILE A 31 0.94 -4.30 5.09
C ILE A 31 2.41 -3.88 5.35
N ARG A 32 2.96 -2.99 4.51
CA ARG A 32 4.37 -2.52 4.61
C ARG A 32 4.42 -1.00 4.84
N THR A 33 5.63 -0.46 5.02
CA THR A 33 5.84 0.93 5.45
C THR A 33 7.12 1.51 4.81
N ALA A 34 6.99 2.58 3.99
CA ALA A 34 8.14 3.26 3.42
C ALA A 34 8.65 4.38 4.36
N THR A 35 9.76 4.09 5.04
CA THR A 35 10.45 5.05 5.92
C THR A 35 11.48 5.87 5.11
N SER A 36 11.95 5.30 3.99
CA SER A 36 13.02 5.88 3.16
C SER A 36 12.91 5.35 1.70
N SER A 37 13.82 5.86 0.82
CA SER A 37 13.80 5.57 -0.64
C SER A 37 14.16 4.12 -0.96
N GLN A 38 14.88 3.45 -0.03
CA GLN A 38 15.22 2.02 -0.15
C GLN A 38 13.95 1.16 -0.18
N ASP A 39 12.97 1.52 0.69
CA ASP A 39 11.68 0.79 0.81
C ASP A 39 10.85 0.89 -0.50
N ILE A 40 10.94 2.07 -1.16
CA ILE A 40 10.26 2.35 -2.44
C ILE A 40 10.61 1.27 -3.50
N ARG A 41 11.90 0.88 -3.54
CA ARG A 41 12.42 -0.18 -4.43
C ARG A 41 12.22 -1.60 -3.85
N ASP A 42 12.48 -1.74 -2.54
CA ASP A 42 12.58 -3.05 -1.85
C ASP A 42 11.21 -3.76 -1.75
N ILE A 43 10.18 -2.97 -1.43
CA ILE A 43 8.80 -3.47 -1.28
C ILE A 43 8.27 -4.00 -2.63
N ILE A 44 8.50 -3.24 -3.72
CA ILE A 44 8.10 -3.63 -5.10
C ILE A 44 8.89 -4.89 -5.54
N LYS A 45 10.18 -4.95 -5.19
CA LYS A 45 11.06 -6.13 -5.40
C LYS A 45 10.46 -7.40 -4.74
N SER A 46 9.86 -7.19 -3.55
CA SER A 46 9.23 -8.25 -2.76
C SER A 46 7.84 -8.63 -3.33
N MET A 47 7.13 -7.63 -3.91
CA MET A 47 5.77 -7.81 -4.47
C MET A 47 5.80 -8.75 -5.69
N LYS A 48 6.68 -8.44 -6.65
CA LYS A 48 6.76 -9.14 -7.96
C LYS A 48 7.08 -10.63 -7.81
N ASP A 49 8.03 -10.92 -6.91
CA ASP A 49 8.55 -12.29 -6.65
C ASP A 49 7.42 -13.25 -6.21
N ASN A 50 6.47 -12.71 -5.43
CA ASN A 50 5.36 -13.49 -4.84
C ASN A 50 4.05 -13.22 -5.63
N GLY A 51 4.01 -12.09 -6.36
CA GLY A 51 2.78 -11.58 -6.99
C GLY A 51 1.74 -11.14 -5.96
N LYS A 52 2.22 -10.66 -4.79
CA LYS A 52 1.39 -10.45 -3.59
C LYS A 52 0.84 -9.00 -3.51
N PRO A 53 -0.33 -8.78 -2.81
CA PRO A 53 -0.84 -7.42 -2.51
C PRO A 53 -0.25 -6.83 -1.20
N LEU A 54 0.02 -5.52 -1.17
CA LEU A 54 0.60 -4.81 0.00
C LEU A 54 -0.03 -3.41 0.17
N VAL A 55 -0.04 -2.90 1.42
CA VAL A 55 -0.48 -1.52 1.73
C VAL A 55 0.75 -0.73 2.21
N VAL A 56 1.33 0.12 1.34
CA VAL A 56 2.54 0.92 1.69
C VAL A 56 2.14 2.27 2.30
N PHE A 57 2.20 2.34 3.65
CA PHE A 57 2.13 3.62 4.37
C PHE A 57 3.51 4.32 4.25
N VAL A 58 3.58 5.41 3.49
CA VAL A 58 4.81 6.22 3.39
C VAL A 58 4.85 7.23 4.56
N ASN A 59 5.82 7.06 5.47
CA ASN A 59 6.00 7.93 6.67
C ASN A 59 6.51 9.32 6.27
N GLY A 60 5.59 10.16 5.74
CA GLY A 60 5.93 11.51 5.29
C GLY A 60 7.06 11.54 4.27
N ALA A 61 7.05 10.57 3.33
CA ALA A 61 8.06 10.48 2.26
C ALA A 61 7.89 11.63 1.25
N SER A 62 8.98 12.01 0.56
CA SER A 62 8.98 13.12 -0.41
C SER A 62 8.13 12.77 -1.66
N GLN A 63 7.70 13.80 -2.40
CA GLN A 63 6.94 13.63 -3.66
C GLN A 63 7.81 12.91 -4.71
N ASN A 64 9.14 13.05 -4.57
CA ASN A 64 10.11 12.28 -5.36
C ASN A 64 9.91 10.77 -5.12
N ASP A 65 9.81 10.36 -3.83
CA ASP A 65 9.60 8.93 -3.46
C ASP A 65 8.25 8.40 -3.99
N VAL A 66 7.22 9.26 -3.96
CA VAL A 66 5.88 8.95 -4.48
C VAL A 66 5.95 8.65 -5.98
N ASN A 67 6.59 9.56 -6.73
CA ASN A 67 6.73 9.46 -8.19
C ASN A 67 7.61 8.27 -8.58
N GLU A 68 8.69 8.04 -7.80
CA GLU A 68 9.59 6.90 -8.00
C GLU A 68 8.86 5.58 -7.78
N PHE A 69 8.00 5.53 -6.76
CA PHE A 69 7.20 4.33 -6.44
C PHE A 69 6.28 3.98 -7.61
N GLN A 70 5.66 5.04 -8.17
CA GLN A 70 4.76 4.93 -9.32
C GLN A 70 5.53 4.52 -10.60
N ASN A 71 6.81 4.96 -10.71
CA ASN A 71 7.69 4.63 -11.85
C ASN A 71 8.12 3.16 -11.80
N GLU A 72 8.60 2.72 -10.64
CA GLU A 72 9.13 1.36 -10.44
C GLU A 72 8.02 0.33 -10.43
N ALA A 73 6.79 0.78 -10.12
CA ALA A 73 5.60 -0.07 -10.21
C ALA A 73 5.18 -0.27 -11.67
N LYS A 74 5.02 0.86 -12.42
CA LYS A 74 4.48 0.81 -13.81
C LYS A 74 5.42 0.06 -14.79
N LYS A 75 6.75 0.26 -14.63
CA LYS A 75 7.75 -0.35 -15.54
C LYS A 75 7.82 -1.88 -15.36
N GLU A 76 7.39 -2.35 -14.17
CA GLU A 76 7.38 -3.78 -13.81
C GLU A 76 5.95 -4.38 -13.92
N GLY A 77 4.97 -3.51 -14.23
CA GLY A 77 3.57 -3.93 -14.39
C GLY A 77 2.82 -4.11 -13.08
N VAL A 78 3.43 -3.67 -11.96
CA VAL A 78 2.83 -3.71 -10.62
C VAL A 78 1.73 -2.64 -10.53
N SER A 79 0.47 -3.08 -10.46
CA SER A 79 -0.70 -2.19 -10.35
C SER A 79 -0.68 -1.46 -8.98
N TYR A 80 -0.77 -0.12 -9.00
CA TYR A 80 -0.75 0.71 -7.78
C TYR A 80 -1.99 1.60 -7.72
N ASP A 81 -2.30 2.06 -6.50
CA ASP A 81 -3.39 3.01 -6.24
C ASP A 81 -2.89 4.03 -5.21
N VAL A 82 -2.92 5.31 -5.59
CA VAL A 82 -2.43 6.42 -4.76
C VAL A 82 -3.58 6.94 -3.88
N LEU A 83 -3.29 7.12 -2.59
CA LEU A 83 -4.27 7.53 -1.58
C LEU A 83 -3.72 8.74 -0.83
N LYS A 84 -4.26 9.93 -1.13
CA LYS A 84 -3.82 11.18 -0.51
C LYS A 84 -4.85 11.59 0.56
N SER A 85 -4.50 11.37 1.84
CA SER A 85 -5.42 11.65 2.97
C SER A 85 -4.64 11.77 4.27
N THR A 86 -5.30 12.30 5.31
CA THR A 86 -4.79 12.30 6.71
C THR A 86 -5.93 11.97 7.67
N ASP A 87 -7.04 11.44 7.14
CA ASP A 87 -8.23 11.09 7.92
C ASP A 87 -8.06 9.64 8.44
N PRO A 88 -7.95 9.42 9.79
CA PRO A 88 -7.81 8.06 10.39
C PRO A 88 -8.92 7.10 9.92
N GLU A 89 -10.16 7.61 9.95
CA GLU A 89 -11.36 6.88 9.50
C GLU A 89 -11.24 6.41 8.02
N GLU A 90 -10.77 7.30 7.13
CA GLU A 90 -10.66 6.99 5.69
C GLU A 90 -9.54 5.97 5.46
N LEU A 91 -8.36 6.19 6.07
CA LEU A 91 -7.19 5.32 5.87
C LEU A 91 -7.48 3.88 6.37
N THR A 92 -8.24 3.75 7.48
CA THR A 92 -8.65 2.45 8.05
C THR A 92 -9.59 1.69 7.09
N GLN A 93 -10.62 2.38 6.57
CA GLN A 93 -11.60 1.76 5.66
C GLN A 93 -10.94 1.42 4.31
N ARG A 94 -9.94 2.22 3.88
CA ARG A 94 -9.23 2.00 2.60
C ARG A 94 -8.35 0.73 2.65
N VAL A 95 -7.87 0.35 3.85
CA VAL A 95 -7.13 -0.91 4.04
C VAL A 95 -8.05 -2.10 3.72
N ARG A 96 -9.27 -2.13 4.30
CA ARG A 96 -10.21 -3.25 4.08
C ARG A 96 -10.81 -3.22 2.66
N GLU A 97 -10.90 -2.02 2.04
CA GLU A 97 -11.30 -1.89 0.63
C GLU A 97 -10.20 -2.42 -0.29
N PHE A 98 -8.94 -2.25 0.15
CA PHE A 98 -7.78 -2.80 -0.54
C PHE A 98 -7.82 -4.33 -0.49
N LEU A 99 -8.10 -4.87 0.71
CA LEU A 99 -8.17 -6.32 0.94
C LEU A 99 -9.37 -6.96 0.21
N LYS A 100 -10.39 -6.14 -0.05
CA LYS A 100 -11.60 -6.53 -0.80
C LYS A 100 -11.26 -6.62 -2.31
N THR A 101 -10.60 -5.58 -2.86
CA THR A 101 -10.23 -5.52 -4.29
C THR A 101 -9.05 -6.47 -4.61
N ALA A 102 -8.22 -6.74 -3.59
CA ALA A 102 -7.11 -7.71 -3.68
C ALA A 102 -7.67 -9.13 -3.63
N GLY A 103 -8.67 -9.33 -2.76
CA GLY A 103 -9.35 -10.62 -2.61
C GLY A 103 -10.64 -10.70 -3.40
N SER A 104 -10.56 -10.31 -4.69
CA SER A 104 -11.71 -10.38 -5.62
C SER A 104 -11.68 -11.70 -6.43
N LEU A 105 -11.03 -12.74 -5.87
CA LEU A 105 -10.86 -14.05 -6.54
C LEU A 105 -12.15 -14.90 -6.39
N GLU A 106 -13.15 -14.53 -7.21
CA GLU A 106 -14.46 -15.23 -7.34
C GLU A 106 -15.25 -15.28 -6.00
N HIS A 107 -14.90 -14.40 -5.04
CA HIS A 107 -15.60 -14.30 -3.75
C HIS A 107 -16.93 -13.53 -3.92
N HIS A 108 -17.90 -14.20 -4.57
CA HIS A 108 -19.20 -13.61 -4.93
C HIS A 108 -20.22 -13.91 -3.81
N HIS A 109 -20.00 -13.25 -2.66
CA HIS A 109 -20.89 -13.33 -1.49
C HIS A 109 -21.06 -11.91 -0.91
N HIS A 110 -22.32 -11.45 -0.84
CA HIS A 110 -22.70 -10.15 -0.26
C HIS A 110 -22.25 -10.08 1.22
N HIS A 111 -22.42 -11.20 1.93
CA HIS A 111 -21.89 -11.40 3.28
C HIS A 111 -20.86 -12.54 3.22
N HIS A 112 -19.62 -12.18 2.84
CA HIS A 112 -18.51 -13.14 2.69
C HIS A 112 -18.11 -13.78 4.05
N MET A 1 4.16 -10.04 -10.45
CA MET A 1 2.79 -9.48 -10.28
C MET A 1 2.83 -8.36 -9.22
N GLY A 2 1.69 -8.12 -8.55
CA GLY A 2 1.62 -7.18 -7.43
C GLY A 2 0.58 -6.10 -7.66
N LYS A 3 -0.19 -5.81 -6.61
CA LYS A 3 -1.12 -4.67 -6.55
C LYS A 3 -0.98 -4.05 -5.17
N VAL A 4 -0.90 -2.73 -5.08
CA VAL A 4 -0.56 -2.08 -3.80
C VAL A 4 -1.34 -0.78 -3.59
N LEU A 5 -1.71 -0.51 -2.33
CA LEU A 5 -2.36 0.73 -1.92
C LEU A 5 -1.28 1.68 -1.39
N LEU A 6 -0.89 2.65 -2.24
CA LEU A 6 0.05 3.70 -1.86
C LEU A 6 -0.69 4.73 -0.98
N VAL A 7 -0.61 4.52 0.35
CA VAL A 7 -1.17 5.42 1.36
C VAL A 7 -0.16 6.52 1.66
N ILE A 8 -0.51 7.77 1.30
CA ILE A 8 0.33 8.94 1.48
C ILE A 8 -0.31 9.91 2.48
N SER A 9 0.49 10.35 3.44
CA SER A 9 0.14 11.36 4.43
C SER A 9 1.44 11.94 5.02
N THR A 10 1.37 13.18 5.51
CA THR A 10 2.49 13.80 6.23
C THR A 10 2.40 13.42 7.71
N ASP A 11 1.17 13.32 8.20
CA ASP A 11 0.84 13.05 9.61
C ASP A 11 1.20 11.60 10.00
N THR A 12 2.45 11.41 10.45
CA THR A 12 2.97 10.10 10.87
C THR A 12 2.22 9.52 12.08
N ASN A 13 1.57 10.41 12.85
CA ASN A 13 0.69 10.01 13.96
C ASN A 13 -0.54 9.24 13.43
N ILE A 14 -1.14 9.79 12.35
CA ILE A 14 -2.32 9.21 11.71
C ILE A 14 -1.93 7.90 10.98
N ILE A 15 -0.83 7.97 10.22
CA ILE A 15 -0.24 6.81 9.51
C ILE A 15 -0.01 5.64 10.47
N SER A 16 0.58 5.96 11.63
CA SER A 16 0.87 5.00 12.71
C SER A 16 -0.44 4.35 13.19
N SER A 17 -1.43 5.20 13.58
CA SER A 17 -2.71 4.76 14.16
C SER A 17 -3.41 3.75 13.24
N VAL A 18 -3.61 4.15 11.97
CA VAL A 18 -4.29 3.36 10.94
C VAL A 18 -3.58 2.03 10.68
N GLN A 19 -2.25 2.10 10.55
CA GLN A 19 -1.39 0.95 10.25
C GLN A 19 -1.47 -0.10 11.38
N GLU A 20 -1.49 0.39 12.63
CA GLU A 20 -1.60 -0.47 13.83
C GLU A 20 -3.00 -1.11 13.90
N ARG A 21 -4.04 -0.34 13.54
CA ARG A 21 -5.43 -0.85 13.46
C ARG A 21 -5.53 -1.94 12.38
N ALA A 22 -4.80 -1.74 11.28
CA ALA A 22 -4.81 -2.63 10.12
C ALA A 22 -4.15 -3.99 10.48
N LYS A 23 -2.92 -3.94 11.01
CA LYS A 23 -2.12 -5.16 11.28
C LYS A 23 -2.63 -5.95 12.51
N HIS A 24 -3.22 -5.23 13.49
CA HIS A 24 -3.69 -5.84 14.74
C HIS A 24 -5.10 -6.44 14.55
N ASN A 25 -6.03 -5.62 14.01
CA ASN A 25 -7.44 -6.03 13.81
C ASN A 25 -7.56 -7.02 12.64
N TYR A 26 -6.58 -6.99 11.71
CA TYR A 26 -6.46 -8.00 10.64
C TYR A 26 -5.11 -8.75 10.82
N PRO A 27 -5.07 -9.79 11.71
CA PRO A 27 -3.84 -10.58 12.00
C PRO A 27 -3.31 -11.33 10.76
N GLY A 28 -1.98 -11.32 10.57
CA GLY A 28 -1.32 -12.07 9.50
C GLY A 28 -1.43 -11.40 8.12
N ARG A 29 -2.07 -10.21 8.05
CA ARG A 29 -2.12 -9.44 6.81
C ARG A 29 -0.79 -8.74 6.58
N GLU A 30 -0.11 -9.15 5.50
CA GLU A 30 1.17 -8.56 5.08
C GLU A 30 0.94 -7.11 4.65
N ILE A 31 1.53 -6.18 5.40
CA ILE A 31 1.41 -4.73 5.18
C ILE A 31 2.82 -4.10 5.28
N ARG A 32 3.11 -3.13 4.39
CA ARG A 32 4.42 -2.45 4.31
C ARG A 32 4.34 -1.00 4.80
N THR A 33 5.52 -0.43 5.04
CA THR A 33 5.68 0.96 5.51
C THR A 33 6.98 1.53 4.94
N ALA A 34 6.89 2.55 4.08
CA ALA A 34 8.05 3.15 3.41
C ALA A 34 8.43 4.51 4.04
N THR A 35 9.62 4.57 4.64
CA THR A 35 10.20 5.82 5.14
C THR A 35 10.74 6.65 3.96
N SER A 36 11.49 5.99 3.07
CA SER A 36 12.16 6.65 1.93
C SER A 36 12.39 5.62 0.78
N SER A 37 13.15 6.06 -0.26
CA SER A 37 13.33 5.33 -1.54
C SER A 37 13.91 3.91 -1.38
N GLN A 38 14.64 3.67 -0.27
CA GLN A 38 15.21 2.35 0.06
C GLN A 38 14.08 1.31 0.19
N ASP A 39 13.06 1.69 0.98
CA ASP A 39 11.87 0.86 1.21
C ASP A 39 11.07 0.72 -0.08
N ILE A 40 10.82 1.89 -0.72
CA ILE A 40 10.10 2.01 -2.01
C ILE A 40 10.55 0.93 -3.02
N ARG A 41 11.88 0.84 -3.21
CA ARG A 41 12.51 -0.11 -4.14
C ARG A 41 12.31 -1.56 -3.66
N ASP A 42 12.60 -1.80 -2.37
CA ASP A 42 12.54 -3.14 -1.74
C ASP A 42 11.13 -3.78 -1.84
N ILE A 43 10.09 -2.94 -1.62
CA ILE A 43 8.68 -3.38 -1.58
C ILE A 43 8.21 -3.84 -2.96
N ILE A 44 8.38 -2.96 -3.97
CA ILE A 44 7.96 -3.21 -5.36
C ILE A 44 8.62 -4.49 -5.89
N LYS A 45 9.95 -4.57 -5.67
CA LYS A 45 10.81 -5.72 -6.00
C LYS A 45 10.30 -7.03 -5.33
N SER A 46 9.82 -6.92 -4.08
CA SER A 46 9.29 -8.06 -3.31
C SER A 46 7.91 -8.52 -3.85
N MET A 47 7.08 -7.56 -4.31
CA MET A 47 5.72 -7.84 -4.83
C MET A 47 5.76 -8.43 -6.25
N LYS A 48 6.86 -8.18 -6.98
CA LYS A 48 7.07 -8.81 -8.30
C LYS A 48 7.22 -10.32 -8.15
N ASP A 49 8.07 -10.72 -7.19
CA ASP A 49 8.43 -12.14 -6.95
C ASP A 49 7.22 -12.95 -6.45
N ASN A 50 6.29 -12.29 -5.76
CA ASN A 50 5.12 -12.94 -5.15
C ASN A 50 3.83 -12.24 -5.61
N GLY A 51 2.97 -12.98 -6.33
CA GLY A 51 1.66 -12.50 -6.74
C GLY A 51 0.72 -12.30 -5.54
N LYS A 52 0.82 -11.11 -4.92
CA LYS A 52 0.06 -10.77 -3.71
C LYS A 52 -0.19 -9.24 -3.66
N PRO A 53 -1.30 -8.79 -2.98
CA PRO A 53 -1.51 -7.37 -2.67
C PRO A 53 -0.90 -6.93 -1.32
N LEU A 54 -0.36 -5.70 -1.28
CA LEU A 54 0.17 -5.05 -0.04
C LEU A 54 -0.41 -3.65 0.12
N VAL A 55 -0.29 -3.09 1.34
CA VAL A 55 -0.66 -1.69 1.63
C VAL A 55 0.59 -0.96 2.15
N VAL A 56 1.14 -0.02 1.35
CA VAL A 56 2.33 0.76 1.73
C VAL A 56 1.93 2.09 2.38
N PHE A 57 2.21 2.22 3.68
CA PHE A 57 2.10 3.49 4.41
C PHE A 57 3.44 4.24 4.28
N VAL A 58 3.48 5.33 3.48
CA VAL A 58 4.69 6.15 3.38
C VAL A 58 4.69 7.19 4.53
N ASN A 59 5.65 7.06 5.45
CA ASN A 59 5.81 7.95 6.61
C ASN A 59 6.34 9.32 6.16
N GLY A 60 5.41 10.20 5.74
CA GLY A 60 5.75 11.57 5.30
C GLY A 60 6.83 11.63 4.23
N ALA A 61 6.86 10.61 3.35
CA ALA A 61 7.88 10.49 2.30
C ALA A 61 7.71 11.62 1.26
N SER A 62 8.86 12.19 0.84
CA SER A 62 8.88 13.34 -0.09
C SER A 62 8.39 12.91 -1.48
N GLN A 63 8.05 13.91 -2.31
CA GLN A 63 7.54 13.71 -3.68
C GLN A 63 8.54 12.91 -4.55
N ASN A 64 9.84 12.98 -4.17
CA ASN A 64 10.90 12.16 -4.80
C ASN A 64 10.54 10.67 -4.64
N ASP A 65 10.37 10.23 -3.36
CA ASP A 65 10.09 8.80 -3.01
C ASP A 65 8.79 8.32 -3.66
N VAL A 66 7.80 9.22 -3.68
CA VAL A 66 6.48 8.99 -4.29
C VAL A 66 6.62 8.72 -5.80
N ASN A 67 7.43 9.57 -6.49
CA ASN A 67 7.69 9.43 -7.93
C ASN A 67 8.48 8.16 -8.23
N GLU A 68 9.44 7.79 -7.33
CA GLU A 68 10.21 6.55 -7.47
C GLU A 68 9.26 5.34 -7.39
N PHE A 69 8.26 5.44 -6.50
CA PHE A 69 7.27 4.37 -6.27
C PHE A 69 6.38 4.19 -7.50
N GLN A 70 5.88 5.31 -8.03
CA GLN A 70 4.91 5.31 -9.12
C GLN A 70 5.53 4.81 -10.44
N ASN A 71 6.69 5.41 -10.80
CA ASN A 71 7.43 5.05 -12.03
C ASN A 71 7.87 3.59 -11.98
N GLU A 72 8.55 3.18 -10.88
CA GLU A 72 9.02 1.79 -10.71
C GLU A 72 7.85 0.81 -10.74
N ALA A 73 6.80 1.03 -9.92
CA ALA A 73 5.64 0.11 -9.82
C ALA A 73 5.03 -0.19 -11.21
N LYS A 74 4.73 0.87 -12.00
CA LYS A 74 4.08 0.70 -13.32
C LYS A 74 4.98 -0.07 -14.31
N LYS A 75 6.30 0.27 -14.36
CA LYS A 75 7.25 -0.37 -15.31
C LYS A 75 7.64 -1.79 -14.87
N GLU A 76 7.46 -2.08 -13.57
CA GLU A 76 7.78 -3.39 -13.00
C GLU A 76 6.54 -4.29 -12.91
N GLY A 77 5.40 -3.84 -13.50
CA GLY A 77 4.20 -4.67 -13.63
C GLY A 77 3.27 -4.62 -12.42
N VAL A 78 3.68 -3.87 -11.38
CA VAL A 78 2.90 -3.70 -10.16
C VAL A 78 1.81 -2.61 -10.38
N SER A 79 0.54 -3.02 -10.26
CA SER A 79 -0.61 -2.13 -10.39
C SER A 79 -0.84 -1.40 -9.06
N TYR A 80 -0.23 -0.20 -8.93
CA TYR A 80 -0.34 0.61 -7.71
C TYR A 80 -1.63 1.45 -7.75
N ASP A 81 -2.15 1.78 -6.56
CA ASP A 81 -3.39 2.54 -6.40
C ASP A 81 -3.08 3.72 -5.46
N VAL A 82 -3.29 4.94 -5.95
CA VAL A 82 -2.80 6.15 -5.29
C VAL A 82 -3.87 6.70 -4.32
N LEU A 83 -3.49 6.86 -3.05
CA LEU A 83 -4.35 7.36 -1.99
C LEU A 83 -3.59 8.43 -1.19
N LYS A 84 -4.13 9.65 -1.13
CA LYS A 84 -3.67 10.72 -0.22
C LYS A 84 -4.82 11.08 0.71
N SER A 85 -4.57 10.99 2.02
CA SER A 85 -5.52 11.44 3.06
C SER A 85 -4.80 11.47 4.42
N THR A 86 -5.21 12.41 5.27
CA THR A 86 -4.66 12.58 6.62
C THR A 86 -5.72 12.26 7.70
N ASP A 87 -6.88 11.68 7.28
CA ASP A 87 -7.96 11.28 8.21
C ASP A 87 -7.77 9.82 8.62
N PRO A 88 -7.75 9.51 9.98
CA PRO A 88 -7.70 8.12 10.48
C PRO A 88 -8.81 7.23 9.91
N GLU A 89 -10.07 7.72 10.00
CA GLU A 89 -11.26 6.96 9.57
C GLU A 89 -11.18 6.60 8.07
N GLU A 90 -10.68 7.56 7.26
CA GLU A 90 -10.59 7.41 5.81
C GLU A 90 -9.60 6.31 5.47
N LEU A 91 -8.36 6.46 5.95
CA LEU A 91 -7.26 5.54 5.64
C LEU A 91 -7.58 4.10 6.12
N THR A 92 -8.19 3.98 7.33
CA THR A 92 -8.52 2.68 7.95
C THR A 92 -9.56 1.91 7.11
N GLN A 93 -10.60 2.61 6.62
CA GLN A 93 -11.62 1.98 5.78
C GLN A 93 -11.01 1.62 4.40
N ARG A 94 -10.08 2.45 3.87
CA ARG A 94 -9.42 2.20 2.56
C ARG A 94 -8.57 0.92 2.59
N VAL A 95 -7.97 0.59 3.77
CA VAL A 95 -7.18 -0.64 3.95
C VAL A 95 -8.07 -1.88 3.74
N ARG A 96 -9.22 -1.95 4.47
CA ARG A 96 -10.12 -3.12 4.41
C ARG A 96 -10.78 -3.24 3.03
N GLU A 97 -11.15 -2.09 2.41
CA GLU A 97 -11.76 -2.07 1.05
C GLU A 97 -10.77 -2.58 -0.01
N PHE A 98 -9.47 -2.20 0.18
CA PHE A 98 -8.39 -2.62 -0.73
C PHE A 98 -8.13 -4.12 -0.59
N LEU A 99 -7.91 -4.59 0.66
CA LEU A 99 -7.66 -6.02 0.97
C LEU A 99 -8.79 -6.91 0.43
N LYS A 100 -10.01 -6.34 0.40
CA LYS A 100 -11.21 -7.00 -0.09
C LYS A 100 -11.14 -7.21 -1.63
N THR A 101 -10.97 -6.10 -2.38
CA THR A 101 -11.06 -6.10 -3.86
C THR A 101 -9.77 -6.60 -4.55
N ALA A 102 -8.61 -6.41 -3.88
CA ALA A 102 -7.29 -6.83 -4.40
C ALA A 102 -7.00 -8.29 -4.02
N GLY A 103 -7.38 -8.66 -2.77
CA GLY A 103 -7.20 -10.02 -2.26
C GLY A 103 -8.03 -11.04 -3.04
N SER A 104 -9.33 -10.72 -3.19
CA SER A 104 -10.21 -11.44 -4.11
C SER A 104 -10.03 -10.84 -5.52
N LEU A 105 -9.28 -11.54 -6.39
CA LEU A 105 -8.96 -11.05 -7.75
C LEU A 105 -10.25 -10.91 -8.57
N GLU A 106 -10.77 -9.66 -8.63
CA GLU A 106 -12.02 -9.31 -9.33
C GLU A 106 -11.67 -8.32 -10.45
N HIS A 107 -12.45 -8.35 -11.55
CA HIS A 107 -12.25 -7.44 -12.71
C HIS A 107 -12.82 -6.02 -12.42
N HIS A 108 -13.33 -5.79 -11.19
CA HIS A 108 -13.72 -4.45 -10.71
C HIS A 108 -12.48 -3.56 -10.57
N HIS A 109 -12.17 -2.83 -11.66
CA HIS A 109 -11.12 -1.80 -11.69
C HIS A 109 -11.73 -0.44 -11.37
N HIS A 110 -12.92 -0.19 -11.95
CA HIS A 110 -13.69 1.07 -11.79
C HIS A 110 -12.91 2.29 -12.37
N HIS A 111 -13.06 2.49 -13.69
CA HIS A 111 -12.45 3.62 -14.42
C HIS A 111 -13.16 3.76 -15.79
N HIS A 112 -13.75 4.95 -16.05
CA HIS A 112 -14.39 5.29 -17.34
C HIS A 112 -14.36 6.83 -17.50
N MET A 1 1.10 -7.52 -12.38
CA MET A 1 1.56 -8.50 -11.39
C MET A 1 0.63 -8.50 -10.16
N GLY A 2 0.57 -7.35 -9.46
CA GLY A 2 -0.28 -7.18 -8.28
C GLY A 2 -0.65 -5.72 -8.06
N LYS A 3 -1.48 -5.44 -7.03
CA LYS A 3 -1.94 -4.07 -6.70
C LYS A 3 -1.44 -3.68 -5.29
N VAL A 4 -0.97 -2.44 -5.15
CA VAL A 4 -0.41 -1.93 -3.88
C VAL A 4 -1.12 -0.62 -3.46
N LEU A 5 -1.38 -0.44 -2.16
CA LEU A 5 -2.05 0.77 -1.65
C LEU A 5 -1.00 1.76 -1.11
N LEU A 6 -0.66 2.74 -1.94
CA LEU A 6 0.25 3.84 -1.57
C LEU A 6 -0.52 4.85 -0.68
N VAL A 7 -0.46 4.64 0.64
CA VAL A 7 -1.08 5.52 1.64
C VAL A 7 -0.17 6.73 1.90
N ILE A 8 -0.48 7.85 1.25
CA ILE A 8 0.19 9.13 1.44
C ILE A 8 -0.59 9.99 2.44
N SER A 9 0.02 10.22 3.61
CA SER A 9 -0.53 11.10 4.65
C SER A 9 0.62 11.95 5.21
N THR A 10 0.40 13.26 5.36
CA THR A 10 1.41 14.19 5.91
C THR A 10 1.54 14.02 7.44
N ASP A 11 0.37 13.82 8.10
CA ASP A 11 0.31 13.58 9.55
C ASP A 11 0.70 12.13 9.87
N THR A 12 1.97 11.94 10.28
CA THR A 12 2.53 10.63 10.72
C THR A 12 1.82 10.11 11.99
N ASN A 13 1.17 11.04 12.70
CA ASN A 13 0.36 10.77 13.91
C ASN A 13 -0.86 9.90 13.54
N ILE A 14 -1.55 10.29 12.44
CA ILE A 14 -2.72 9.58 11.92
C ILE A 14 -2.29 8.21 11.35
N ILE A 15 -1.16 8.21 10.60
CA ILE A 15 -0.56 6.98 10.01
C ILE A 15 -0.27 5.96 11.10
N SER A 16 0.33 6.43 12.20
CA SER A 16 0.71 5.60 13.35
C SER A 16 -0.51 4.83 13.88
N SER A 17 -1.63 5.55 14.05
CA SER A 17 -2.89 4.99 14.58
C SER A 17 -3.49 3.95 13.62
N VAL A 18 -3.73 4.37 12.36
CA VAL A 18 -4.38 3.54 11.31
C VAL A 18 -3.58 2.28 11.00
N GLN A 19 -2.26 2.46 10.89
CA GLN A 19 -1.32 1.39 10.54
C GLN A 19 -1.31 0.31 11.61
N GLU A 20 -1.14 0.71 12.89
CA GLU A 20 -1.09 -0.24 14.01
C GLU A 20 -2.45 -0.96 14.16
N ARG A 21 -3.56 -0.19 13.96
CA ARG A 21 -4.94 -0.75 13.89
C ARG A 21 -5.01 -1.84 12.80
N ALA A 22 -4.33 -1.58 11.67
CA ALA A 22 -4.37 -2.45 10.50
C ALA A 22 -3.64 -3.80 10.74
N LYS A 23 -2.50 -3.80 11.49
CA LYS A 23 -1.83 -5.08 11.84
C LYS A 23 -2.54 -5.79 13.02
N HIS A 24 -3.19 -5.03 13.93
CA HIS A 24 -3.95 -5.61 15.06
C HIS A 24 -5.22 -6.31 14.55
N ASN A 25 -5.89 -5.67 13.57
CA ASN A 25 -7.18 -6.13 13.01
C ASN A 25 -6.95 -7.17 11.90
N TYR A 26 -5.81 -7.02 11.18
CA TYR A 26 -5.43 -7.94 10.09
C TYR A 26 -4.07 -8.60 10.42
N PRO A 27 -4.07 -9.73 11.19
CA PRO A 27 -2.83 -10.47 11.51
C PRO A 27 -2.30 -11.31 10.33
N GLY A 28 -3.20 -11.61 9.36
CA GLY A 28 -2.85 -12.44 8.19
C GLY A 28 -2.56 -11.62 6.95
N ARG A 29 -2.40 -10.28 7.10
CA ARG A 29 -2.08 -9.37 5.99
C ARG A 29 -0.68 -8.81 6.15
N GLU A 30 0.02 -8.71 5.01
CA GLU A 30 1.41 -8.25 4.93
C GLU A 30 1.39 -6.76 4.60
N ILE A 31 1.82 -5.92 5.56
CA ILE A 31 1.81 -4.46 5.40
C ILE A 31 3.25 -3.92 5.51
N ARG A 32 3.56 -2.92 4.66
CA ARG A 32 4.89 -2.29 4.57
C ARG A 32 4.80 -0.79 4.88
N THR A 33 5.96 -0.19 5.20
CA THR A 33 6.10 1.24 5.45
C THR A 33 7.46 1.73 4.87
N ALA A 34 7.40 2.63 3.88
CA ALA A 34 8.60 3.13 3.21
C ALA A 34 9.29 4.21 4.07
N THR A 35 10.43 3.82 4.67
CA THR A 35 11.28 4.71 5.48
C THR A 35 12.29 5.44 4.56
N SER A 36 12.60 4.82 3.41
CA SER A 36 13.51 5.37 2.40
C SER A 36 13.17 4.82 1.00
N SER A 37 13.89 5.33 -0.03
CA SER A 37 13.72 4.91 -1.43
C SER A 37 14.22 3.46 -1.66
N GLN A 38 15.09 2.98 -0.74
CA GLN A 38 15.53 1.57 -0.73
C GLN A 38 14.33 0.66 -0.43
N ASP A 39 13.49 1.07 0.56
CA ASP A 39 12.26 0.35 0.92
C ASP A 39 11.31 0.29 -0.27
N ILE A 40 11.15 1.45 -0.95
CA ILE A 40 10.29 1.61 -2.15
C ILE A 40 10.51 0.46 -3.17
N ARG A 41 11.78 0.28 -3.59
CA ARG A 41 12.14 -0.71 -4.63
C ARG A 41 12.09 -2.15 -4.07
N ASP A 42 12.39 -2.30 -2.76
CA ASP A 42 12.36 -3.60 -2.04
C ASP A 42 10.93 -4.18 -1.99
N ILE A 43 9.95 -3.30 -1.71
CA ILE A 43 8.53 -3.66 -1.57
C ILE A 43 7.94 -4.07 -2.94
N ILE A 44 8.25 -3.27 -3.97
CA ILE A 44 7.79 -3.53 -5.35
C ILE A 44 8.48 -4.79 -5.92
N LYS A 45 9.73 -5.03 -5.48
CA LYS A 45 10.48 -6.26 -5.82
C LYS A 45 9.82 -7.48 -5.16
N SER A 46 9.23 -7.27 -3.96
CA SER A 46 8.44 -8.29 -3.23
C SER A 46 7.07 -8.52 -3.90
N MET A 47 6.49 -7.44 -4.47
CA MET A 47 5.21 -7.48 -5.23
C MET A 47 5.36 -8.43 -6.43
N LYS A 48 6.54 -8.39 -7.07
CA LYS A 48 6.89 -9.27 -8.21
C LYS A 48 7.37 -10.66 -7.74
N ASP A 49 8.15 -10.67 -6.65
CA ASP A 49 8.84 -11.88 -6.12
C ASP A 49 7.83 -12.98 -5.76
N ASN A 50 6.79 -12.58 -5.02
CA ASN A 50 5.68 -13.48 -4.66
C ASN A 50 4.64 -13.44 -5.80
N GLY A 51 4.25 -12.21 -6.21
CA GLY A 51 3.10 -12.01 -7.10
C GLY A 51 1.84 -11.80 -6.29
N LYS A 52 1.87 -10.80 -5.39
CA LYS A 52 0.82 -10.59 -4.38
C LYS A 52 0.48 -9.09 -4.24
N PRO A 53 -0.72 -8.72 -3.66
CA PRO A 53 -1.00 -7.33 -3.24
C PRO A 53 -0.31 -6.94 -1.91
N LEU A 54 -0.06 -5.62 -1.73
CA LEU A 54 0.57 -5.05 -0.49
C LEU A 54 -0.04 -3.66 -0.18
N VAL A 55 0.31 -3.12 1.01
CA VAL A 55 -0.11 -1.75 1.44
C VAL A 55 1.15 -1.01 1.94
N VAL A 56 1.55 0.09 1.26
CA VAL A 56 2.72 0.91 1.66
C VAL A 56 2.27 2.24 2.29
N PHE A 57 2.44 2.36 3.61
CA PHE A 57 2.33 3.65 4.31
C PHE A 57 3.65 4.44 4.11
N VAL A 58 3.59 5.61 3.45
CA VAL A 58 4.74 6.53 3.40
C VAL A 58 4.54 7.63 4.47
N ASN A 59 5.43 7.65 5.48
CA ASN A 59 5.28 8.53 6.66
C ASN A 59 5.67 9.98 6.34
N GLY A 60 4.69 10.75 5.83
CA GLY A 60 4.90 12.16 5.44
C GLY A 60 6.03 12.34 4.44
N ALA A 61 6.27 11.29 3.64
CA ALA A 61 7.47 11.16 2.80
C ALA A 61 7.41 12.10 1.58
N SER A 62 8.60 12.48 1.11
CA SER A 62 8.79 13.44 0.02
C SER A 62 8.36 12.85 -1.33
N GLN A 63 8.07 13.72 -2.30
CA GLN A 63 7.58 13.33 -3.63
C GLN A 63 8.63 12.52 -4.43
N ASN A 64 9.92 12.59 -4.03
CA ASN A 64 11.03 11.90 -4.71
C ASN A 64 10.86 10.36 -4.63
N ASP A 65 10.68 9.83 -3.40
CA ASP A 65 10.46 8.38 -3.19
C ASP A 65 9.09 7.93 -3.73
N VAL A 66 8.10 8.85 -3.67
CA VAL A 66 6.76 8.63 -4.26
C VAL A 66 6.86 8.49 -5.81
N ASN A 67 7.76 9.27 -6.42
CA ASN A 67 8.02 9.22 -7.88
C ASN A 67 8.65 7.88 -8.22
N GLU A 68 9.68 7.50 -7.44
CA GLU A 68 10.40 6.22 -7.63
C GLU A 68 9.47 5.02 -7.37
N PHE A 69 8.44 5.22 -6.53
CA PHE A 69 7.42 4.20 -6.26
C PHE A 69 6.58 3.97 -7.51
N GLN A 70 6.07 5.09 -8.05
CA GLN A 70 5.24 5.10 -9.26
C GLN A 70 6.05 4.55 -10.46
N ASN A 71 7.37 4.90 -10.52
CA ASN A 71 8.28 4.51 -11.62
C ASN A 71 8.53 3.01 -11.62
N GLU A 72 9.03 2.48 -10.47
CA GLU A 72 9.34 1.04 -10.29
C GLU A 72 8.06 0.18 -10.49
N ALA A 73 6.89 0.77 -10.19
CA ALA A 73 5.60 0.09 -10.38
C ALA A 73 5.21 0.03 -11.87
N LYS A 74 5.21 1.18 -12.57
CA LYS A 74 4.69 1.28 -13.97
C LYS A 74 5.57 0.53 -14.98
N LYS A 75 6.90 0.50 -14.75
CA LYS A 75 7.85 -0.17 -15.66
C LYS A 75 7.71 -1.72 -15.59
N GLU A 76 7.35 -2.22 -14.39
CA GLU A 76 7.29 -3.66 -14.09
C GLU A 76 5.87 -4.23 -14.24
N GLY A 77 4.86 -3.34 -14.22
CA GLY A 77 3.45 -3.74 -14.37
C GLY A 77 2.75 -4.01 -13.03
N VAL A 78 3.24 -3.37 -11.96
CA VAL A 78 2.57 -3.37 -10.65
C VAL A 78 1.51 -2.24 -10.63
N SER A 79 0.22 -2.62 -10.61
CA SER A 79 -0.91 -1.68 -10.65
C SER A 79 -1.07 -0.98 -9.28
N TYR A 80 -0.43 0.18 -9.14
CA TYR A 80 -0.38 0.94 -7.89
C TYR A 80 -1.63 1.84 -7.75
N ASP A 81 -2.24 1.83 -6.55
CA ASP A 81 -3.41 2.65 -6.19
C ASP A 81 -2.95 3.70 -5.17
N VAL A 82 -3.15 4.98 -5.49
CA VAL A 82 -2.58 6.10 -4.72
C VAL A 82 -3.68 6.84 -3.94
N LEU A 83 -3.59 6.80 -2.61
CA LEU A 83 -4.57 7.39 -1.67
C LEU A 83 -3.92 8.53 -0.87
N LYS A 84 -4.37 9.77 -1.11
CA LYS A 84 -3.98 10.95 -0.31
C LYS A 84 -5.12 11.28 0.66
N SER A 85 -4.84 11.14 1.96
CA SER A 85 -5.80 11.41 3.05
C SER A 85 -5.04 11.50 4.37
N THR A 86 -5.67 12.13 5.37
CA THR A 86 -5.15 12.17 6.76
C THR A 86 -6.32 11.92 7.74
N ASP A 87 -7.41 11.34 7.23
CA ASP A 87 -8.59 11.00 8.05
C ASP A 87 -8.38 9.62 8.66
N PRO A 88 -8.37 9.46 10.02
CA PRO A 88 -8.25 8.13 10.66
C PRO A 88 -9.42 7.20 10.25
N GLU A 89 -10.63 7.79 10.16
CA GLU A 89 -11.85 7.07 9.75
C GLU A 89 -11.69 6.49 8.32
N GLU A 90 -11.28 7.35 7.35
CA GLU A 90 -11.19 6.99 5.93
C GLU A 90 -10.05 5.98 5.72
N LEU A 91 -8.83 6.35 6.14
CA LEU A 91 -7.63 5.50 5.96
C LEU A 91 -7.85 4.06 6.49
N THR A 92 -8.50 3.94 7.68
CA THR A 92 -8.81 2.63 8.29
C THR A 92 -9.80 1.82 7.43
N GLN A 93 -10.90 2.48 6.96
CA GLN A 93 -11.91 1.79 6.14
C GLN A 93 -11.38 1.48 4.72
N ARG A 94 -10.40 2.27 4.22
CA ARG A 94 -9.79 2.06 2.89
C ARG A 94 -8.92 0.79 2.84
N VAL A 95 -8.26 0.47 3.97
CA VAL A 95 -7.47 -0.76 4.12
C VAL A 95 -8.37 -2.00 3.91
N ARG A 96 -9.62 -1.93 4.43
CA ARG A 96 -10.61 -3.04 4.32
C ARG A 96 -10.97 -3.28 2.84
N GLU A 97 -11.42 -2.18 2.20
CA GLU A 97 -11.95 -2.19 0.84
C GLU A 97 -10.87 -2.63 -0.16
N PHE A 98 -9.62 -2.21 0.13
CA PHE A 98 -8.45 -2.56 -0.66
C PHE A 98 -8.23 -4.08 -0.64
N LEU A 99 -8.04 -4.63 0.57
CA LEU A 99 -7.71 -6.06 0.79
C LEU A 99 -8.86 -6.98 0.30
N LYS A 100 -10.08 -6.41 0.22
CA LYS A 100 -11.27 -7.10 -0.28
C LYS A 100 -11.19 -7.28 -1.82
N THR A 101 -10.88 -6.20 -2.55
CA THR A 101 -10.75 -6.22 -4.03
C THR A 101 -9.37 -6.73 -4.48
N ALA A 102 -8.40 -6.70 -3.57
CA ALA A 102 -7.03 -7.17 -3.82
C ALA A 102 -6.96 -8.70 -3.65
N GLY A 103 -7.72 -9.20 -2.66
CA GLY A 103 -7.89 -10.64 -2.45
C GLY A 103 -9.02 -11.20 -3.32
N SER A 104 -9.10 -12.55 -3.37
CA SER A 104 -10.07 -13.33 -4.21
C SER A 104 -9.67 -13.33 -5.70
N LEU A 105 -9.18 -12.19 -6.21
CA LEU A 105 -8.55 -12.11 -7.53
C LEU A 105 -7.21 -12.88 -7.47
N GLU A 106 -7.23 -14.11 -8.02
CA GLU A 106 -6.13 -15.08 -7.93
C GLU A 106 -4.91 -14.66 -8.79
N HIS A 107 -5.20 -13.86 -9.84
CA HIS A 107 -4.21 -13.32 -10.79
C HIS A 107 -3.49 -14.44 -11.56
N HIS A 108 -4.25 -15.53 -11.85
CA HIS A 108 -3.78 -16.68 -12.66
C HIS A 108 -3.31 -16.22 -14.06
N HIS A 109 -1.99 -16.35 -14.32
CA HIS A 109 -1.37 -15.98 -15.61
C HIS A 109 -0.37 -17.07 -16.05
N HIS A 110 0.04 -16.98 -17.31
CA HIS A 110 0.95 -17.95 -17.96
C HIS A 110 2.36 -17.37 -18.03
N HIS A 111 3.34 -18.24 -18.38
CA HIS A 111 4.77 -17.87 -18.50
C HIS A 111 5.38 -18.53 -19.76
N HIS A 112 5.15 -17.89 -20.92
CA HIS A 112 5.72 -18.33 -22.22
C HIS A 112 7.26 -18.09 -22.22
N MET A 1 -0.74 -11.04 -10.25
CA MET A 1 -1.38 -9.79 -10.72
C MET A 1 -0.53 -8.58 -10.29
N GLY A 2 -0.24 -8.49 -8.98
CA GLY A 2 0.58 -7.39 -8.43
C GLY A 2 -0.22 -6.11 -8.32
N LYS A 3 -0.69 -5.79 -7.11
CA LYS A 3 -1.53 -4.60 -6.83
C LYS A 3 -1.16 -4.04 -5.45
N VAL A 4 -0.99 -2.72 -5.32
CA VAL A 4 -0.52 -2.11 -4.06
C VAL A 4 -1.28 -0.81 -3.74
N LEU A 5 -1.54 -0.57 -2.45
CA LEU A 5 -2.16 0.69 -1.97
C LEU A 5 -1.07 1.58 -1.36
N LEU A 6 -0.68 2.61 -2.09
CA LEU A 6 0.28 3.62 -1.63
C LEU A 6 -0.48 4.65 -0.76
N VAL A 7 -0.50 4.38 0.57
CA VAL A 7 -1.09 5.27 1.58
C VAL A 7 -0.12 6.40 1.92
N ILE A 8 -0.59 7.64 1.76
CA ILE A 8 0.20 8.86 1.96
C ILE A 8 -0.60 9.82 2.86
N SER A 9 0.08 10.40 3.85
CA SER A 9 -0.47 11.41 4.74
C SER A 9 0.63 12.35 5.21
N THR A 10 0.28 13.64 5.38
CA THR A 10 1.19 14.66 5.92
C THR A 10 1.38 14.43 7.44
N ASP A 11 0.27 14.00 8.09
CA ASP A 11 0.25 13.60 9.49
C ASP A 11 0.85 12.18 9.64
N THR A 12 2.10 12.11 10.10
CA THR A 12 2.76 10.85 10.50
C THR A 12 2.03 10.20 11.68
N ASN A 13 1.38 11.05 12.49
CA ASN A 13 0.57 10.67 13.66
C ASN A 13 -0.61 9.77 13.22
N ILE A 14 -1.30 10.22 12.15
CA ILE A 14 -2.46 9.51 11.59
C ILE A 14 -2.01 8.22 10.88
N ILE A 15 -0.85 8.27 10.19
CA ILE A 15 -0.22 7.08 9.57
C ILE A 15 0.04 5.99 10.63
N SER A 16 0.55 6.42 11.81
CA SER A 16 0.85 5.53 12.94
C SER A 16 -0.42 4.85 13.45
N SER A 17 -1.44 5.68 13.74
CA SER A 17 -2.74 5.25 14.28
C SER A 17 -3.39 4.15 13.42
N VAL A 18 -3.51 4.45 12.12
CA VAL A 18 -4.14 3.55 11.13
C VAL A 18 -3.32 2.26 10.94
N GLN A 19 -1.99 2.42 10.83
CA GLN A 19 -1.04 1.30 10.59
C GLN A 19 -1.18 0.22 11.68
N GLU A 20 -1.17 0.67 12.95
CA GLU A 20 -1.27 -0.20 14.14
C GLU A 20 -2.60 -0.97 14.15
N ARG A 21 -3.70 -0.24 13.87
CA ARG A 21 -5.06 -0.81 13.87
C ARG A 21 -5.24 -1.82 12.73
N ALA A 22 -4.64 -1.52 11.56
CA ALA A 22 -4.81 -2.32 10.34
C ALA A 22 -3.98 -3.62 10.39
N LYS A 23 -2.77 -3.53 10.97
CA LYS A 23 -1.87 -4.71 11.11
C LYS A 23 -2.33 -5.63 12.26
N HIS A 24 -2.92 -5.03 13.31
CA HIS A 24 -3.45 -5.79 14.46
C HIS A 24 -4.71 -6.55 14.01
N ASN A 25 -5.66 -5.80 13.44
CA ASN A 25 -6.96 -6.33 12.98
C ASN A 25 -6.78 -7.33 11.83
N TYR A 26 -5.74 -7.10 10.98
CA TYR A 26 -5.41 -8.00 9.85
C TYR A 26 -3.95 -8.49 9.96
N PRO A 27 -3.67 -9.51 10.85
CA PRO A 27 -2.30 -10.07 11.01
C PRO A 27 -1.87 -10.93 9.81
N GLY A 28 -2.86 -11.54 9.13
CA GLY A 28 -2.62 -12.39 7.95
C GLY A 28 -2.39 -11.58 6.69
N ARG A 29 -2.61 -10.25 6.76
CA ARG A 29 -2.37 -9.31 5.65
C ARG A 29 -1.09 -8.52 5.94
N GLU A 30 -0.04 -8.79 5.15
CA GLU A 30 1.25 -8.08 5.23
C GLU A 30 1.06 -6.61 4.83
N ILE A 31 1.38 -5.70 5.74
CA ILE A 31 1.41 -4.26 5.48
C ILE A 31 2.84 -3.75 5.72
N ARG A 32 3.39 -3.05 4.72
CA ARG A 32 4.80 -2.61 4.71
C ARG A 32 4.84 -1.07 4.85
N THR A 33 5.84 -0.56 5.59
CA THR A 33 5.98 0.88 5.88
C THR A 33 7.29 1.42 5.26
N ALA A 34 7.15 2.32 4.27
CA ALA A 34 8.29 2.98 3.62
C ALA A 34 8.70 4.24 4.39
N THR A 35 9.91 4.20 4.97
CA THR A 35 10.52 5.33 5.68
C THR A 35 11.45 6.11 4.74
N SER A 36 11.97 5.41 3.71
CA SER A 36 13.00 5.95 2.80
C SER A 36 12.84 5.38 1.37
N SER A 37 13.70 5.87 0.44
CA SER A 37 13.69 5.49 -1.00
C SER A 37 14.08 4.00 -1.21
N GLN A 38 14.80 3.44 -0.21
CA GLN A 38 15.23 2.03 -0.24
C GLN A 38 14.01 1.12 -0.11
N ASP A 39 13.13 1.45 0.85
CA ASP A 39 11.91 0.67 1.14
C ASP A 39 10.98 0.63 -0.07
N ILE A 40 10.92 1.75 -0.79
CA ILE A 40 10.16 1.88 -2.05
C ILE A 40 10.51 0.74 -3.04
N ARG A 41 11.81 0.62 -3.36
CA ARG A 41 12.31 -0.38 -4.31
C ARG A 41 12.27 -1.80 -3.71
N ASP A 42 12.43 -1.87 -2.38
CA ASP A 42 12.48 -3.14 -1.62
C ASP A 42 11.11 -3.84 -1.60
N ILE A 43 10.04 -3.06 -1.40
CA ILE A 43 8.67 -3.57 -1.29
C ILE A 43 8.15 -4.01 -2.67
N ILE A 44 8.43 -3.18 -3.72
CA ILE A 44 8.10 -3.53 -5.12
C ILE A 44 8.85 -4.82 -5.53
N LYS A 45 10.12 -4.94 -5.06
CA LYS A 45 10.96 -6.14 -5.25
C LYS A 45 10.30 -7.38 -4.61
N SER A 46 9.75 -7.17 -3.40
CA SER A 46 9.05 -8.21 -2.62
C SER A 46 7.72 -8.61 -3.29
N MET A 47 7.09 -7.66 -4.02
CA MET A 47 5.85 -7.91 -4.77
C MET A 47 6.15 -8.77 -6.01
N LYS A 48 7.31 -8.54 -6.64
CA LYS A 48 7.73 -9.27 -7.87
C LYS A 48 8.06 -10.75 -7.61
N ASP A 49 8.21 -11.16 -6.33
CA ASP A 49 8.49 -12.57 -5.95
C ASP A 49 7.29 -13.50 -6.17
N ASN A 50 6.09 -12.93 -6.41
CA ASN A 50 4.85 -13.72 -6.58
C ASN A 50 3.86 -13.03 -7.54
N GLY A 51 3.88 -11.70 -7.51
CA GLY A 51 2.80 -10.89 -8.08
C GLY A 51 1.59 -10.84 -7.16
N LYS A 52 1.86 -10.71 -5.85
CA LYS A 52 0.83 -10.72 -4.78
C LYS A 52 0.58 -9.27 -4.28
N PRO A 53 -0.62 -8.96 -3.70
CA PRO A 53 -0.95 -7.59 -3.21
C PRO A 53 -0.26 -7.19 -1.89
N LEU A 54 -0.02 -5.86 -1.73
CA LEU A 54 0.57 -5.25 -0.51
C LEU A 54 -0.04 -3.84 -0.26
N VAL A 55 0.16 -3.31 0.96
CA VAL A 55 -0.26 -1.93 1.34
C VAL A 55 0.97 -1.18 1.89
N VAL A 56 1.43 -0.14 1.16
CA VAL A 56 2.61 0.67 1.55
C VAL A 56 2.20 2.00 2.19
N PHE A 57 2.47 2.14 3.49
CA PHE A 57 2.37 3.43 4.20
C PHE A 57 3.73 4.16 4.09
N VAL A 58 3.81 5.23 3.29
CA VAL A 58 4.99 6.12 3.29
C VAL A 58 4.84 7.10 4.47
N ASN A 59 5.61 6.85 5.55
CA ASN A 59 5.48 7.58 6.82
C ASN A 59 6.04 9.02 6.69
N GLY A 60 5.20 9.93 6.16
CA GLY A 60 5.56 11.33 5.95
C GLY A 60 6.80 11.50 5.08
N ALA A 61 6.95 10.58 4.12
CA ALA A 61 8.11 10.53 3.21
C ALA A 61 8.00 11.63 2.14
N SER A 62 9.02 11.73 1.27
CA SER A 62 9.09 12.74 0.21
C SER A 62 8.16 12.36 -0.95
N GLN A 63 7.66 13.39 -1.67
CA GLN A 63 6.92 13.20 -2.93
C GLN A 63 7.80 12.50 -3.99
N ASN A 64 9.13 12.68 -3.87
CA ASN A 64 10.12 12.10 -4.80
C ASN A 64 10.08 10.56 -4.77
N ASP A 65 10.21 9.95 -3.57
CA ASP A 65 10.23 8.48 -3.43
C ASP A 65 8.85 7.87 -3.75
N VAL A 66 7.79 8.66 -3.51
CA VAL A 66 6.42 8.36 -3.95
C VAL A 66 6.35 8.25 -5.49
N ASN A 67 7.02 9.18 -6.20
CA ASN A 67 7.08 9.17 -7.68
C ASN A 67 7.82 7.93 -8.17
N GLU A 68 8.95 7.63 -7.49
CA GLU A 68 9.78 6.45 -7.81
C GLU A 68 8.98 5.17 -7.62
N PHE A 69 8.11 5.16 -6.60
CA PHE A 69 7.22 4.03 -6.30
C PHE A 69 6.24 3.79 -7.46
N GLN A 70 5.62 4.89 -7.92
CA GLN A 70 4.64 4.88 -9.00
C GLN A 70 5.30 4.45 -10.34
N ASN A 71 6.53 4.95 -10.58
CA ASN A 71 7.32 4.69 -11.81
C ASN A 71 7.68 3.20 -11.89
N GLU A 72 8.25 2.70 -10.80
CA GLU A 72 8.77 1.33 -10.69
C GLU A 72 7.63 0.31 -10.56
N ALA A 73 6.44 0.76 -10.15
CA ALA A 73 5.24 -0.08 -10.15
C ALA A 73 4.71 -0.27 -11.59
N LYS A 74 4.50 0.86 -12.33
CA LYS A 74 3.86 0.84 -13.67
C LYS A 74 4.73 0.14 -14.72
N LYS A 75 6.07 0.28 -14.61
CA LYS A 75 7.01 -0.36 -15.57
C LYS A 75 7.03 -1.89 -15.39
N GLU A 76 6.76 -2.35 -14.15
CA GLU A 76 6.65 -3.79 -13.83
C GLU A 76 5.22 -4.29 -14.00
N GLY A 77 4.27 -3.34 -14.22
CA GLY A 77 2.84 -3.66 -14.40
C GLY A 77 2.07 -3.73 -13.09
N VAL A 78 2.78 -3.56 -11.96
CA VAL A 78 2.20 -3.59 -10.61
C VAL A 78 1.18 -2.43 -10.46
N SER A 79 -0.10 -2.80 -10.44
CA SER A 79 -1.22 -1.86 -10.37
C SER A 79 -1.26 -1.14 -9.01
N TYR A 80 -0.59 0.03 -8.95
CA TYR A 80 -0.52 0.84 -7.74
C TYR A 80 -1.78 1.72 -7.62
N ASP A 81 -2.12 2.07 -6.38
CA ASP A 81 -3.27 2.93 -6.09
C ASP A 81 -2.77 4.06 -5.18
N VAL A 82 -2.94 5.29 -5.64
CA VAL A 82 -2.44 6.49 -4.94
C VAL A 82 -3.53 7.00 -3.99
N LEU A 83 -3.19 7.19 -2.71
CA LEU A 83 -4.13 7.65 -1.68
C LEU A 83 -3.48 8.75 -0.83
N LYS A 84 -4.04 9.99 -0.91
CA LYS A 84 -3.67 11.11 -0.02
C LYS A 84 -4.86 11.41 0.89
N SER A 85 -4.69 11.18 2.20
CA SER A 85 -5.71 11.49 3.21
C SER A 85 -5.05 11.62 4.58
N THR A 86 -5.39 12.69 5.31
CA THR A 86 -4.96 12.89 6.70
C THR A 86 -6.06 12.45 7.69
N ASP A 87 -7.22 11.99 7.16
CA ASP A 87 -8.33 11.48 7.98
C ASP A 87 -8.11 9.99 8.33
N PRO A 88 -8.01 9.64 9.65
CA PRO A 88 -7.69 8.26 10.10
C PRO A 88 -8.80 7.25 9.76
N GLU A 89 -10.06 7.71 9.87
CA GLU A 89 -11.26 6.90 9.57
C GLU A 89 -11.23 6.40 8.12
N GLU A 90 -10.83 7.29 7.19
CA GLU A 90 -10.79 6.97 5.76
C GLU A 90 -9.61 6.03 5.46
N LEU A 91 -8.41 6.38 5.96
CA LEU A 91 -7.20 5.55 5.72
C LEU A 91 -7.41 4.09 6.19
N THR A 92 -8.10 3.92 7.33
CA THR A 92 -8.41 2.60 7.92
C THR A 92 -9.37 1.80 7.03
N GLN A 93 -10.47 2.44 6.56
CA GLN A 93 -11.45 1.77 5.68
C GLN A 93 -10.85 1.48 4.29
N ARG A 94 -9.91 2.34 3.80
CA ARG A 94 -9.29 2.16 2.48
C ARG A 94 -8.37 0.93 2.46
N VAL A 95 -7.76 0.60 3.62
CA VAL A 95 -6.93 -0.62 3.76
C VAL A 95 -7.81 -1.87 3.49
N ARG A 96 -8.94 -2.00 4.21
CA ARG A 96 -9.83 -3.19 4.10
C ARG A 96 -10.57 -3.26 2.74
N GLU A 97 -10.95 -2.09 2.20
CA GLU A 97 -11.60 -2.00 0.87
C GLU A 97 -10.60 -2.39 -0.24
N PHE A 98 -9.32 -2.06 0.00
CA PHE A 98 -8.22 -2.50 -0.86
C PHE A 98 -8.05 -4.02 -0.74
N LEU A 99 -8.06 -4.53 0.50
CA LEU A 99 -7.89 -5.98 0.78
C LEU A 99 -9.03 -6.79 0.15
N LYS A 100 -10.19 -6.13 -0.09
CA LYS A 100 -11.31 -6.72 -0.82
C LYS A 100 -10.97 -6.82 -2.33
N THR A 101 -10.67 -5.69 -3.01
CA THR A 101 -10.40 -5.68 -4.49
C THR A 101 -9.14 -6.51 -4.84
N ALA A 102 -8.16 -6.49 -3.92
CA ALA A 102 -6.88 -7.18 -4.06
C ALA A 102 -7.00 -8.67 -3.68
N GLY A 103 -7.96 -8.96 -2.78
CA GLY A 103 -8.27 -10.32 -2.35
C GLY A 103 -9.42 -10.94 -3.14
N SER A 104 -9.83 -10.27 -4.23
CA SER A 104 -10.90 -10.74 -5.14
C SER A 104 -10.36 -10.91 -6.57
N LEU A 105 -11.24 -11.45 -7.44
CA LEU A 105 -11.01 -11.58 -8.89
C LEU A 105 -10.90 -10.18 -9.54
N GLU A 106 -11.46 -9.16 -8.83
CA GLU A 106 -11.50 -7.76 -9.24
C GLU A 106 -10.09 -7.19 -9.53
N HIS A 107 -9.63 -7.37 -10.77
CA HIS A 107 -8.40 -6.76 -11.29
C HIS A 107 -8.74 -5.40 -11.93
N HIS A 108 -9.95 -5.35 -12.50
CA HIS A 108 -10.54 -4.15 -13.11
C HIS A 108 -12.06 -4.26 -12.92
N HIS A 109 -12.58 -3.52 -11.93
CA HIS A 109 -14.02 -3.56 -11.55
C HIS A 109 -14.94 -3.24 -12.76
N HIS A 110 -15.90 -4.16 -12.98
CA HIS A 110 -16.81 -4.22 -14.16
C HIS A 110 -16.05 -4.09 -15.50
N HIS A 111 -15.71 -5.25 -16.11
CA HIS A 111 -15.07 -5.29 -17.45
C HIS A 111 -16.00 -4.62 -18.49
N HIS A 112 -17.30 -4.96 -18.41
CA HIS A 112 -18.34 -4.22 -19.13
C HIS A 112 -18.74 -2.99 -18.28
N MET A 1 -2.49 -11.92 -9.38
CA MET A 1 -2.98 -10.57 -9.04
C MET A 1 -2.24 -10.03 -7.82
N GLY A 2 -1.36 -9.03 -8.07
CA GLY A 2 -0.61 -8.35 -7.02
C GLY A 2 -0.63 -6.86 -7.25
N LYS A 3 -1.35 -6.14 -6.38
CA LYS A 3 -1.44 -4.66 -6.43
C LYS A 3 -1.23 -4.08 -5.04
N VAL A 4 -1.00 -2.75 -4.98
CA VAL A 4 -0.62 -2.07 -3.74
C VAL A 4 -1.39 -0.74 -3.56
N LEU A 5 -1.65 -0.39 -2.29
CA LEU A 5 -2.31 0.86 -1.88
C LEU A 5 -1.26 1.80 -1.26
N LEU A 6 -0.75 2.74 -2.06
CA LEU A 6 0.18 3.79 -1.60
C LEU A 6 -0.59 4.83 -0.76
N VAL A 7 -0.61 4.61 0.57
CA VAL A 7 -1.23 5.53 1.53
C VAL A 7 -0.25 6.67 1.85
N ILE A 8 -0.50 7.84 1.24
CA ILE A 8 0.26 9.06 1.48
C ILE A 8 -0.46 9.92 2.53
N SER A 9 0.25 10.17 3.65
CA SER A 9 -0.16 11.11 4.70
C SER A 9 1.10 11.85 5.18
N THR A 10 0.97 13.15 5.49
CA THR A 10 2.05 13.93 6.11
C THR A 10 2.07 13.67 7.64
N ASP A 11 0.85 13.47 8.20
CA ASP A 11 0.64 13.18 9.63
C ASP A 11 1.15 11.78 9.96
N THR A 12 2.42 11.71 10.38
CA THR A 12 3.10 10.47 10.78
C THR A 12 2.44 9.83 12.02
N ASN A 13 1.78 10.66 12.87
CA ASN A 13 0.99 10.20 14.02
C ASN A 13 -0.18 9.30 13.55
N ILE A 14 -0.94 9.79 12.55
CA ILE A 14 -2.09 9.07 11.98
C ILE A 14 -1.64 7.75 11.36
N ILE A 15 -0.52 7.80 10.63
CA ILE A 15 0.07 6.62 9.97
C ILE A 15 0.43 5.53 11.01
N SER A 16 1.06 5.96 12.12
CA SER A 16 1.47 5.07 13.22
C SER A 16 0.26 4.32 13.81
N SER A 17 -0.86 5.06 13.99
CA SER A 17 -2.10 4.54 14.55
C SER A 17 -2.74 3.50 13.60
N VAL A 18 -3.02 3.93 12.35
CA VAL A 18 -3.73 3.11 11.34
C VAL A 18 -2.93 1.86 10.95
N GLN A 19 -1.59 1.99 10.96
CA GLN A 19 -0.66 0.88 10.69
C GLN A 19 -0.88 -0.26 11.69
N GLU A 20 -0.88 0.10 12.99
CA GLU A 20 -1.05 -0.85 14.10
C GLU A 20 -2.49 -1.35 14.19
N ARG A 21 -3.46 -0.48 13.84
CA ARG A 21 -4.90 -0.82 13.78
C ARG A 21 -5.16 -1.76 12.60
N ALA A 22 -4.31 -1.69 11.58
CA ALA A 22 -4.40 -2.55 10.38
C ALA A 22 -3.77 -3.92 10.65
N LYS A 23 -2.68 -3.95 11.42
CA LYS A 23 -2.04 -5.23 11.82
C LYS A 23 -2.85 -5.93 12.93
N HIS A 24 -3.63 -5.13 13.68
CA HIS A 24 -4.51 -5.61 14.76
C HIS A 24 -5.79 -6.21 14.15
N ASN A 25 -6.46 -5.42 13.29
CA ASN A 25 -7.75 -5.78 12.66
C ASN A 25 -7.57 -6.84 11.56
N TYR A 26 -6.42 -6.78 10.85
CA TYR A 26 -6.07 -7.75 9.79
C TYR A 26 -4.73 -8.42 10.19
N PRO A 27 -4.76 -9.46 11.09
CA PRO A 27 -3.54 -10.02 11.74
C PRO A 27 -2.59 -10.75 10.76
N GLY A 28 -3.16 -11.36 9.71
CA GLY A 28 -2.40 -12.18 8.74
C GLY A 28 -2.37 -11.55 7.36
N ARG A 29 -2.26 -10.21 7.32
CA ARG A 29 -2.14 -9.46 6.05
C ARG A 29 -0.76 -8.81 5.92
N GLU A 30 -0.18 -8.93 4.72
CA GLU A 30 1.09 -8.30 4.37
C GLU A 30 0.87 -6.79 4.15
N ILE A 31 1.38 -5.99 5.10
CA ILE A 31 1.26 -4.52 5.09
C ILE A 31 2.67 -3.91 5.17
N ARG A 32 2.93 -2.87 4.35
CA ARG A 32 4.26 -2.22 4.26
C ARG A 32 4.19 -0.77 4.76
N THR A 33 5.38 -0.22 5.02
CA THR A 33 5.57 1.16 5.44
C THR A 33 6.95 1.61 4.90
N ALA A 34 6.99 2.75 4.19
CA ALA A 34 8.21 3.27 3.57
C ALA A 34 8.55 4.65 4.13
N THR A 35 9.83 4.87 4.45
CA THR A 35 10.34 6.19 4.83
C THR A 35 10.80 6.93 3.56
N SER A 36 11.60 6.22 2.74
CA SER A 36 12.24 6.78 1.56
C SER A 36 12.23 5.77 0.38
N SER A 37 12.78 6.22 -0.76
CA SER A 37 12.88 5.48 -2.02
C SER A 37 13.65 4.15 -1.89
N GLN A 38 14.52 4.03 -0.87
CA GLN A 38 15.22 2.78 -0.54
C GLN A 38 14.20 1.66 -0.19
N ASP A 39 13.33 1.98 0.79
CA ASP A 39 12.24 1.10 1.25
C ASP A 39 11.32 0.75 0.09
N ILE A 40 10.95 1.79 -0.68
CA ILE A 40 10.08 1.72 -1.87
C ILE A 40 10.52 0.59 -2.83
N ARG A 41 11.81 0.59 -3.21
CA ARG A 41 12.37 -0.38 -4.18
C ARG A 41 12.38 -1.81 -3.61
N ASP A 42 12.64 -1.93 -2.29
CA ASP A 42 12.56 -3.21 -1.55
C ASP A 42 11.12 -3.78 -1.58
N ILE A 43 10.13 -2.87 -1.46
CA ILE A 43 8.70 -3.21 -1.39
C ILE A 43 8.18 -3.67 -2.78
N ILE A 44 8.62 -3.01 -3.84
CA ILE A 44 8.23 -3.35 -5.23
C ILE A 44 8.89 -4.68 -5.65
N LYS A 45 10.10 -4.94 -5.12
CA LYS A 45 10.75 -6.25 -5.22
C LYS A 45 9.93 -7.32 -4.47
N SER A 46 9.31 -6.94 -3.34
CA SER A 46 8.40 -7.82 -2.55
C SER A 46 7.07 -8.08 -3.30
N MET A 47 6.63 -7.07 -4.07
CA MET A 47 5.43 -7.16 -4.92
C MET A 47 5.63 -8.22 -6.01
N LYS A 48 6.85 -8.24 -6.58
CA LYS A 48 7.21 -9.19 -7.65
C LYS A 48 7.66 -10.55 -7.10
N ASP A 49 8.22 -10.55 -5.88
CA ASP A 49 8.67 -11.78 -5.19
C ASP A 49 7.48 -12.71 -4.99
N ASN A 50 6.35 -12.10 -4.60
CA ASN A 50 5.07 -12.76 -4.48
C ASN A 50 3.98 -11.68 -4.61
N GLY A 51 3.13 -11.79 -5.64
CA GLY A 51 2.08 -10.80 -5.90
C GLY A 51 0.90 -10.93 -4.96
N LYS A 52 0.88 -10.11 -3.89
CA LYS A 52 -0.26 -10.03 -2.94
C LYS A 52 -0.74 -8.56 -2.85
N PRO A 53 -1.98 -8.30 -2.31
CA PRO A 53 -2.39 -6.93 -1.95
C PRO A 53 -1.56 -6.34 -0.78
N LEU A 54 -0.58 -5.48 -1.12
CA LEU A 54 0.22 -4.72 -0.12
C LEU A 54 -0.44 -3.35 0.13
N VAL A 55 -0.20 -2.76 1.30
CA VAL A 55 -0.64 -1.39 1.63
C VAL A 55 0.58 -0.62 2.15
N VAL A 56 1.18 0.25 1.32
CA VAL A 56 2.39 1.03 1.69
C VAL A 56 2.02 2.38 2.32
N PHE A 57 2.20 2.48 3.64
CA PHE A 57 2.11 3.73 4.37
C PHE A 57 3.45 4.50 4.25
N VAL A 58 3.50 5.61 3.49
CA VAL A 58 4.72 6.45 3.41
C VAL A 58 4.69 7.54 4.50
N ASN A 59 5.73 7.53 5.36
CA ASN A 59 5.83 8.40 6.56
C ASN A 59 6.27 9.81 6.17
N GLY A 60 5.35 10.59 5.58
CA GLY A 60 5.65 11.92 5.05
C GLY A 60 6.81 11.91 4.06
N ALA A 61 6.88 10.84 3.24
CA ALA A 61 7.96 10.67 2.24
C ALA A 61 7.86 11.74 1.15
N SER A 62 9.04 12.18 0.66
CA SER A 62 9.14 13.22 -0.37
C SER A 62 8.46 12.78 -1.67
N GLN A 63 8.03 13.77 -2.48
CA GLN A 63 7.43 13.52 -3.81
C GLN A 63 8.43 12.78 -4.74
N ASN A 64 9.74 12.90 -4.40
CA ASN A 64 10.82 12.10 -5.02
C ASN A 64 10.53 10.60 -4.84
N ASP A 65 10.34 10.19 -3.57
CA ASP A 65 10.13 8.78 -3.16
C ASP A 65 8.80 8.24 -3.72
N VAL A 66 7.79 9.13 -3.80
CA VAL A 66 6.47 8.85 -4.38
C VAL A 66 6.61 8.57 -5.89
N ASN A 67 7.40 9.39 -6.59
CA ASN A 67 7.67 9.23 -8.04
C ASN A 67 8.48 7.96 -8.30
N GLU A 68 9.44 7.65 -7.39
CA GLU A 68 10.24 6.42 -7.47
C GLU A 68 9.33 5.19 -7.35
N PHE A 69 8.28 5.30 -6.50
CA PHE A 69 7.28 4.24 -6.29
C PHE A 69 6.53 3.96 -7.59
N GLN A 70 6.01 5.03 -8.19
CA GLN A 70 5.19 4.97 -9.40
C GLN A 70 5.98 4.43 -10.60
N ASN A 71 7.20 4.97 -10.78
CA ASN A 71 8.10 4.60 -11.89
C ASN A 71 8.49 3.13 -11.81
N GLU A 72 9.07 2.74 -10.65
CA GLU A 72 9.59 1.39 -10.42
C GLU A 72 8.48 0.34 -10.38
N ALA A 73 7.23 0.76 -10.07
CA ALA A 73 6.07 -0.14 -10.09
C ALA A 73 5.59 -0.38 -11.54
N LYS A 74 5.28 0.71 -12.28
CA LYS A 74 4.63 0.61 -13.60
C LYS A 74 5.53 -0.02 -14.66
N LYS A 75 6.86 0.23 -14.56
CA LYS A 75 7.85 -0.35 -15.50
C LYS A 75 7.90 -1.88 -15.36
N GLU A 76 7.57 -2.35 -14.15
CA GLU A 76 7.59 -3.78 -13.79
C GLU A 76 6.20 -4.41 -13.94
N GLY A 77 5.19 -3.60 -14.31
CA GLY A 77 3.81 -4.07 -14.47
C GLY A 77 3.04 -4.18 -13.15
N VAL A 78 3.68 -3.75 -12.05
CA VAL A 78 3.09 -3.77 -10.70
C VAL A 78 2.03 -2.66 -10.58
N SER A 79 0.76 -3.09 -10.41
CA SER A 79 -0.37 -2.18 -10.27
C SER A 79 -0.32 -1.50 -8.88
N TYR A 80 -0.55 -0.19 -8.85
CA TYR A 80 -0.48 0.63 -7.64
C TYR A 80 -1.64 1.62 -7.62
N ASP A 81 -2.07 2.00 -6.41
CA ASP A 81 -3.20 2.91 -6.20
C ASP A 81 -2.79 3.95 -5.16
N VAL A 82 -2.87 5.23 -5.54
CA VAL A 82 -2.48 6.35 -4.66
C VAL A 82 -3.70 6.81 -3.85
N LEU A 83 -3.63 6.59 -2.53
CA LEU A 83 -4.60 7.10 -1.56
C LEU A 83 -3.98 8.31 -0.83
N LYS A 84 -4.45 9.52 -1.18
CA LYS A 84 -4.00 10.76 -0.53
C LYS A 84 -5.05 11.14 0.53
N SER A 85 -4.75 10.83 1.81
CA SER A 85 -5.70 11.07 2.93
C SER A 85 -4.93 11.07 4.27
N THR A 86 -5.33 11.96 5.18
CA THR A 86 -4.76 12.03 6.55
C THR A 86 -5.83 11.65 7.61
N ASP A 87 -7.00 11.20 7.13
CA ASP A 87 -8.15 10.85 7.99
C ASP A 87 -7.99 9.40 8.47
N PRO A 88 -7.74 9.16 9.79
CA PRO A 88 -7.40 7.81 10.32
C PRO A 88 -8.48 6.73 10.03
N GLU A 89 -9.75 7.07 10.33
CA GLU A 89 -10.90 6.15 10.14
C GLU A 89 -11.11 5.82 8.65
N GLU A 90 -10.83 6.81 7.77
CA GLU A 90 -10.97 6.65 6.32
C GLU A 90 -9.87 5.74 5.80
N LEU A 91 -8.62 5.96 6.27
CA LEU A 91 -7.46 5.11 5.88
C LEU A 91 -7.74 3.63 6.21
N THR A 92 -8.33 3.40 7.40
CA THR A 92 -8.64 2.06 7.90
C THR A 92 -9.70 1.35 7.01
N GLN A 93 -10.78 2.10 6.64
CA GLN A 93 -11.85 1.56 5.78
C GLN A 93 -11.35 1.36 4.34
N ARG A 94 -10.35 2.16 3.91
CA ARG A 94 -9.76 2.03 2.57
C ARG A 94 -8.81 0.83 2.48
N VAL A 95 -8.24 0.39 3.63
CA VAL A 95 -7.42 -0.84 3.69
C VAL A 95 -8.31 -2.08 3.45
N ARG A 96 -9.44 -2.18 4.20
CA ARG A 96 -10.37 -3.35 4.06
C ARG A 96 -11.06 -3.34 2.69
N GLU A 97 -11.40 -2.14 2.18
CA GLU A 97 -11.94 -1.96 0.83
C GLU A 97 -10.93 -2.47 -0.21
N PHE A 98 -9.66 -2.07 -0.02
CA PHE A 98 -8.57 -2.45 -0.92
C PHE A 98 -8.39 -3.98 -0.98
N LEU A 99 -8.25 -4.61 0.20
CA LEU A 99 -8.01 -6.08 0.33
C LEU A 99 -9.16 -6.89 -0.29
N LYS A 100 -10.39 -6.36 -0.12
CA LYS A 100 -11.63 -6.99 -0.60
C LYS A 100 -11.77 -6.87 -2.14
N THR A 101 -11.41 -5.70 -2.71
CA THR A 101 -11.51 -5.44 -4.17
C THR A 101 -10.27 -5.97 -4.94
N ALA A 102 -9.17 -6.21 -4.21
CA ALA A 102 -7.92 -6.74 -4.80
C ALA A 102 -8.05 -8.25 -5.04
N GLY A 103 -8.66 -8.95 -4.05
CA GLY A 103 -9.01 -10.36 -4.19
C GLY A 103 -10.17 -10.53 -5.17
N SER A 104 -9.90 -11.11 -6.35
CA SER A 104 -10.92 -11.39 -7.36
C SER A 104 -11.75 -12.62 -6.94
N LEU A 105 -12.67 -12.38 -5.99
CA LEU A 105 -13.49 -13.42 -5.36
C LEU A 105 -14.71 -13.72 -6.24
N GLU A 106 -14.63 -14.85 -6.96
CA GLU A 106 -15.64 -15.26 -7.94
C GLU A 106 -16.89 -15.86 -7.26
N HIS A 107 -16.84 -15.99 -5.91
CA HIS A 107 -18.02 -16.35 -5.08
C HIS A 107 -19.12 -15.28 -5.19
N HIS A 108 -18.70 -14.04 -5.56
CA HIS A 108 -19.61 -12.98 -6.00
C HIS A 108 -20.46 -13.53 -7.17
N HIS A 109 -21.79 -13.45 -7.00
CA HIS A 109 -22.76 -14.05 -7.93
C HIS A 109 -22.64 -13.40 -9.33
N HIS A 110 -21.90 -14.10 -10.21
CA HIS A 110 -21.70 -13.72 -11.60
C HIS A 110 -21.63 -15.00 -12.43
N HIS A 111 -22.79 -15.42 -12.95
CA HIS A 111 -22.90 -16.64 -13.79
C HIS A 111 -22.32 -16.35 -15.19
N HIS A 112 -21.63 -17.35 -15.76
CA HIS A 112 -20.99 -17.25 -17.08
C HIS A 112 -21.79 -18.09 -18.11
#